data_7LOB
# 
_entry.id   7LOB 
# 
_audit_conform.dict_name       mmcif_pdbx.dic 
_audit_conform.dict_version    5.380 
_audit_conform.dict_location   http://mmcif.pdb.org/dictionaries/ascii/mmcif_pdbx.dic 
# 
loop_
_database_2.database_id 
_database_2.database_code 
_database_2.pdbx_database_accession 
_database_2.pdbx_DOI 
PDB   7LOB         pdb_00007lob 10.2210/pdb7lob/pdb 
WWPDB D_1000254736 ?            ?                   
# 
_pdbx_database_status.status_code                     REL 
_pdbx_database_status.status_code_sf                  REL 
_pdbx_database_status.status_code_mr                  ? 
_pdbx_database_status.entry_id                        7LOB 
_pdbx_database_status.recvd_initial_deposition_date   2021-02-09 
_pdbx_database_status.SG_entry                        N 
_pdbx_database_status.deposit_site                    RCSB 
_pdbx_database_status.process_site                    RCSB 
_pdbx_database_status.status_code_cs                  ? 
_pdbx_database_status.status_code_nmr_data            ? 
_pdbx_database_status.methods_development_category    ? 
_pdbx_database_status.pdb_format_compatible           Y 
# 
loop_
_audit_author.name 
_audit_author.pdbx_ordinal 
_audit_author.identifier_ORCID 
'Kamenik, A.S.'  1 ? 
'Singh, I.'      2 ? 
'Lak, P.'        3 ? 
'Balius, T.E.'   4 ? 
'Liedl, K.R.'    5 ? 
'Shoichet, B.K.' 6 ? 
# 
_citation.abstract                  ? 
_citation.abstract_id_CAS           ? 
_citation.book_id_ISBN              ? 
_citation.book_publisher            ? 
_citation.book_publisher_city       ? 
_citation.book_title                ? 
_citation.coordinate_linkage        ? 
_citation.country                   US 
_citation.database_id_Medline       ? 
_citation.details                   ? 
_citation.id                        primary 
_citation.journal_abbrev            Proc.Natl.Acad.Sci.USA 
_citation.journal_id_ASTM           PNASA6 
_citation.journal_id_CSD            0040 
_citation.journal_id_ISSN           1091-6490 
_citation.journal_full              ? 
_citation.journal_issue             ? 
_citation.journal_volume            118 
_citation.language                  ? 
_citation.page_first                ? 
_citation.page_last                 ? 
_citation.title                     'Energy penalties enhance flexible receptor docking in a model cavity.' 
_citation.year                      2021 
_citation.database_id_CSD           ? 
_citation.pdbx_database_id_DOI      10.1073/pnas.2106195118 
_citation.pdbx_database_id_PubMed   34475217 
_citation.pdbx_database_id_patent   ? 
_citation.unpublished_flag          ? 
# 
loop_
_citation_author.citation_id 
_citation_author.name 
_citation_author.ordinal 
_citation_author.identifier_ORCID 
primary 'Kamenik, A.S.'  1 0000-0001-8657-0036 
primary 'Singh, I.'      2 ?                   
primary 'Lak, P.'        3 ?                   
primary 'Balius, T.E.'   4 0000-0002-6811-4667 
primary 'Liedl, K.R.'    5 ?                   
primary 'Shoichet, B.K.' 6 0000-0002-6098-7367 
# 
_cell.angle_alpha                  90.000 
_cell.angle_alpha_esd              ? 
_cell.angle_beta                   90.000 
_cell.angle_beta_esd               ? 
_cell.angle_gamma                  120.000 
_cell.angle_gamma_esd              ? 
_cell.entry_id                     7LOB 
_cell.details                      ? 
_cell.formula_units_Z              ? 
_cell.length_a                     60.412 
_cell.length_a_esd                 ? 
_cell.length_b                     60.412 
_cell.length_b_esd                 ? 
_cell.length_c                     96.278 
_cell.length_c_esd                 ? 
_cell.volume                       ? 
_cell.volume_esd                   ? 
_cell.Z_PDB                        6 
_cell.reciprocal_angle_alpha       ? 
_cell.reciprocal_angle_beta        ? 
_cell.reciprocal_angle_gamma       ? 
_cell.reciprocal_angle_alpha_esd   ? 
_cell.reciprocal_angle_beta_esd    ? 
_cell.reciprocal_angle_gamma_esd   ? 
_cell.reciprocal_length_a          ? 
_cell.reciprocal_length_b          ? 
_cell.reciprocal_length_c          ? 
_cell.reciprocal_length_a_esd      ? 
_cell.reciprocal_length_b_esd      ? 
_cell.reciprocal_length_c_esd      ? 
_cell.pdbx_unique_axis             ? 
# 
_symmetry.entry_id                         7LOB 
_symmetry.cell_setting                     ? 
_symmetry.Int_Tables_number                154 
_symmetry.space_group_name_Hall            ? 
_symmetry.space_group_name_H-M             'P 32 2 1' 
_symmetry.pdbx_full_space_group_name_H-M   ? 
# 
loop_
_entity.id 
_entity.type 
_entity.src_method 
_entity.pdbx_description 
_entity.formula_weight 
_entity.pdbx_number_of_molecules 
_entity.pdbx_ec 
_entity.pdbx_mutation 
_entity.pdbx_fragment 
_entity.details 
1 polymer     man Lysozyme                                  19691.541 1   3.2.1.17 ? ? ? 
2 non-polymer syn '1-fluoro-2-[(prop-2-en-1-yl)oxy]benzene' 152.166   1   ?        ? ? ? 
3 non-polymer syn BETA-MERCAPTOETHANOL                      78.133    1   ?        ? ? ? 
4 non-polymer syn 2-AMINO-2-HYDROXYMETHYL-PROPANE-1,3-DIOL  122.143   1   ?        ? ? ? 
5 water       nat water                                     18.015    116 ?        ? ? ? 
# 
_entity_name_com.entity_id   1 
_entity_name_com.name        'Lysis protein,Endolysin,Muramidase' 
# 
_entity_poly.entity_id                      1 
_entity_poly.type                           'polypeptide(L)' 
_entity_poly.nstd_linkage                   no 
_entity_poly.nstd_monomer                   no 
_entity_poly.pdbx_seq_one_letter_code       
;MNIFEMLRIDEGLRLKIYKDTEGYYTIGIGHLLTKSPSLNAAKSELDKAIGRNCNGVITKDEAEKLFNQDVDAAVRGILR
NAKLKPVYDSLDAVRRCAAINMVFQMGETGVAGFTNSLRMLQQKRWDEAAVNLAKSRWYNQTPNRAKRVITTFRTGTWDA
YKNLLEHHHHHH
;
_entity_poly.pdbx_seq_one_letter_code_can   
;MNIFEMLRIDEGLRLKIYKDTEGYYTIGIGHLLTKSPSLNAAKSELDKAIGRNCNGVITKDEAEKLFNQDVDAAVRGILR
NAKLKPVYDSLDAVRRCAAINMVFQMGETGVAGFTNSLRMLQQKRWDEAAVNLAKSRWYNQTPNRAKRVITTFRTGTWDA
YKNLLEHHHHHH
;
_entity_poly.pdbx_strand_id                 A 
_entity_poly.pdbx_target_identifier         ? 
# 
loop_
_entity_poly_seq.entity_id 
_entity_poly_seq.num 
_entity_poly_seq.mon_id 
_entity_poly_seq.hetero 
1 1   MET n 
1 2   ASN n 
1 3   ILE n 
1 4   PHE n 
1 5   GLU n 
1 6   MET n 
1 7   LEU n 
1 8   ARG n 
1 9   ILE n 
1 10  ASP n 
1 11  GLU n 
1 12  GLY n 
1 13  LEU n 
1 14  ARG n 
1 15  LEU n 
1 16  LYS n 
1 17  ILE n 
1 18  TYR n 
1 19  LYS n 
1 20  ASP n 
1 21  THR n 
1 22  GLU n 
1 23  GLY n 
1 24  TYR n 
1 25  TYR n 
1 26  THR n 
1 27  ILE n 
1 28  GLY n 
1 29  ILE n 
1 30  GLY n 
1 31  HIS n 
1 32  LEU n 
1 33  LEU n 
1 34  THR n 
1 35  LYS n 
1 36  SER n 
1 37  PRO n 
1 38  SER n 
1 39  LEU n 
1 40  ASN n 
1 41  ALA n 
1 42  ALA n 
1 43  LYS n 
1 44  SER n 
1 45  GLU n 
1 46  LEU n 
1 47  ASP n 
1 48  LYS n 
1 49  ALA n 
1 50  ILE n 
1 51  GLY n 
1 52  ARG n 
1 53  ASN n 
1 54  CYS n 
1 55  ASN n 
1 56  GLY n 
1 57  VAL n 
1 58  ILE n 
1 59  THR n 
1 60  LYS n 
1 61  ASP n 
1 62  GLU n 
1 63  ALA n 
1 64  GLU n 
1 65  LYS n 
1 66  LEU n 
1 67  PHE n 
1 68  ASN n 
1 69  GLN n 
1 70  ASP n 
1 71  VAL n 
1 72  ASP n 
1 73  ALA n 
1 74  ALA n 
1 75  VAL n 
1 76  ARG n 
1 77  GLY n 
1 78  ILE n 
1 79  LEU n 
1 80  ARG n 
1 81  ASN n 
1 82  ALA n 
1 83  LYS n 
1 84  LEU n 
1 85  LYS n 
1 86  PRO n 
1 87  VAL n 
1 88  TYR n 
1 89  ASP n 
1 90  SER n 
1 91  LEU n 
1 92  ASP n 
1 93  ALA n 
1 94  VAL n 
1 95  ARG n 
1 96  ARG n 
1 97  CYS n 
1 98  ALA n 
1 99  ALA n 
1 100 ILE n 
1 101 ASN n 
1 102 MET n 
1 103 VAL n 
1 104 PHE n 
1 105 GLN n 
1 106 MET n 
1 107 GLY n 
1 108 GLU n 
1 109 THR n 
1 110 GLY n 
1 111 VAL n 
1 112 ALA n 
1 113 GLY n 
1 114 PHE n 
1 115 THR n 
1 116 ASN n 
1 117 SER n 
1 118 LEU n 
1 119 ARG n 
1 120 MET n 
1 121 LEU n 
1 122 GLN n 
1 123 GLN n 
1 124 LYS n 
1 125 ARG n 
1 126 TRP n 
1 127 ASP n 
1 128 GLU n 
1 129 ALA n 
1 130 ALA n 
1 131 VAL n 
1 132 ASN n 
1 133 LEU n 
1 134 ALA n 
1 135 LYS n 
1 136 SER n 
1 137 ARG n 
1 138 TRP n 
1 139 TYR n 
1 140 ASN n 
1 141 GLN n 
1 142 THR n 
1 143 PRO n 
1 144 ASN n 
1 145 ARG n 
1 146 ALA n 
1 147 LYS n 
1 148 ARG n 
1 149 VAL n 
1 150 ILE n 
1 151 THR n 
1 152 THR n 
1 153 PHE n 
1 154 ARG n 
1 155 THR n 
1 156 GLY n 
1 157 THR n 
1 158 TRP n 
1 159 ASP n 
1 160 ALA n 
1 161 TYR n 
1 162 LYS n 
1 163 ASN n 
1 164 LEU n 
1 165 LEU n 
1 166 GLU n 
1 167 HIS n 
1 168 HIS n 
1 169 HIS n 
1 170 HIS n 
1 171 HIS n 
1 172 HIS n 
# 
_entity_src_gen.entity_id                          1 
_entity_src_gen.pdbx_src_id                        1 
_entity_src_gen.pdbx_alt_source_flag               sample 
_entity_src_gen.pdbx_seq_type                      'Biological sequence' 
_entity_src_gen.pdbx_beg_seq_num                   1 
_entity_src_gen.pdbx_end_seq_num                   172 
_entity_src_gen.gene_src_common_name               'Bacteriophage T4' 
_entity_src_gen.gene_src_genus                     ? 
_entity_src_gen.pdbx_gene_src_gene                 'e, T4Tp126' 
_entity_src_gen.gene_src_species                   ? 
_entity_src_gen.gene_src_strain                    ? 
_entity_src_gen.gene_src_tissue                    ? 
_entity_src_gen.gene_src_tissue_fraction           ? 
_entity_src_gen.gene_src_details                   ? 
_entity_src_gen.pdbx_gene_src_fragment             ? 
_entity_src_gen.pdbx_gene_src_scientific_name      'Enterobacteria phage T4' 
_entity_src_gen.pdbx_gene_src_ncbi_taxonomy_id     10665 
_entity_src_gen.pdbx_gene_src_variant              ? 
_entity_src_gen.pdbx_gene_src_cell_line            ? 
_entity_src_gen.pdbx_gene_src_atcc                 ? 
_entity_src_gen.pdbx_gene_src_organ                ? 
_entity_src_gen.pdbx_gene_src_organelle            ? 
_entity_src_gen.pdbx_gene_src_cell                 ? 
_entity_src_gen.pdbx_gene_src_cellular_location    ? 
_entity_src_gen.host_org_common_name               ? 
_entity_src_gen.pdbx_host_org_scientific_name      
;Escherichia coli 'BL21-Gold(DE3)pLysS AG'
;
_entity_src_gen.pdbx_host_org_ncbi_taxonomy_id     866768 
_entity_src_gen.host_org_genus                     ? 
_entity_src_gen.pdbx_host_org_gene                 ? 
_entity_src_gen.pdbx_host_org_organ                ? 
_entity_src_gen.host_org_species                   ? 
_entity_src_gen.pdbx_host_org_tissue               ? 
_entity_src_gen.pdbx_host_org_tissue_fraction      ? 
_entity_src_gen.pdbx_host_org_strain               ? 
_entity_src_gen.pdbx_host_org_variant              ? 
_entity_src_gen.pdbx_host_org_cell_line            ? 
_entity_src_gen.pdbx_host_org_atcc                 ? 
_entity_src_gen.pdbx_host_org_culture_collection   ? 
_entity_src_gen.pdbx_host_org_cell                 ? 
_entity_src_gen.pdbx_host_org_organelle            ? 
_entity_src_gen.pdbx_host_org_cellular_location    ? 
_entity_src_gen.pdbx_host_org_vector_type          ? 
_entity_src_gen.pdbx_host_org_vector               ? 
_entity_src_gen.host_org_details                   ? 
_entity_src_gen.expression_system_id               ? 
_entity_src_gen.plasmid_name                       ? 
_entity_src_gen.plasmid_details                    ? 
_entity_src_gen.pdbx_description                   ? 
# 
_struct_ref.id                         1 
_struct_ref.db_name                    UNP 
_struct_ref.db_code                    D9IEF7_BPT4 
_struct_ref.pdbx_db_accession          D9IEF7 
_struct_ref.pdbx_db_isoform            ? 
_struct_ref.entity_id                  1 
_struct_ref.pdbx_seq_one_letter_code   
;MNIFEMLRIDEGLRLKIYKDTEGYYTIGIGHLLTKSPSLNAAKSELDKAIGRNCNGVITKDEAEKLFNQDVDAAVRGILR
NAKLKPVYDSLDAVRRCALINMVFQMGETGVAGFTNSLRMLQQKRWDEAAVNLAKSRWYNQTPNRAKRVITTFRTGTWDA
YKNL
;
_struct_ref.pdbx_align_begin           1 
# 
_struct_ref_seq.align_id                      1 
_struct_ref_seq.ref_id                        1 
_struct_ref_seq.pdbx_PDB_id_code              7LOB 
_struct_ref_seq.pdbx_strand_id                A 
_struct_ref_seq.seq_align_beg                 1 
_struct_ref_seq.pdbx_seq_align_beg_ins_code   ? 
_struct_ref_seq.seq_align_end                 164 
_struct_ref_seq.pdbx_seq_align_end_ins_code   ? 
_struct_ref_seq.pdbx_db_accession             D9IEF7 
_struct_ref_seq.db_align_beg                  1 
_struct_ref_seq.pdbx_db_align_beg_ins_code    ? 
_struct_ref_seq.db_align_end                  164 
_struct_ref_seq.pdbx_db_align_end_ins_code    ? 
_struct_ref_seq.pdbx_auth_seq_align_beg       1 
_struct_ref_seq.pdbx_auth_seq_align_end       164 
# 
loop_
_struct_ref_seq_dif.align_id 
_struct_ref_seq_dif.pdbx_pdb_id_code 
_struct_ref_seq_dif.mon_id 
_struct_ref_seq_dif.pdbx_pdb_strand_id 
_struct_ref_seq_dif.seq_num 
_struct_ref_seq_dif.pdbx_pdb_ins_code 
_struct_ref_seq_dif.pdbx_seq_db_name 
_struct_ref_seq_dif.pdbx_seq_db_accession_code 
_struct_ref_seq_dif.db_mon_id 
_struct_ref_seq_dif.pdbx_seq_db_seq_num 
_struct_ref_seq_dif.details 
_struct_ref_seq_dif.pdbx_auth_seq_num 
_struct_ref_seq_dif.pdbx_ordinal 
1 7LOB ALA A 99  ? UNP D9IEF7 LEU 99 'engineered mutation' 99  1 
1 7LOB LEU A 165 ? UNP D9IEF7 ?   ?  'expression tag'      165 2 
1 7LOB GLU A 166 ? UNP D9IEF7 ?   ?  'expression tag'      166 3 
1 7LOB HIS A 167 ? UNP D9IEF7 ?   ?  'expression tag'      167 4 
1 7LOB HIS A 168 ? UNP D9IEF7 ?   ?  'expression tag'      168 5 
1 7LOB HIS A 169 ? UNP D9IEF7 ?   ?  'expression tag'      169 6 
1 7LOB HIS A 170 ? UNP D9IEF7 ?   ?  'expression tag'      170 7 
1 7LOB HIS A 171 ? UNP D9IEF7 ?   ?  'expression tag'      171 8 
1 7LOB HIS A 172 ? UNP D9IEF7 ?   ?  'expression tag'      172 9 
# 
loop_
_chem_comp.id 
_chem_comp.type 
_chem_comp.mon_nstd_flag 
_chem_comp.name 
_chem_comp.pdbx_synonyms 
_chem_comp.formula 
_chem_comp.formula_weight 
ALA 'L-peptide linking' y ALANINE                                   ?             'C3 H7 N O2'     89.093  
ARG 'L-peptide linking' y ARGININE                                  ?             'C6 H15 N4 O2 1' 175.209 
ASN 'L-peptide linking' y ASPARAGINE                                ?             'C4 H8 N2 O3'    132.118 
ASP 'L-peptide linking' y 'ASPARTIC ACID'                           ?             'C4 H7 N O4'     133.103 
BME non-polymer         . BETA-MERCAPTOETHANOL                      ?             'C2 H6 O S'      78.133  
CYS 'L-peptide linking' y CYSTEINE                                  ?             'C3 H7 N O2 S'   121.158 
GLN 'L-peptide linking' y GLUTAMINE                                 ?             'C5 H10 N2 O3'   146.144 
GLU 'L-peptide linking' y 'GLUTAMIC ACID'                           ?             'C5 H9 N O4'     147.129 
GLY 'peptide linking'   y GLYCINE                                   ?             'C2 H5 N O2'     75.067  
HIS 'L-peptide linking' y HISTIDINE                                 ?             'C6 H10 N3 O2 1' 156.162 
HOH non-polymer         . WATER                                     ?             'H2 O'           18.015  
ILE 'L-peptide linking' y ISOLEUCINE                                ?             'C6 H13 N O2'    131.173 
LEU 'L-peptide linking' y LEUCINE                                   ?             'C6 H13 N O2'    131.173 
LYS 'L-peptide linking' y LYSINE                                    ?             'C6 H15 N2 O2 1' 147.195 
MET 'L-peptide linking' y METHIONINE                                ?             'C5 H11 N O2 S'  149.211 
PHE 'L-peptide linking' y PHENYLALANINE                             ?             'C9 H11 N O2'    165.189 
PRO 'L-peptide linking' y PROLINE                                   ?             'C5 H9 N O2'     115.130 
SER 'L-peptide linking' y SERINE                                    ?             'C3 H7 N O3'     105.093 
THR 'L-peptide linking' y THREONINE                                 ?             'C4 H9 N O3'     119.119 
TRP 'L-peptide linking' y TRYPTOPHAN                                ?             'C11 H12 N2 O2'  204.225 
TRS non-polymer         . 2-AMINO-2-HYDROXYMETHYL-PROPANE-1,3-DIOL  'TRIS BUFFER' 'C4 H12 N O3 1'  122.143 
TYR 'L-peptide linking' y TYROSINE                                  ?             'C9 H11 N O3'    181.189 
VAL 'L-peptide linking' y VALINE                                    ?             'C5 H11 N O2'    117.146 
ZNV non-polymer         . '1-fluoro-2-[(prop-2-en-1-yl)oxy]benzene' ?             'C9 H9 F O'      152.166 
# 
_exptl.absorpt_coefficient_mu     ? 
_exptl.absorpt_correction_T_max   ? 
_exptl.absorpt_correction_T_min   ? 
_exptl.absorpt_correction_type    ? 
_exptl.absorpt_process_details    ? 
_exptl.entry_id                   7LOB 
_exptl.crystals_number            1 
_exptl.details                    ? 
_exptl.method                     'X-RAY DIFFRACTION' 
_exptl.method_details             ? 
# 
_exptl_crystal.colour                      ? 
_exptl_crystal.density_diffrn              ? 
_exptl_crystal.density_Matthews            2.58 
_exptl_crystal.density_method              ? 
_exptl_crystal.density_percent_sol         52.24 
_exptl_crystal.description                 ? 
_exptl_crystal.F_000                       ? 
_exptl_crystal.id                          1 
_exptl_crystal.preparation                 ? 
_exptl_crystal.size_max                    ? 
_exptl_crystal.size_mid                    ? 
_exptl_crystal.size_min                    ? 
_exptl_crystal.size_rad                    ? 
_exptl_crystal.colour_lustre               ? 
_exptl_crystal.colour_modifier             ? 
_exptl_crystal.colour_primary              ? 
_exptl_crystal.density_meas                ? 
_exptl_crystal.density_meas_esd            ? 
_exptl_crystal.density_meas_gt             ? 
_exptl_crystal.density_meas_lt             ? 
_exptl_crystal.density_meas_temp           ? 
_exptl_crystal.density_meas_temp_esd       ? 
_exptl_crystal.density_meas_temp_gt        ? 
_exptl_crystal.density_meas_temp_lt        ? 
_exptl_crystal.pdbx_crystal_image_url      ? 
_exptl_crystal.pdbx_crystal_image_format   ? 
_exptl_crystal.pdbx_mosaicity              ? 
_exptl_crystal.pdbx_mosaicity_esd          ? 
# 
_exptl_crystal_grow.apparatus       ? 
_exptl_crystal_grow.atmosphere      ? 
_exptl_crystal_grow.crystal_id      1 
_exptl_crystal_grow.details         ? 
_exptl_crystal_grow.method          'VAPOR DIFFUSION, HANGING DROP' 
_exptl_crystal_grow.method_ref      ? 
_exptl_crystal_grow.pH              8.0 
_exptl_crystal_grow.pressure        ? 
_exptl_crystal_grow.pressure_esd    ? 
_exptl_crystal_grow.seeding         ? 
_exptl_crystal_grow.seeding_ref     ? 
_exptl_crystal_grow.temp            294 
_exptl_crystal_grow.temp_details    ? 
_exptl_crystal_grow.temp_esd        ? 
_exptl_crystal_grow.time            ? 
_exptl_crystal_grow.pdbx_details    'Isopropanol, PEG 4000, Tris-Cl pH 8.0, Beta-mercaptoethanol,  2-hyrdoxyethyl disulfide' 
_exptl_crystal_grow.pdbx_pH_range   ? 
# 
_diffrn.ambient_environment              ? 
_diffrn.ambient_temp                     100 
_diffrn.ambient_temp_details             ? 
_diffrn.ambient_temp_esd                 ? 
_diffrn.crystal_id                       1 
_diffrn.crystal_support                  ? 
_diffrn.crystal_treatment                ? 
_diffrn.details                          ? 
_diffrn.id                               1 
_diffrn.ambient_pressure                 ? 
_diffrn.ambient_pressure_esd             ? 
_diffrn.ambient_pressure_gt              ? 
_diffrn.ambient_pressure_lt              ? 
_diffrn.ambient_temp_gt                  ? 
_diffrn.ambient_temp_lt                  ? 
_diffrn.pdbx_serial_crystal_experiment   N 
# 
_diffrn_detector.details                      ? 
_diffrn_detector.detector                     PIXEL 
_diffrn_detector.diffrn_id                    1 
_diffrn_detector.type                         'DECTRIS PILATUS3 S 6M' 
_diffrn_detector.area_resol_mean              ? 
_diffrn_detector.dtime                        ? 
_diffrn_detector.pdbx_frames_total            ? 
_diffrn_detector.pdbx_collection_time_total   ? 
_diffrn_detector.pdbx_collection_date         2020-11-24 
_diffrn_detector.pdbx_frequency               ? 
# 
_diffrn_radiation.collimation                      ? 
_diffrn_radiation.diffrn_id                        1 
_diffrn_radiation.filter_edge                      ? 
_diffrn_radiation.inhomogeneity                    ? 
_diffrn_radiation.monochromator                    M 
_diffrn_radiation.polarisn_norm                    ? 
_diffrn_radiation.polarisn_ratio                   ? 
_diffrn_radiation.probe                            ? 
_diffrn_radiation.type                             ? 
_diffrn_radiation.xray_symbol                      ? 
_diffrn_radiation.wavelength_id                    1 
_diffrn_radiation.pdbx_monochromatic_or_laue_m_l   M 
_diffrn_radiation.pdbx_wavelength_list             ? 
_diffrn_radiation.pdbx_wavelength                  ? 
_diffrn_radiation.pdbx_diffrn_protocol             'SINGLE WAVELENGTH' 
_diffrn_radiation.pdbx_analyzer                    ? 
_diffrn_radiation.pdbx_scattering_type             x-ray 
# 
_diffrn_radiation_wavelength.id           1 
_diffrn_radiation_wavelength.wavelength   0.95386 
_diffrn_radiation_wavelength.wt           1.0 
# 
_diffrn_source.current                     ? 
_diffrn_source.details                     ? 
_diffrn_source.diffrn_id                   1 
_diffrn_source.power                       ? 
_diffrn_source.size                        ? 
_diffrn_source.source                      SYNCHROTRON 
_diffrn_source.target                      ? 
_diffrn_source.type                        'ALS BEAMLINE 8.3.1' 
_diffrn_source.voltage                     ? 
_diffrn_source.take-off_angle              ? 
_diffrn_source.pdbx_wavelength_list        0.95386 
_diffrn_source.pdbx_wavelength             ? 
_diffrn_source.pdbx_synchrotron_beamline   8.3.1 
_diffrn_source.pdbx_synchrotron_site       ALS 
# 
_reflns.B_iso_Wilson_estimate                          13.550 
_reflns.entry_id                                       7LOB 
_reflns.data_reduction_details                         ? 
_reflns.data_reduction_method                          ? 
_reflns.d_resolution_high                              1.100 
_reflns.d_resolution_low                               52.320 
_reflns.details                                        ? 
_reflns.limit_h_max                                    ? 
_reflns.limit_h_min                                    ? 
_reflns.limit_k_max                                    ? 
_reflns.limit_k_min                                    ? 
_reflns.limit_l_max                                    ? 
_reflns.limit_l_min                                    ? 
_reflns.number_all                                     ? 
_reflns.number_obs                                     83125 
_reflns.observed_criterion                             ? 
_reflns.observed_criterion_F_max                       ? 
_reflns.observed_criterion_F_min                       ? 
_reflns.observed_criterion_I_max                       ? 
_reflns.observed_criterion_I_min                       ? 
_reflns.observed_criterion_sigma_F                     ? 
_reflns.observed_criterion_sigma_I                     ? 
_reflns.percent_possible_obs                           100.000 
_reflns.R_free_details                                 ? 
_reflns.Rmerge_F_all                                   ? 
_reflns.Rmerge_F_obs                                   ? 
_reflns.Friedel_coverage                               ? 
_reflns.number_gt                                      ? 
_reflns.threshold_expression                           ? 
_reflns.pdbx_redundancy                                19.200 
_reflns.pdbx_Rmerge_I_obs                              0.088 
_reflns.pdbx_Rmerge_I_all                              ? 
_reflns.pdbx_Rsym_value                                ? 
_reflns.pdbx_netI_over_av_sigmaI                       ? 
_reflns.pdbx_netI_over_sigmaI                          18.200 
_reflns.pdbx_res_netI_over_av_sigmaI_2                 ? 
_reflns.pdbx_res_netI_over_sigmaI_2                    ? 
_reflns.pdbx_chi_squared                               ? 
_reflns.pdbx_scaling_rejects                           ? 
_reflns.pdbx_d_res_high_opt                            ? 
_reflns.pdbx_d_res_low_opt                             ? 
_reflns.pdbx_d_res_opt_method                          ? 
_reflns.phase_calculation_details                      ? 
_reflns.pdbx_Rrim_I_all                                0.091 
_reflns.pdbx_Rpim_I_all                                0.021 
_reflns.pdbx_d_opt                                     ? 
_reflns.pdbx_number_measured_all                       1597483 
_reflns.pdbx_diffrn_id                                 1 
_reflns.pdbx_ordinal                                   1 
_reflns.pdbx_CC_half                                   1.000 
_reflns.pdbx_CC_star                                   ? 
_reflns.pdbx_R_split                                   ? 
_reflns.pdbx_aniso_diffraction_limit_axis_1_ortho[1]   ? 
_reflns.pdbx_aniso_diffraction_limit_axis_1_ortho[2]   ? 
_reflns.pdbx_aniso_diffraction_limit_axis_1_ortho[3]   ? 
_reflns.pdbx_aniso_diffraction_limit_axis_2_ortho[1]   ? 
_reflns.pdbx_aniso_diffraction_limit_axis_2_ortho[2]   ? 
_reflns.pdbx_aniso_diffraction_limit_axis_2_ortho[3]   ? 
_reflns.pdbx_aniso_diffraction_limit_axis_3_ortho[1]   ? 
_reflns.pdbx_aniso_diffraction_limit_axis_3_ortho[2]   ? 
_reflns.pdbx_aniso_diffraction_limit_axis_3_ortho[3]   ? 
_reflns.pdbx_aniso_diffraction_limit_1                 ? 
_reflns.pdbx_aniso_diffraction_limit_2                 ? 
_reflns.pdbx_aniso_diffraction_limit_3                 ? 
_reflns.pdbx_aniso_B_tensor_eigenvector_1_ortho[1]     ? 
_reflns.pdbx_aniso_B_tensor_eigenvector_1_ortho[2]     ? 
_reflns.pdbx_aniso_B_tensor_eigenvector_1_ortho[3]     ? 
_reflns.pdbx_aniso_B_tensor_eigenvector_2_ortho[1]     ? 
_reflns.pdbx_aniso_B_tensor_eigenvector_2_ortho[2]     ? 
_reflns.pdbx_aniso_B_tensor_eigenvector_2_ortho[3]     ? 
_reflns.pdbx_aniso_B_tensor_eigenvector_3_ortho[1]     ? 
_reflns.pdbx_aniso_B_tensor_eigenvector_3_ortho[2]     ? 
_reflns.pdbx_aniso_B_tensor_eigenvector_3_ortho[3]     ? 
_reflns.pdbx_aniso_B_tensor_eigenvalue_1               ? 
_reflns.pdbx_aniso_B_tensor_eigenvalue_2               ? 
_reflns.pdbx_aniso_B_tensor_eigenvalue_3               ? 
_reflns.pdbx_orthogonalization_convention              ? 
_reflns.pdbx_percent_possible_ellipsoidal              ? 
_reflns.pdbx_percent_possible_spherical                ? 
_reflns.pdbx_percent_possible_ellipsoidal_anomalous    ? 
_reflns.pdbx_percent_possible_spherical_anomalous      ? 
_reflns.pdbx_redundancy_anomalous                      ? 
_reflns.pdbx_CC_half_anomalous                         ? 
_reflns.pdbx_absDiff_over_sigma_anomalous              ? 
_reflns.pdbx_percent_possible_anomalous                ? 
_reflns.pdbx_observed_signal_threshold                 ? 
_reflns.pdbx_signal_type                               ? 
_reflns.pdbx_signal_details                            ? 
_reflns.pdbx_signal_software_id                        ? 
# 
loop_
_reflns_shell.d_res_high 
_reflns_shell.d_res_low 
_reflns_shell.meanI_over_sigI_all 
_reflns_shell.meanI_over_sigI_obs 
_reflns_shell.number_measured_all 
_reflns_shell.number_measured_obs 
_reflns_shell.number_possible 
_reflns_shell.number_unique_all 
_reflns_shell.number_unique_obs 
_reflns_shell.percent_possible_all 
_reflns_shell.percent_possible_obs 
_reflns_shell.Rmerge_F_all 
_reflns_shell.Rmerge_F_obs 
_reflns_shell.Rmerge_I_all 
_reflns_shell.Rmerge_I_obs 
_reflns_shell.meanI_over_sigI_gt 
_reflns_shell.meanI_over_uI_all 
_reflns_shell.meanI_over_uI_gt 
_reflns_shell.number_measured_gt 
_reflns_shell.number_unique_gt 
_reflns_shell.percent_possible_gt 
_reflns_shell.Rmerge_F_gt 
_reflns_shell.Rmerge_I_gt 
_reflns_shell.pdbx_redundancy 
_reflns_shell.pdbx_Rsym_value 
_reflns_shell.pdbx_chi_squared 
_reflns_shell.pdbx_netI_over_sigmaI_all 
_reflns_shell.pdbx_netI_over_sigmaI_obs 
_reflns_shell.pdbx_Rrim_I_all 
_reflns_shell.pdbx_Rpim_I_all 
_reflns_shell.pdbx_rejects 
_reflns_shell.pdbx_ordinal 
_reflns_shell.pdbx_diffrn_id 
_reflns_shell.pdbx_CC_half 
_reflns_shell.pdbx_CC_star 
_reflns_shell.pdbx_R_split 
_reflns_shell.pdbx_percent_possible_ellipsoidal 
_reflns_shell.pdbx_percent_possible_spherical 
_reflns_shell.pdbx_percent_possible_ellipsoidal_anomalous 
_reflns_shell.pdbx_percent_possible_spherical_anomalous 
_reflns_shell.pdbx_redundancy_anomalous 
_reflns_shell.pdbx_CC_half_anomalous 
_reflns_shell.pdbx_absDiff_over_sigma_anomalous 
_reflns_shell.pdbx_percent_possible_anomalous 
1.100 1.120  ? ? 71273 ? ? ? 4081 100.000 ? ? ? ? 5.267 ? ? ? ? ? ? ? ? 17.500 ? ? ? 0.600   5.425 1.286 ? 1 1 0.329 ? ? ? ? ? ? ? 
? ? ? 
6.020 52.320 ? ? 10835 ? ? ? 596  100.000 ? ? ? ? 0.021 ? ? ? ? ? ? ? ? 18.200 ? ? ? 107.300 0.021 0.005 ? 2 1 1.000 ? ? ? ? ? ? ? 
? ? ? 
# 
_refine.aniso_B[1][1]                            ? 
_refine.aniso_B[1][2]                            ? 
_refine.aniso_B[1][3]                            ? 
_refine.aniso_B[2][2]                            ? 
_refine.aniso_B[2][3]                            ? 
_refine.aniso_B[3][3]                            ? 
_refine.B_iso_max                                37.550 
_refine.B_iso_mean                               16.6017 
_refine.B_iso_min                                9.360 
_refine.correlation_coeff_Fo_to_Fc               ? 
_refine.correlation_coeff_Fo_to_Fc_free          ? 
_refine.details                                  ? 
_refine.diff_density_max                         ? 
_refine.diff_density_max_esd                     ? 
_refine.diff_density_min                         ? 
_refine.diff_density_min_esd                     ? 
_refine.diff_density_rms                         ? 
_refine.diff_density_rms_esd                     ? 
_refine.entry_id                                 7LOB 
_refine.pdbx_refine_id                           'X-RAY DIFFRACTION' 
_refine.ls_abs_structure_details                 ? 
_refine.ls_abs_structure_Flack                   ? 
_refine.ls_abs_structure_Flack_esd               ? 
_refine.ls_abs_structure_Rogers                  ? 
_refine.ls_abs_structure_Rogers_esd              ? 
_refine.ls_d_res_high                            1.1000 
_refine.ls_d_res_low                             52.3180 
_refine.ls_extinction_coef                       ? 
_refine.ls_extinction_coef_esd                   ? 
_refine.ls_extinction_expression                 ? 
_refine.ls_extinction_method                     ? 
_refine.ls_goodness_of_fit_all                   ? 
_refine.ls_goodness_of_fit_all_esd               ? 
_refine.ls_goodness_of_fit_obs                   ? 
_refine.ls_goodness_of_fit_obs_esd               ? 
_refine.ls_hydrogen_treatment                    ? 
_refine.ls_matrix_type                           ? 
_refine.ls_number_constraints                    ? 
_refine.ls_number_parameters                     ? 
_refine.ls_number_reflns_all                     ? 
_refine.ls_number_reflns_obs                     82978 
_refine.ls_number_reflns_R_free                  4176 
_refine.ls_number_reflns_R_work                  78802 
_refine.ls_number_restraints                     ? 
_refine.ls_percent_reflns_obs                    99.8900 
_refine.ls_percent_reflns_R_free                 5.0300 
_refine.ls_R_factor_all                          ? 
_refine.ls_R_factor_obs                          0.2096 
_refine.ls_R_factor_R_free                       0.2218 
_refine.ls_R_factor_R_free_error                 ? 
_refine.ls_R_factor_R_free_error_details         ? 
_refine.ls_R_factor_R_work                       0.2090 
_refine.ls_R_Fsqd_factor_obs                     ? 
_refine.ls_R_I_factor_obs                        ? 
_refine.ls_redundancy_reflns_all                 ? 
_refine.ls_redundancy_reflns_obs                 ? 
_refine.ls_restrained_S_all                      ? 
_refine.ls_restrained_S_obs                      ? 
_refine.ls_shift_over_esd_max                    ? 
_refine.ls_shift_over_esd_mean                   ? 
_refine.ls_structure_factor_coef                 ? 
_refine.ls_weighting_details                     ? 
_refine.ls_weighting_scheme                      ? 
_refine.ls_wR_factor_all                         ? 
_refine.ls_wR_factor_obs                         ? 
_refine.ls_wR_factor_R_free                      ? 
_refine.ls_wR_factor_R_work                      ? 
_refine.occupancy_max                            ? 
_refine.occupancy_min                            ? 
_refine.solvent_model_details                    'FLAT BULK SOLVENT MODEL' 
_refine.solvent_model_param_bsol                 ? 
_refine.solvent_model_param_ksol                 ? 
_refine.pdbx_R_complete                          ? 
_refine.ls_R_factor_gt                           ? 
_refine.ls_goodness_of_fit_gt                    ? 
_refine.ls_goodness_of_fit_ref                   ? 
_refine.ls_shift_over_su_max                     ? 
_refine.ls_shift_over_su_max_lt                  ? 
_refine.ls_shift_over_su_mean                    ? 
_refine.ls_shift_over_su_mean_lt                 ? 
_refine.pdbx_ls_sigma_I                          ? 
_refine.pdbx_ls_sigma_F                          1.340 
_refine.pdbx_ls_sigma_Fsqd                       ? 
_refine.pdbx_data_cutoff_high_absF               ? 
_refine.pdbx_data_cutoff_high_rms_absF           ? 
_refine.pdbx_data_cutoff_low_absF                ? 
_refine.pdbx_isotropic_thermal_model             ? 
_refine.pdbx_ls_cross_valid_method               THROUGHOUT 
_refine.pdbx_method_to_determine_struct          'MOLECULAR REPLACEMENT' 
_refine.pdbx_starting_model                      4W57 
_refine.pdbx_stereochemistry_target_values       ML 
_refine.pdbx_R_Free_selection_details            ? 
_refine.pdbx_stereochem_target_val_spec_case     ? 
_refine.pdbx_overall_ESU_R                       ? 
_refine.pdbx_overall_ESU_R_Free                  ? 
_refine.pdbx_solvent_vdw_probe_radii             1.1100 
_refine.pdbx_solvent_ion_probe_radii             ? 
_refine.pdbx_solvent_shrinkage_radii             0.9000 
_refine.pdbx_real_space_R                        ? 
_refine.pdbx_density_correlation                 ? 
_refine.pdbx_pd_number_of_powder_patterns        ? 
_refine.pdbx_pd_number_of_points                 ? 
_refine.pdbx_pd_meas_number_of_points            ? 
_refine.pdbx_pd_proc_ls_prof_R_factor            ? 
_refine.pdbx_pd_proc_ls_prof_wR_factor           ? 
_refine.pdbx_pd_Marquardt_correlation_coeff      ? 
_refine.pdbx_pd_Fsqrd_R_factor                   ? 
_refine.pdbx_pd_ls_matrix_band_width             ? 
_refine.pdbx_overall_phase_error                 25.8600 
_refine.pdbx_overall_SU_R_free_Cruickshank_DPI   ? 
_refine.pdbx_overall_SU_R_free_Blow_DPI          ? 
_refine.pdbx_overall_SU_R_Blow_DPI               ? 
_refine.pdbx_TLS_residual_ADP_flag               ? 
_refine.pdbx_diffrn_id                           1 
_refine.overall_SU_B                             ? 
_refine.overall_SU_ML                            0.1600 
_refine.overall_SU_R_Cruickshank_DPI             ? 
_refine.overall_SU_R_free                        ? 
_refine.overall_FOM_free_R_set                   ? 
_refine.overall_FOM_work_R_set                   ? 
_refine.pdbx_average_fsc_overall                 ? 
_refine.pdbx_average_fsc_work                    ? 
_refine.pdbx_average_fsc_free                    ? 
# 
_refine_hist.pdbx_refine_id                   'X-RAY DIFFRACTION' 
_refine_hist.cycle_id                         final 
_refine_hist.details                          ? 
_refine_hist.d_res_high                       1.1000 
_refine_hist.d_res_low                        52.3180 
_refine_hist.number_atoms_solvent             116 
_refine_hist.number_atoms_total               1428 
_refine_hist.number_reflns_all                ? 
_refine_hist.number_reflns_obs                ? 
_refine_hist.number_reflns_R_free             ? 
_refine_hist.number_reflns_R_work             ? 
_refine_hist.R_factor_all                     ? 
_refine_hist.R_factor_obs                     ? 
_refine_hist.R_factor_R_free                  ? 
_refine_hist.R_factor_R_work                  ? 
_refine_hist.pdbx_number_residues_total       162 
_refine_hist.pdbx_B_iso_mean_ligand           21.10 
_refine_hist.pdbx_B_iso_mean_solvent          23.47 
_refine_hist.pdbx_number_atoms_protein        1289 
_refine_hist.pdbx_number_atoms_nucleic_acid   0 
_refine_hist.pdbx_number_atoms_ligand         23 
_refine_hist.pdbx_number_atoms_lipid          ? 
_refine_hist.pdbx_number_atoms_carb           ? 
_refine_hist.pdbx_pseudo_atom_details         ? 
# 
loop_
_refine_ls_restr.pdbx_refine_id 
_refine_ls_restr.criterion 
_refine_ls_restr.dev_ideal 
_refine_ls_restr.dev_ideal_target 
_refine_ls_restr.number 
_refine_ls_restr.rejects 
_refine_ls_restr.type 
_refine_ls_restr.weight 
_refine_ls_restr.pdbx_restraint_function 
'X-RAY DIFFRACTION' ? 0.004 ? 1376 ? f_bond_d           ? ? 
'X-RAY DIFFRACTION' ? 0.767 ? 1851 ? f_angle_d          ? ? 
'X-RAY DIFFRACTION' ? 0.064 ? 202  ? f_chiral_restr     ? ? 
'X-RAY DIFFRACTION' ? 0.004 ? 236  ? f_plane_restr      ? ? 
'X-RAY DIFFRACTION' ? 3.012 ? 1441 ? f_dihedral_angle_d ? ? 
# 
loop_
_refine_ls_shell.pdbx_refine_id 
_refine_ls_shell.d_res_high 
_refine_ls_shell.d_res_low 
_refine_ls_shell.number_reflns_all 
_refine_ls_shell.number_reflns_obs 
_refine_ls_shell.number_reflns_R_free 
_refine_ls_shell.number_reflns_R_work 
_refine_ls_shell.percent_reflns_obs 
_refine_ls_shell.percent_reflns_R_free 
_refine_ls_shell.R_factor_all 
_refine_ls_shell.R_factor_obs 
_refine_ls_shell.R_factor_R_free 
_refine_ls_shell.R_factor_R_free_error 
_refine_ls_shell.R_factor_R_work 
_refine_ls_shell.redundancy_reflns_all 
_refine_ls_shell.redundancy_reflns_obs 
_refine_ls_shell.wR_factor_all 
_refine_ls_shell.wR_factor_obs 
_refine_ls_shell.wR_factor_R_free 
_refine_ls_shell.wR_factor_R_work 
_refine_ls_shell.pdbx_R_complete 
_refine_ls_shell.pdbx_total_number_of_bins_used 
_refine_ls_shell.pdbx_phase_error 
_refine_ls_shell.pdbx_fsc_work 
_refine_ls_shell.pdbx_fsc_free 
'X-RAY DIFFRACTION' 1.1000 1.1125  . . 159 2556 99.0000  . . . 0.4354 0.0000 0.4096 . . . . . . . . . . . 
'X-RAY DIFFRACTION' 1.1125 1.1256  . . 147 2569 100.0000 . . . 0.3849 0.0000 0.3870 . . . . . . . . . . . 
'X-RAY DIFFRACTION' 1.1256 1.1393  . . 143 2618 100.0000 . . . 0.3771 0.0000 0.3611 . . . . . . . . . . . 
'X-RAY DIFFRACTION' 1.1393 1.1538  . . 151 2545 100.0000 . . . 0.3567 0.0000 0.3375 . . . . . . . . . . . 
'X-RAY DIFFRACTION' 1.1538 1.1689  . . 122 2598 100.0000 . . . 0.2815 0.0000 0.3245 . . . . . . . . . . . 
'X-RAY DIFFRACTION' 1.1689 1.1850  . . 138 2639 100.0000 . . . 0.3490 0.0000 0.3122 . . . . . . . . . . . 
'X-RAY DIFFRACTION' 1.1850 1.2019  . . 133 2572 100.0000 . . . 0.3409 0.0000 0.3024 . . . . . . . . . . . 
'X-RAY DIFFRACTION' 1.2019 1.2198  . . 104 2641 100.0000 . . . 0.3058 0.0000 0.2926 . . . . . . . . . . . 
'X-RAY DIFFRACTION' 1.2198 1.2389  . . 136 2603 100.0000 . . . 0.3348 0.0000 0.2781 . . . . . . . . . . . 
'X-RAY DIFFRACTION' 1.2389 1.2592  . . 132 2650 100.0000 . . . 0.3046 0.0000 0.2740 . . . . . . . . . . . 
'X-RAY DIFFRACTION' 1.2592 1.2809  . . 114 2599 100.0000 . . . 0.2517 0.0000 0.2565 . . . . . . . . . . . 
'X-RAY DIFFRACTION' 1.2809 1.3042  . . 151 2605 100.0000 . . . 0.2831 0.0000 0.2497 . . . . . . . . . . . 
'X-RAY DIFFRACTION' 1.3042 1.3293  . . 136 2579 100.0000 . . . 0.2393 0.0000 0.2343 . . . . . . . . . . . 
'X-RAY DIFFRACTION' 1.3293 1.3564  . . 149 2604 100.0000 . . . 0.2167 0.0000 0.2343 . . . . . . . . . . . 
'X-RAY DIFFRACTION' 1.3564 1.3859  . . 151 2587 100.0000 . . . 0.2184 0.0000 0.2296 . . . . . . . . . . . 
'X-RAY DIFFRACTION' 1.3859 1.4182  . . 166 2586 100.0000 . . . 0.2348 0.0000 0.2210 . . . . . . . . . . . 
'X-RAY DIFFRACTION' 1.4182 1.4536  . . 116 2652 100.0000 . . . 0.2435 0.0000 0.2200 . . . . . . . . . . . 
'X-RAY DIFFRACTION' 1.4536 1.4929  . . 145 2602 100.0000 . . . 0.2233 0.0000 0.2051 . . . . . . . . . . . 
'X-RAY DIFFRACTION' 1.4929 1.5369  . . 151 2615 100.0000 . . . 0.2066 0.0000 0.1908 . . . . . . . . . . . 
'X-RAY DIFFRACTION' 1.5369 1.5865  . . 132 2629 100.0000 . . . 0.1933 0.0000 0.1891 . . . . . . . . . . . 
'X-RAY DIFFRACTION' 1.5865 1.6432  . . 147 2613 100.0000 . . . 0.2001 0.0000 0.1836 . . . . . . . . . . . 
'X-RAY DIFFRACTION' 1.6432 1.7090  . . 155 2612 100.0000 . . . 0.2232 0.0000 0.1863 . . . . . . . . . . . 
'X-RAY DIFFRACTION' 1.7090 1.7868  . . 101 2679 100.0000 . . . 0.2176 0.0000 0.1910 . . . . . . . . . . . 
'X-RAY DIFFRACTION' 1.7868 1.8810  . . 118 2657 100.0000 . . . 0.1857 0.0000 0.1861 . . . . . . . . . . . 
'X-RAY DIFFRACTION' 1.8810 1.9988  . . 133 2664 100.0000 . . . 0.1881 0.0000 0.1886 . . . . . . . . . . . 
'X-RAY DIFFRACTION' 1.9988 2.1532  . . 151 2649 100.0000 . . . 0.1972 0.0000 0.1880 . . . . . . . . . . . 
'X-RAY DIFFRACTION' 2.1532 2.3698  . . 131 2670 100.0000 . . . 0.1862 0.0000 0.1928 . . . . . . . . . . . 
'X-RAY DIFFRACTION' 2.3698 2.7128  . . 162 2660 100.0000 . . . 0.2075 0.0000 0.2067 . . . . . . . . . . . 
'X-RAY DIFFRACTION' 2.7128 3.4177  . . 166 2688 100.0000 . . . 0.2293 0.0000 0.2043 . . . . . . . . . . . 
'X-RAY DIFFRACTION' 3.4177 52.3180 . . 136 2861 100.0000 . . . 0.2078 0.0000 0.1909 . . . . . . . . . . . 
# 
_struct.entry_id                     7LOB 
_struct.title                        'T4 lysozyme mutant L99A in complex with 1-fluoro-2-[(prop-2-en-1-yl)oxy]benzene' 
_struct.pdbx_model_details           ? 
_struct.pdbx_formula_weight          ? 
_struct.pdbx_formula_weight_method   ? 
_struct.pdbx_model_type_details      ? 
_struct.pdbx_CASP_flag               N 
# 
_struct_keywords.entry_id        7LOB 
_struct_keywords.text            'mutant, lysozyme, small molecule, L99A, complex, PROTEIN BINDING, HYDROLASE' 
_struct_keywords.pdbx_keywords   'PROTEIN BINDING,HYDROLASE' 
# 
loop_
_struct_asym.id 
_struct_asym.pdbx_blank_PDB_chainid_flag 
_struct_asym.pdbx_modified 
_struct_asym.entity_id 
_struct_asym.details 
A N N 1 ? 
B N N 2 ? 
C N N 3 ? 
D N N 4 ? 
E N N 5 ? 
# 
loop_
_struct_conf.conf_type_id 
_struct_conf.id 
_struct_conf.pdbx_PDB_helix_id 
_struct_conf.beg_label_comp_id 
_struct_conf.beg_label_asym_id 
_struct_conf.beg_label_seq_id 
_struct_conf.pdbx_beg_PDB_ins_code 
_struct_conf.end_label_comp_id 
_struct_conf.end_label_asym_id 
_struct_conf.end_label_seq_id 
_struct_conf.pdbx_end_PDB_ins_code 
_struct_conf.beg_auth_comp_id 
_struct_conf.beg_auth_asym_id 
_struct_conf.beg_auth_seq_id 
_struct_conf.end_auth_comp_id 
_struct_conf.end_auth_asym_id 
_struct_conf.end_auth_seq_id 
_struct_conf.pdbx_PDB_helix_class 
_struct_conf.details 
_struct_conf.pdbx_PDB_helix_length 
HELX_P HELX_P1  AA1 ASN A 2   ? GLY A 12  ? ASN A 2   GLY A 12  1 ? 11 
HELX_P HELX_P2  AA2 SER A 38  ? GLY A 51  ? SER A 38  GLY A 51  1 ? 14 
HELX_P HELX_P3  AA3 THR A 59  ? ARG A 80  ? THR A 59  ARG A 80  1 ? 22 
HELX_P HELX_P4  AA4 LYS A 83  ? LEU A 91  ? LYS A 83  LEU A 91  1 ? 9  
HELX_P HELX_P5  AA5 ASP A 92  ? GLY A 107 ? ASP A 92  GLY A 107 1 ? 16 
HELX_P HELX_P6  AA6 GLY A 107 ? GLY A 113 ? GLY A 107 GLY A 113 1 ? 7  
HELX_P HELX_P7  AA7 PHE A 114 ? GLN A 123 ? PHE A 114 GLN A 123 1 ? 10 
HELX_P HELX_P8  AA8 ARG A 125 ? LYS A 135 ? ARG A 125 LYS A 135 1 ? 11 
HELX_P HELX_P9  AA9 SER A 136 ? THR A 142 ? SER A 136 THR A 142 1 ? 7  
HELX_P HELX_P10 AB1 THR A 142 ? GLY A 156 ? THR A 142 GLY A 156 1 ? 15 
# 
_struct_conf_type.id          HELX_P 
_struct_conf_type.criteria    ? 
_struct_conf_type.reference   ? 
# 
_struct_sheet.id               AA1 
_struct_sheet.type             ? 
_struct_sheet.number_strands   3 
_struct_sheet.details          ? 
# 
loop_
_struct_sheet_order.sheet_id 
_struct_sheet_order.range_id_1 
_struct_sheet_order.range_id_2 
_struct_sheet_order.offset 
_struct_sheet_order.sense 
AA1 1 2 ? anti-parallel 
AA1 2 3 ? anti-parallel 
# 
loop_
_struct_sheet_range.sheet_id 
_struct_sheet_range.id 
_struct_sheet_range.beg_label_comp_id 
_struct_sheet_range.beg_label_asym_id 
_struct_sheet_range.beg_label_seq_id 
_struct_sheet_range.pdbx_beg_PDB_ins_code 
_struct_sheet_range.end_label_comp_id 
_struct_sheet_range.end_label_asym_id 
_struct_sheet_range.end_label_seq_id 
_struct_sheet_range.pdbx_end_PDB_ins_code 
_struct_sheet_range.beg_auth_comp_id 
_struct_sheet_range.beg_auth_asym_id 
_struct_sheet_range.beg_auth_seq_id 
_struct_sheet_range.end_auth_comp_id 
_struct_sheet_range.end_auth_asym_id 
_struct_sheet_range.end_auth_seq_id 
AA1 1 ARG A 14 ? LYS A 19 ? ARG A 14 LYS A 19 
AA1 2 TYR A 25 ? GLY A 28 ? TYR A 25 GLY A 28 
AA1 3 HIS A 31 ? THR A 34 ? HIS A 31 THR A 34 
# 
loop_
_pdbx_struct_sheet_hbond.sheet_id 
_pdbx_struct_sheet_hbond.range_id_1 
_pdbx_struct_sheet_hbond.range_id_2 
_pdbx_struct_sheet_hbond.range_1_label_atom_id 
_pdbx_struct_sheet_hbond.range_1_label_comp_id 
_pdbx_struct_sheet_hbond.range_1_label_asym_id 
_pdbx_struct_sheet_hbond.range_1_label_seq_id 
_pdbx_struct_sheet_hbond.range_1_PDB_ins_code 
_pdbx_struct_sheet_hbond.range_1_auth_atom_id 
_pdbx_struct_sheet_hbond.range_1_auth_comp_id 
_pdbx_struct_sheet_hbond.range_1_auth_asym_id 
_pdbx_struct_sheet_hbond.range_1_auth_seq_id 
_pdbx_struct_sheet_hbond.range_2_label_atom_id 
_pdbx_struct_sheet_hbond.range_2_label_comp_id 
_pdbx_struct_sheet_hbond.range_2_label_asym_id 
_pdbx_struct_sheet_hbond.range_2_label_seq_id 
_pdbx_struct_sheet_hbond.range_2_PDB_ins_code 
_pdbx_struct_sheet_hbond.range_2_auth_atom_id 
_pdbx_struct_sheet_hbond.range_2_auth_comp_id 
_pdbx_struct_sheet_hbond.range_2_auth_asym_id 
_pdbx_struct_sheet_hbond.range_2_auth_seq_id 
AA1 1 2 N TYR A 18 ? N TYR A 18 O THR A 26 ? O THR A 26 
AA1 2 3 N TYR A 25 ? N TYR A 25 O LEU A 33 ? O LEU A 33 
# 
loop_
_struct_site.id 
_struct_site.pdbx_evidence_code 
_struct_site.pdbx_auth_asym_id 
_struct_site.pdbx_auth_comp_id 
_struct_site.pdbx_auth_seq_id 
_struct_site.pdbx_auth_ins_code 
_struct_site.pdbx_num_residues 
_struct_site.details 
AC1 Software A ZNV 201 ? 11 'binding site for residue ZNV A 201' 
AC2 Software A BME 202 ? 5  'binding site for residue BME A 202' 
AC3 Software A TRS 203 ? 5  'binding site for residue TRS A 203' 
# 
loop_
_struct_site_gen.id 
_struct_site_gen.site_id 
_struct_site_gen.pdbx_num_res 
_struct_site_gen.label_comp_id 
_struct_site_gen.label_asym_id 
_struct_site_gen.label_seq_id 
_struct_site_gen.pdbx_auth_ins_code 
_struct_site_gen.auth_comp_id 
_struct_site_gen.auth_asym_id 
_struct_site_gen.auth_seq_id 
_struct_site_gen.label_atom_id 
_struct_site_gen.label_alt_id 
_struct_site_gen.symmetry 
_struct_site_gen.details 
1  AC1 11 LEU A 84  ? LEU A 84  . ? 1_555 ? 
2  AC1 11 VAL A 87  ? VAL A 87  . ? 1_555 ? 
3  AC1 11 TYR A 88  ? TYR A 88  . ? 1_555 ? 
4  AC1 11 LEU A 91  ? LEU A 91  . ? 1_555 ? 
5  AC1 11 ALA A 99  ? ALA A 99  . ? 1_555 ? 
6  AC1 11 MET A 102 ? MET A 102 . ? 1_555 ? 
7  AC1 11 VAL A 111 ? VAL A 111 . ? 1_555 ? 
8  AC1 11 PHE A 114 ? PHE A 114 . ? 1_555 ? 
9  AC1 11 LEU A 118 ? LEU A 118 . ? 1_555 ? 
10 AC1 11 LEU A 121 ? LEU A 121 . ? 1_555 ? 
11 AC1 11 PHE A 153 ? PHE A 153 . ? 1_555 ? 
12 AC2 5  GLY A 30  ? GLY A 30  . ? 1_555 ? 
13 AC2 5  LEU A 32  ? LEU A 32  . ? 1_555 ? 
14 AC2 5  ASP A 70  ? ASP A 70  . ? 1_555 ? 
15 AC2 5  PHE A 104 ? PHE A 104 . ? 1_555 ? 
16 AC2 5  TRS D .   ? TRS A 203 . ? 1_555 ? 
17 AC3 5  GLU A 11  ? GLU A 11  . ? 1_555 ? 
18 AC3 5  GLY A 30  ? GLY A 30  . ? 1_555 ? 
19 AC3 5  GLN A 105 ? GLN A 105 . ? 1_555 ? 
20 AC3 5  BME C .   ? BME A 202 . ? 1_555 ? 
21 AC3 5  HOH E .   ? HOH A 309 . ? 1_555 ? 
# 
_atom_sites.entry_id                    7LOB 
_atom_sites.Cartn_transf_matrix[1][1]   ? 
_atom_sites.Cartn_transf_matrix[1][2]   ? 
_atom_sites.Cartn_transf_matrix[1][3]   ? 
_atom_sites.Cartn_transf_matrix[2][1]   ? 
_atom_sites.Cartn_transf_matrix[2][2]   ? 
_atom_sites.Cartn_transf_matrix[2][3]   ? 
_atom_sites.Cartn_transf_matrix[3][1]   ? 
_atom_sites.Cartn_transf_matrix[3][2]   ? 
_atom_sites.Cartn_transf_matrix[3][3]   ? 
_atom_sites.Cartn_transf_vector[1]      ? 
_atom_sites.Cartn_transf_vector[2]      ? 
_atom_sites.Cartn_transf_vector[3]      ? 
_atom_sites.fract_transf_matrix[1][1]   0.00238364 
_atom_sites.fract_transf_matrix[1][2]   -0.01621495 
_atom_sites.fract_transf_matrix[1][3]   0.00983523 
_atom_sites.fract_transf_matrix[2][1]   0.01217764 
_atom_sites.fract_transf_matrix[2][2]   -0.01330852 
_atom_sites.fract_transf_matrix[2][3]   -0.00631928 
_atom_sites.fract_transf_matrix[3][1]   0.00766102 
_atom_sites.fract_transf_matrix[3][2]   0.00442647 
_atom_sites.fract_transf_matrix[3][3]   0.00544103 
_atom_sites.fract_transf_vector[1]      -0.453106 
_atom_sites.fract_transf_vector[2]      0.320746 
_atom_sites.fract_transf_vector[3]      -0.066662 
_atom_sites.solution_primary            ? 
_atom_sites.solution_secondary          ? 
_atom_sites.solution_hydrogens          ? 
_atom_sites.special_details             ? 
# 
loop_
_atom_type.symbol 
C 
F 
N 
O 
S 
# 
loop_
_atom_site.group_PDB 
_atom_site.id 
_atom_site.type_symbol 
_atom_site.label_atom_id 
_atom_site.label_alt_id 
_atom_site.label_comp_id 
_atom_site.label_asym_id 
_atom_site.label_entity_id 
_atom_site.label_seq_id 
_atom_site.pdbx_PDB_ins_code 
_atom_site.Cartn_x 
_atom_site.Cartn_y 
_atom_site.Cartn_z 
_atom_site.occupancy 
_atom_site.B_iso_or_equiv 
_atom_site.pdbx_formal_charge 
_atom_site.auth_seq_id 
_atom_site.auth_comp_id 
_atom_site.auth_asym_id 
_atom_site.auth_atom_id 
_atom_site.pdbx_PDB_model_num 
ATOM   1    N N   . MET A 1 1   ? 3.173   10.241  -13.927 1.00 22.20 ? 1   MET A N   1 
ATOM   2    C CA  . MET A 1 1   ? 2.812   9.444   -12.759 1.00 18.41 ? 1   MET A CA  1 
ATOM   3    C C   . MET A 1 1   ? 3.869   8.395   -12.402 1.00 15.39 ? 1   MET A C   1 
ATOM   4    O O   . MET A 1 1   ? 4.569   7.847   -13.262 1.00 15.42 ? 1   MET A O   1 
ATOM   5    C CB  . MET A 1 1   ? 1.428   8.816   -12.900 1.00 25.05 ? 1   MET A CB  1 
ATOM   6    C CG  . MET A 1 1   ? 0.763   8.547   -11.552 1.00 16.73 ? 1   MET A CG  1 
ATOM   7    S SD  . MET A 1 1   ? -0.220  9.938   -11.031 1.00 37.54 ? 1   MET A SD  1 
ATOM   8    C CE  . MET A 1 1   ? -1.246  10.000  -12.483 1.00 25.31 ? 1   MET A CE  1 
ATOM   9    N N   . ASN A 1 2   ? 3.987   8.152   -11.099 1.00 13.39 ? 2   ASN A N   1 
ATOM   10   C CA  . ASN A 1 2   ? 4.932   7.200   -10.534 1.00 12.23 ? 2   ASN A CA  1 
ATOM   11   C C   . ASN A 1 2   ? 4.335   6.726   -9.215  1.00 11.47 ? 2   ASN A C   1 
ATOM   12   O O   . ASN A 1 2   ? 3.296   7.221   -8.780  1.00 11.40 ? 2   ASN A O   1 
ATOM   13   C CB  . ASN A 1 2   ? 6.327   7.828   -10.360 1.00 13.24 ? 2   ASN A CB  1 
ATOM   14   C CG  . ASN A 1 2   ? 6.309   9.040   -9.453  1.00 13.48 ? 2   ASN A CG  1 
ATOM   15   O OD1 . ASN A 1 2   ? 5.882   8.954   -8.301  1.00 13.19 ? 2   ASN A OD1 1 
ATOM   16   N ND2 . ASN A 1 2   ? 6.778   10.183  -9.964  1.00 14.40 ? 2   ASN A ND2 1 
ATOM   17   N N   . ILE A 1 3   ? 5.009   5.782   -8.559  1.00 11.24 ? 3   ILE A N   1 
ATOM   18   C CA  . ILE A 1 3   ? 4.446   5.172   -7.355  1.00 11.36 ? 3   ILE A CA  1 
ATOM   19   C C   . ILE A 1 3   ? 4.238   6.207   -6.254  1.00 11.12 ? 3   ILE A C   1 
ATOM   20   O O   . ILE A 1 3   ? 3.282   6.116   -5.471  1.00 11.32 ? 3   ILE A O   1 
ATOM   21   C CB  . ILE A 1 3   ? 5.302   3.978   -6.885  1.00 10.73 ? 3   ILE A CB  1 
ATOM   22   C CG1 . ILE A 1 3   ? 4.687   3.306   -5.653  1.00 11.86 ? 3   ILE A CG1 1 
ATOM   23   C CG2 . ILE A 1 3   ? 6.738   4.411   -6.589  1.00 13.53 ? 3   ILE A CG2 1 
ATOM   24   C CD1 . ILE A 1 3   ? 3.256   2.813   -5.829  1.00 11.80 ? 3   ILE A CD1 1 
ATOM   25   N N   . PHE A 1 4   ? 5.150   7.184   -6.144  1.00 10.76 ? 4   PHE A N   1 
ATOM   26   C CA  . PHE A 1 4   ? 4.997   8.205   -5.109  1.00 11.57 ? 4   PHE A CA  1 
ATOM   27   C C   . PHE A 1 4   ? 3.759   9.061   -5.347  1.00 12.03 ? 4   PHE A C   1 
ATOM   28   O O   . PHE A 1 4   ? 2.973   9.307   -4.420  1.00 12.42 ? 4   PHE A O   1 
ATOM   29   C CB  . PHE A 1 4   ? 6.264   9.059   -5.005  1.00 11.67 ? 4   PHE A CB  1 
ATOM   30   C CG  . PHE A 1 4   ? 7.457   8.272   -4.571  1.00 11.92 ? 4   PHE A CG  1 
ATOM   31   C CD1 . PHE A 1 4   ? 7.709   8.066   -3.228  1.00 15.82 ? 4   PHE A CD1 1 
ATOM   32   C CD2 . PHE A 1 4   ? 8.312   7.706   -5.497  1.00 13.14 ? 4   PHE A CD2 1 
ATOM   33   C CE1 . PHE A 1 4   ? 8.809   7.318   -2.822  1.00 16.10 ? 4   PHE A CE1 1 
ATOM   34   C CE2 . PHE A 1 4   ? 9.405   6.962   -5.097  1.00 16.80 ? 4   PHE A CE2 1 
ATOM   35   C CZ  . PHE A 1 4   ? 9.650   6.769   -3.757  1.00 16.04 ? 4   PHE A CZ  1 
ATOM   36   N N   . GLU A 1 5   ? 3.562   9.527   -6.586  1.00 12.03 ? 5   GLU A N   1 
ATOM   37   C CA  . GLU A 1 5   ? 2.378   10.332  -6.882  1.00 13.48 ? 5   GLU A CA  1 
ATOM   38   C C   . GLU A 1 5   ? 1.104   9.521   -6.689  1.00 12.97 ? 5   GLU A C   1 
ATOM   39   O O   . GLU A 1 5   ? 0.105   10.033  -6.168  1.00 12.74 ? 5   GLU A O   1 
ATOM   40   C CB  . GLU A 1 5   ? 2.439   10.900  -8.305  1.00 14.75 ? 5   GLU A CB  1 
ATOM   41   C CG  . GLU A 1 5   ? 3.554   11.911  -8.548  1.00 18.86 ? 5   GLU A CG  1 
ATOM   42   C CD  . GLU A 1 5   ? 3.492   12.532  -9.934  1.00 24.31 ? 5   GLU A CD  1 
ATOM   43   O OE1 . GLU A 1 5   ? 2.485   12.321  -10.648 1.00 28.00 ? 5   GLU A OE1 1 
ATOM   44   O OE2 . GLU A 1 5   ? 4.456   13.232  -10.312 1.00 28.86 ? 5   GLU A OE2 1 
ATOM   45   N N   . MET A 1 6   ? 1.126   8.253   -7.103  1.00 11.83 ? 6   MET A N   1 
ATOM   46   C CA  . MET A 1 6   ? -0.046  7.387   -6.995  1.00 11.39 ? 6   MET A CA  1 
ATOM   47   C C   . MET A 1 6   ? -0.454  7.206   -5.538  1.00 11.52 ? 6   MET A C   1 
ATOM   48   O O   . MET A 1 6   ? -1.615  7.413   -5.163  1.00 11.41 ? 6   MET A O   1 
ATOM   49   C CB  . MET A 1 6   ? 0.306   6.039   -7.610  1.00 11.68 ? 6   MET A CB  1 
ATOM   50   C CG  . MET A 1 6   ? -0.833  5.037   -7.629  1.00 11.12 ? 6   MET A CG  1 
ATOM   51   S SD  . MET A 1 6   ? -0.176  3.388   -7.911  1.00 11.53 ? 6   MET A SD  1 
ATOM   52   C CE  . MET A 1 6   ? -1.584  2.554   -8.638  1.00 13.65 ? 6   MET A CE  1 
ATOM   53   N N   . LEU A 1 7   ? 0.509   6.851   -4.682  1.00 11.49 ? 7   LEU A N   1 
ATOM   54   C CA  . LEU A 1 7   ? 0.187   6.632   -3.279  1.00 11.51 ? 7   LEU A CA  1 
ATOM   55   C C   . LEU A 1 7   ? -0.112  7.943   -2.556  1.00 11.66 ? 7   LEU A C   1 
ATOM   56   O O   . LEU A 1 7   ? -0.918  7.958   -1.620  1.00 12.87 ? 7   LEU A O   1 
ATOM   57   C CB  . LEU A 1 7   ? 1.307   5.851   -2.590  1.00 11.70 ? 7   LEU A CB  1 
ATOM   58   C CG  . LEU A 1 7   ? 1.244   4.334   -2.759  1.00 11.75 ? 7   LEU A CG  1 
ATOM   59   C CD1 . LEU A 1 7   ? 2.568   3.705   -2.318  1.00 12.64 ? 7   LEU A CD1 1 
ATOM   60   C CD2 . LEU A 1 7   ? 0.076   3.767   -1.964  1.00 12.53 ? 7   LEU A CD2 1 
ATOM   61   N N   . ARG A 1 8   ? 0.504   9.053   -2.974  1.00 12.08 ? 8   ARG A N   1 
ATOM   62   C CA  . ARG A 1 8   ? 0.150   10.335  -2.370  1.00 13.37 ? 8   ARG A CA  1 
ATOM   63   C C   . ARG A 1 8   ? -1.313  10.676  -2.626  1.00 13.81 ? 8   ARG A C   1 
ATOM   64   O O   . ARG A 1 8   ? -2.007  11.190  -1.742  1.00 14.74 ? 8   ARG A O   1 
ATOM   65   C CB  . ARG A 1 8   ? 1.075   11.433  -2.897  1.00 15.25 ? 8   ARG A CB  1 
ATOM   66   C CG  . ARG A 1 8   ? 0.668   12.850  -2.528  1.00 16.63 ? 8   ARG A CG  1 
ATOM   67   C CD  . ARG A 1 8   ? 0.735   13.104  -1.032  1.00 19.40 ? 8   ARG A CD  1 
ATOM   68   N NE  . ARG A 1 8   ? 0.399   14.492  -0.731  1.00 20.68 ? 8   ARG A NE  1 
ATOM   69   C CZ  . ARG A 1 8   ? -0.842  14.961  -0.683  1.00 23.33 ? 8   ARG A CZ  1 
ATOM   70   N NH1 . ARG A 1 8   ? -1.867  14.154  -0.916  1.00 22.45 ? 8   ARG A NH1 1 
ATOM   71   N NH2 . ARG A 1 8   ? -1.057  16.244  -0.408  1.00 27.19 ? 8   ARG A NH2 1 
ATOM   72   N N   . ILE A 1 9   ? -1.809  10.369  -3.828  1.00 13.23 ? 9   ILE A N   1 
ATOM   73   C CA  . ILE A 1 9   ? -3.230  10.553  -4.126  1.00 14.64 ? 9   ILE A CA  1 
ATOM   74   C C   . ILE A 1 9   ? -4.084  9.641   -3.251  1.00 12.74 ? 9   ILE A C   1 
ATOM   75   O O   . ILE A 1 9   ? -5.073  10.075  -2.650  1.00 14.54 ? 9   ILE A O   1 
ATOM   76   C CB  . ILE A 1 9   ? -3.502  10.314  -5.623  1.00 13.90 ? 9   ILE A CB  1 
ATOM   77   C CG1 . ILE A 1 9   ? -2.917  11.452  -6.458  1.00 16.23 ? 9   ILE A CG1 1 
ATOM   78   C CG2 . ILE A 1 9   ? -5.001  10.123  -5.895  1.00 16.11 ? 9   ILE A CG2 1 
ATOM   79   C CD1 . ILE A 1 9   ? -2.817  11.138  -7.947  1.00 17.16 ? 9   ILE A CD1 1 
ATOM   80   N N   . ASP A 1 10  ? -3.705  8.365   -3.154  1.00 12.05 ? 10  ASP A N   1 
ATOM   81   C CA  . ASP A 1 10  ? -4.523  7.398   -2.426  1.00 11.63 ? 10  ASP A CA  1 
ATOM   82   C C   . ASP A 1 10  ? -4.502  7.631   -0.918  1.00 11.63 ? 10  ASP A C   1 
ATOM   83   O O   . ASP A 1 10  ? -5.495  7.349   -0.241  1.00 12.92 ? 10  ASP A O   1 
ATOM   84   C CB  . ASP A 1 10  ? -4.070  5.972   -2.735  1.00 11.70 ? 10  ASP A CB  1 
ATOM   85   C CG  . ASP A 1 10  ? -4.518  5.502   -4.106  1.00 12.18 ? 10  ASP A CG  1 
ATOM   86   O OD1 . ASP A 1 10  ? -5.554  6.005   -4.597  1.00 12.44 ? 10  ASP A OD1 1 
ATOM   87   O OD2 . ASP A 1 10  ? -3.837  4.627   -4.698  1.00 12.70 ? 10  ASP A OD2 1 
ATOM   88   N N   . GLU A 1 11  ? -3.391  8.125   -0.367  1.00 11.69 ? 11  GLU A N   1 
ATOM   89   C CA  . GLU A 1 11  ? -3.245  8.242   1.081   1.00 11.52 ? 11  GLU A CA  1 
ATOM   90   C C   . GLU A 1 11  ? -3.449  9.653   1.611   1.00 12.61 ? 11  GLU A C   1 
ATOM   91   O O   . GLU A 1 11  ? -3.729  9.804   2.806   1.00 14.22 ? 11  GLU A O   1 
ATOM   92   C CB  . GLU A 1 11  ? -1.866  7.737   1.541   1.00 12.26 ? 11  GLU A CB  1 
ATOM   93   C CG  . GLU A 1 11  ? -1.562  6.304   1.142   1.00 13.16 ? 11  GLU A CG  1 
ATOM   94   C CD  . GLU A 1 11  ? -2.333  5.279   1.952   1.00 12.74 ? 11  GLU A CD  1 
ATOM   95   O OE1 . GLU A 1 11  ? -2.854  5.620   3.044   1.00 14.29 ? 11  GLU A OE1 1 
ATOM   96   O OE2 . GLU A 1 11  ? -2.430  4.119   1.485   1.00 14.76 ? 11  GLU A OE2 1 
ATOM   97   N N   . GLY A 1 12  ? -3.303  10.670  0.782   1.00 12.46 ? 12  GLY A N   1 
ATOM   98   C CA  . GLY A 1 12  ? -3.350  12.036  1.296   1.00 14.05 ? 12  GLY A CA  1 
ATOM   99   C C   . GLY A 1 12  ? -2.106  12.387  2.110   1.00 13.42 ? 12  GLY A C   1 
ATOM   100  O O   . GLY A 1 12  ? -1.125  11.641  2.174   1.00 13.57 ? 12  GLY A O   1 
ATOM   101  N N   . LEU A 1 13  ? -2.166  13.557  2.751   1.00 14.00 ? 13  LEU A N   1 
ATOM   102  C CA  . LEU A 1 13  ? -1.088  14.032  3.612   1.00 14.70 ? 13  LEU A CA  1 
ATOM   103  C C   . LEU A 1 13  ? -1.699  14.690  4.837   1.00 16.58 ? 13  LEU A C   1 
ATOM   104  O O   . LEU A 1 13  ? -2.445  15.666  4.711   1.00 16.73 ? 13  LEU A O   1 
ATOM   105  C CB  . LEU A 1 13  ? -0.203  15.038  2.876   1.00 15.89 ? 13  LEU A CB  1 
ATOM   106  C CG  . LEU A 1 13  ? 0.854   15.740  3.738   1.00 17.25 ? 13  LEU A CG  1 
ATOM   107  C CD1 . LEU A 1 13  ? 1.873   14.752  4.273   1.00 16.82 ? 13  LEU A CD1 1 
ATOM   108  C CD2 . LEU A 1 13  ? 1.535   16.853  2.958   1.00 21.40 ? 13  LEU A CD2 1 
ATOM   109  N N   . ARG A 1 14  ? -1.376  14.162  6.017   1.00 15.65 ? 14  ARG A N   1 
ATOM   110  C CA  . ARG A 1 14  ? -1.794  14.752  7.282   1.00 16.18 ? 14  ARG A CA  1 
ATOM   111  C C   . ARG A 1 14  ? -0.601  14.806  8.223   1.00 15.16 ? 14  ARG A C   1 
ATOM   112  O O   . ARG A 1 14  ? 0.110   13.812  8.394   1.00 15.17 ? 14  ARG A O   1 
ATOM   113  C CB  . ARG A 1 14  ? -2.918  13.938  7.910   1.00 17.18 ? 14  ARG A CB  1 
ATOM   114  C CG  . ARG A 1 14  ? -4.218  14.090  7.159   1.00 18.18 ? 14  ARG A CG  1 
ATOM   115  C CD  . ARG A 1 14  ? -5.210  13.021  7.555   1.00 21.70 ? 14  ARG A CD  1 
ATOM   116  N NE  . ARG A 1 14  ? -6.439  13.126  6.778   1.00 26.23 ? 14  ARG A NE  1 
ATOM   117  C CZ  . ARG A 1 14  ? -6.661  12.495  5.628   1.00 26.58 ? 14  ARG A CZ  1 
ATOM   118  N NH1 . ARG A 1 14  ? -5.739  11.695  5.106   1.00 25.86 ? 14  ARG A NH1 1 
ATOM   119  N NH2 . ARG A 1 14  ? -7.819  12.660  4.999   1.00 29.87 ? 14  ARG A NH2 1 
ATOM   120  N N   . LEU A 1 15  ? -0.396  15.960  8.853   1.00 14.11 ? 15  LEU A N   1 
ATOM   121  C CA  . LEU A 1 15  ? 0.785   16.164  9.679   1.00 14.37 ? 15  LEU A CA  1 
ATOM   122  C C   . LEU A 1 15  ? 0.554   15.851  11.151  1.00 14.00 ? 15  LEU A C   1 
ATOM   123  O O   . LEU A 1 15  ? 1.510   15.904  11.931  1.00 15.51 ? 15  LEU A O   1 
ATOM   124  C CB  . LEU A 1 15  ? 1.314   17.593  9.500   1.00 15.49 ? 15  LEU A CB  1 
ATOM   125  C CG  . LEU A 1 15  ? 1.723   17.950  8.072   1.00 17.13 ? 15  LEU A CG  1 
ATOM   126  C CD1 . LEU A 1 15  ? 2.388   19.316  8.065   1.00 20.33 ? 15  LEU A CD1 1 
ATOM   127  C CD2 . LEU A 1 15  ? 2.656   16.897  7.483   1.00 18.05 ? 15  LEU A CD2 1 
ATOM   128  N N   . LYS A 1 16  ? -0.669  15.535  11.554  1.00 14.62 ? 16  LYS A N   1 
ATOM   129  C CA  . LYS A 1 16  ? -0.976  15.153  12.922  1.00 14.60 ? 16  LYS A CA  1 
ATOM   130  C C   . LYS A 1 16  ? -1.552  13.743  12.915  1.00 13.15 ? 16  LYS A C   1 
ATOM   131  O O   . LYS A 1 16  ? -2.152  13.307  11.920  1.00 13.31 ? 16  LYS A O   1 
ATOM   132  C CB  . LYS A 1 16  ? -1.889  16.231  13.583  1.00 19.47 ? 16  LYS A CB  1 
ATOM   133  C CG  . LYS A 1 16  ? -2.440  15.995  15.010  1.00 25.36 ? 16  LYS A CG  1 
ATOM   134  C CD  . LYS A 1 16  ? -3.559  14.996  15.061  1.00 26.57 ? 16  LYS A CD  1 
ATOM   135  C CE  . LYS A 1 16  ? -4.085  14.718  16.451  1.00 23.34 ? 16  LYS A CE  1 
ATOM   136  N NZ  . LYS A 1 16  ? -3.314  13.619  17.101  1.00 30.54 ? 16  LYS A NZ  1 
ATOM   137  N N   . ILE A 1 17  ? -1.369  13.017  14.020  1.00 13.01 ? 17  ILE A N   1 
ATOM   138  C CA  . ILE A 1 17  ? -1.859  11.645  14.120  1.00 12.04 ? 17  ILE A CA  1 
ATOM   139  C C   . ILE A 1 17  ? -3.333  11.592  13.765  1.00 12.08 ? 17  ILE A C   1 
ATOM   140  O O   . ILE A 1 17  ? -4.136  12.399  14.242  1.00 14.85 ? 17  ILE A O   1 
ATOM   141  C CB  . ILE A 1 17  ? -1.604  11.085  15.530  1.00 13.34 ? 17  ILE A CB  1 
ATOM   142  C CG1 . ILE A 1 17  ? -0.103  10.904  15.768  1.00 13.58 ? 17  ILE A CG1 1 
ATOM   143  C CG2 . ILE A 1 17  ? -2.341  9.757   15.719  1.00 14.41 ? 17  ILE A CG2 1 
ATOM   144  C CD1 . ILE A 1 17  ? 0.238   10.341  17.151  1.00 15.46 ? 17  ILE A CD1 1 
ATOM   145  N N   . TYR A 1 18  ? -3.694  10.641  12.911  1.00 12.28 ? 18  TYR A N   1 
ATOM   146  C CA  . TYR A 1 18  ? -5.069  10.403  12.501  1.00 12.44 ? 18  TYR A CA  1 
ATOM   147  C C   . TYR A 1 18  ? -5.338  8.908   12.565  1.00 12.66 ? 18  TYR A C   1 
ATOM   148  O O   . TYR A 1 18  ? -4.475  8.109   12.931  1.00 13.57 ? 18  TYR A O   1 
ATOM   149  C CB  . TYR A 1 18  ? -5.358  10.994  11.114  1.00 14.41 ? 18  TYR A CB  1 
ATOM   150  C CG  . TYR A 1 18  ? -4.594  10.385  9.941   1.00 13.20 ? 18  TYR A CG  1 
ATOM   151  C CD1 . TYR A 1 18  ? -3.294  10.790  9.639   1.00 14.18 ? 18  TYR A CD1 1 
ATOM   152  C CD2 . TYR A 1 18  ? -5.193  9.441   9.105   1.00 13.64 ? 18  TYR A CD2 1 
ATOM   153  C CE1 . TYR A 1 18  ? -2.607  10.259  8.562   1.00 13.35 ? 18  TYR A CE1 1 
ATOM   154  C CE2 . TYR A 1 18  ? -4.502  8.903   8.032   1.00 14.13 ? 18  TYR A CE2 1 
ATOM   155  C CZ  . TYR A 1 18  ? -3.218  9.325   7.753   1.00 14.03 ? 18  TYR A CZ  1 
ATOM   156  O OH  . TYR A 1 18  ? -2.523  8.800   6.678   1.00 13.86 ? 18  TYR A OH  1 
ATOM   157  N N   . LYS A 1 19  ? -6.546  8.508   12.196  1.00 13.43 ? 19  LYS A N   1 
ATOM   158  C CA  . LYS A 1 19  ? -6.890  7.094   12.129  1.00 14.86 ? 19  LYS A CA  1 
ATOM   159  C C   . LYS A 1 19  ? -7.128  6.691   10.682  1.00 12.68 ? 19  LYS A C   1 
ATOM   160  O O   . LYS A 1 19  ? -7.736  7.443   9.914   1.00 14.84 ? 19  LYS A O   1 
ATOM   161  C CB  . LYS A 1 19  ? -8.134  6.776   12.954  1.00 14.91 ? 19  LYS A CB  1 
ATOM   162  C CG  . LYS A 1 19  ? -7.913  6.903   14.449  1.00 15.50 ? 19  LYS A CG  1 
ATOM   163  C CD  . LYS A 1 19  ? -9.158  6.480   15.212  1.00 16.28 ? 19  LYS A CD  1 
ATOM   164  C CE  . LYS A 1 19  ? -8.917  6.456   16.716  1.00 17.67 ? 19  LYS A CE  1 
ATOM   165  N NZ  . LYS A 1 19  ? -10.161 6.027   17.413  1.00 18.39 ? 19  LYS A NZ  1 
ATOM   166  N N   . ASP A 1 20  ? -6.614  5.523   10.312  1.00 13.01 ? 20  ASP A N   1 
ATOM   167  C CA  . ASP A 1 20  ? -6.851  4.991   8.977   1.00 12.30 ? 20  ASP A CA  1 
ATOM   168  C C   . ASP A 1 20  ? -8.280  4.455   8.871   1.00 13.18 ? 20  ASP A C   1 
ATOM   169  O O   . ASP A 1 20  ? -9.087  4.561   9.798   1.00 13.23 ? 20  ASP A O   1 
ATOM   170  C CB  . ASP A 1 20  ? -5.754  4.007   8.574   1.00 14.55 ? 20  ASP A CB  1 
ATOM   171  C CG  . ASP A 1 20  ? -5.837  2.671   9.295   1.00 13.03 ? 20  ASP A CG  1 
ATOM   172  O OD1 . ASP A 1 20  ? -6.809  2.402   10.032  1.00 13.87 ? 20  ASP A OD1 1 
ATOM   173  O OD2 . ASP A 1 20  ? -4.899  1.856   9.117   1.00 16.56 ? 20  ASP A OD2 1 
ATOM   174  N N   . THR A 1 21  ? -8.606  3.846   7.728   1.00 12.28 ? 21  THR A N   1 
ATOM   175  C CA  . THR A 1 21  ? -9.966  3.366   7.514   1.00 12.87 ? 21  THR A CA  1 
ATOM   176  C C   . THR A 1 21  ? -10.335 2.233   8.459   1.00 14.26 ? 21  THR A C   1 
ATOM   177  O O   . THR A 1 21  ? -11.530 1.966   8.641   1.00 15.64 ? 21  THR A O   1 
ATOM   178  C CB  . THR A 1 21  ? -10.181 2.940   6.053   1.00 15.17 ? 21  THR A CB  1 
ATOM   179  O OG1 . THR A 1 21  ? -9.406  1.774   5.770   1.00 21.48 ? 21  THR A OG1 1 
ATOM   180  C CG2 . THR A 1 21  ? -9.776  4.037   5.098   1.00 18.58 ? 21  THR A CG2 1 
ATOM   181  N N   . GLU A 1 22  ? -9.352  1.532   9.023   1.00 13.91 ? 22  GLU A N   1 
ATOM   182  C CA  . GLU A 1 22  ? -9.593  0.461   9.976   1.00 14.43 ? 22  GLU A CA  1 
ATOM   183  C C   . GLU A 1 22  ? -9.603  0.951   11.415  1.00 13.94 ? 22  GLU A C   1 
ATOM   184  O O   . GLU A 1 22  ? -9.810  0.146   12.329  1.00 16.98 ? 22  GLU A O   1 
ATOM   185  C CB  . GLU A 1 22  ? -8.540  -0.645  9.821   1.00 16.91 ? 22  GLU A CB  1 
ATOM   186  C CG  . GLU A 1 22  ? -8.454  -1.237  8.416   1.00 19.95 ? 22  GLU A CG  1 
ATOM   187  C CD  . GLU A 1 22  ? -9.633  -2.123  8.062   1.00 21.39 ? 22  GLU A CD  1 
ATOM   188  O OE1 . GLU A 1 22  ? -10.346 -2.585  8.978   1.00 21.48 ? 22  GLU A OE1 1 
ATOM   189  O OE2 . GLU A 1 22  ? -9.854  -2.349  6.853   1.00 25.02 ? 22  GLU A OE2 1 
ATOM   190  N N   . GLY A 1 23  ? -9.384  2.247   11.636  1.00 14.16 ? 23  GLY A N   1 
ATOM   191  C CA  . GLY A 1 23  ? -9.361  2.805   12.972  1.00 16.31 ? 23  GLY A CA  1 
ATOM   192  C C   . GLY A 1 23  ? -8.010  2.825   13.653  1.00 13.11 ? 23  GLY A C   1 
ATOM   193  O O   . GLY A 1 23  ? -7.956  3.093   14.858  1.00 15.56 ? 23  GLY A O   1 
ATOM   194  N N   . TYR A 1 24  ? -6.922  2.576   12.929  1.00 12.76 ? 24  TYR A N   1 
ATOM   195  C CA  . TYR A 1 24  ? -5.597  2.483   13.530  1.00 12.38 ? 24  TYR A CA  1 
ATOM   196  C C   . TYR A 1 24  ? -4.848  3.804   13.419  1.00 11.58 ? 24  TYR A C   1 
ATOM   197  O O   . TYR A 1 24  ? -4.903  4.478   12.391  1.00 11.70 ? 24  TYR A O   1 
ATOM   198  C CB  . TYR A 1 24  ? -4.763  1.402   12.852  1.00 14.93 ? 24  TYR A CB  1 
ATOM   199  C CG  . TYR A 1 24  ? -5.322  0.005   13.007  1.00 16.02 ? 24  TYR A CG  1 
ATOM   200  C CD1 . TYR A 1 24  ? -5.716  -0.472  14.249  1.00 17.43 ? 24  TYR A CD1 1 
ATOM   201  C CD2 . TYR A 1 24  ? -5.442  -0.838  11.908  1.00 17.91 ? 24  TYR A CD2 1 
ATOM   202  C CE1 . TYR A 1 24  ? -6.224  -1.756  14.395  1.00 20.75 ? 24  TYR A CE1 1 
ATOM   203  C CE2 . TYR A 1 24  ? -5.942  -2.125  12.044  1.00 20.14 ? 24  TYR A CE2 1 
ATOM   204  C CZ  . TYR A 1 24  ? -6.334  -2.575  13.289  1.00 21.20 ? 24  TYR A CZ  1 
ATOM   205  O OH  . TYR A 1 24  ? -6.839  -3.856  13.425  1.00 24.69 ? 24  TYR A OH  1 
ATOM   206  N N   . TYR A 1 25  ? -4.097  4.150   14.465  1.00 12.04 ? 25  TYR A N   1 
ATOM   207  C CA  . TYR A 1 25  ? -3.338  5.399   14.469  1.00 12.18 ? 25  TYR A CA  1 
ATOM   208  C C   . TYR A 1 25  ? -2.274  5.415   13.375  1.00 10.11 ? 25  TYR A C   1 
ATOM   209  O O   . TYR A 1 25  ? -1.482  4.476   13.245  1.00 12.61 ? 25  TYR A O   1 
ATOM   210  C CB  . TYR A 1 25  ? -2.688  5.611   15.833  1.00 11.85 ? 25  TYR A CB  1 
ATOM   211  C CG  . TYR A 1 25  ? -3.683  5.932   16.923  1.00 12.33 ? 25  TYR A CG  1 
ATOM   212  C CD1 . TYR A 1 25  ? -4.531  7.027   16.813  1.00 12.93 ? 25  TYR A CD1 1 
ATOM   213  C CD2 . TYR A 1 25  ? -3.788  5.135   18.052  1.00 14.06 ? 25  TYR A CD2 1 
ATOM   214  C CE1 . TYR A 1 25  ? -5.452  7.327   17.817  1.00 16.03 ? 25  TYR A CE1 1 
ATOM   215  C CE2 . TYR A 1 25  ? -4.693  5.435   19.066  1.00 15.69 ? 25  TYR A CE2 1 
ATOM   216  C CZ  . TYR A 1 25  ? -5.525  6.522   18.933  1.00 15.04 ? 25  TYR A CZ  1 
ATOM   217  O OH  . TYR A 1 25  ? -6.433  6.811   19.936  1.00 20.75 ? 25  TYR A OH  1 
ATOM   218  N N   . THR A 1 26  ? -2.243  6.518   12.631  1.00 11.14 ? 26  THR A N   1 
ATOM   219  C CA  . THR A 1 26  ? -1.477  6.693   11.408  1.00 10.66 ? 26  THR A CA  1 
ATOM   220  C C   . THR A 1 26  ? -1.015  8.146   11.376  1.00 10.24 ? 26  THR A C   1 
ATOM   221  O O   . THR A 1 26  ? -1.566  8.994   12.080  1.00 11.51 ? 26  THR A O   1 
ATOM   222  C CB  . THR A 1 26  ? -2.420  6.367   10.221  1.00 11.71 ? 26  THR A CB  1 
ATOM   223  O OG1 . THR A 1 26  ? -2.981  5.059   10.400  1.00 12.52 ? 26  THR A OG1 1 
ATOM   224  C CG2 . THR A 1 26  ? -1.726  6.406   8.866   1.00 11.86 ? 26  THR A CG2 1 
ATOM   225  N N   . ILE A 1 27  ? -0.024  8.453   10.547  1.00 10.86 ? 27  ILE A N   1 
ATOM   226  C CA  . ILE A 1 27  ? 0.395   9.841   10.351  1.00 11.52 ? 27  ILE A CA  1 
ATOM   227  C C   . ILE A 1 27  ? 0.980   9.991   8.953   1.00 10.81 ? 27  ILE A C   1 
ATOM   228  O O   . ILE A 1 27  ? 1.352   9.008   8.304   1.00 10.90 ? 27  ILE A O   1 
ATOM   229  C CB  . ILE A 1 27  ? 1.407   10.304  11.430  1.00 12.01 ? 27  ILE A CB  1 
ATOM   230  C CG1 . ILE A 1 27  ? 1.462   11.845  11.542  1.00 12.09 ? 27  ILE A CG1 1 
ATOM   231  C CG2 . ILE A 1 27  ? 2.764   9.682   11.144  1.00 13.32 ? 27  ILE A CG2 1 
ATOM   232  C CD1 . ILE A 1 27  ? 2.159   12.344  12.796  1.00 14.16 ? 27  ILE A CD1 1 
ATOM   233  N N   . GLY A 1 28  ? 1.064   11.232  8.488   1.00 11.60 ? 28  GLY A N   1 
ATOM   234  C CA  . GLY A 1 28  ? 1.793   11.504  7.260   1.00 11.89 ? 28  GLY A CA  1 
ATOM   235  C C   . GLY A 1 28  ? 1.026   11.044  6.033   1.00 11.25 ? 28  GLY A C   1 
ATOM   236  O O   . GLY A 1 28  ? -0.176  11.305  5.891   1.00 12.07 ? 28  GLY A O   1 
ATOM   237  N N   . ILE A 1 29  ? 1.743   10.382  5.122   1.00 11.13 ? 29  ILE A N   1 
ATOM   238  C CA  . ILE A 1 29  ? 1.173   9.810   3.907   1.00 10.58 ? 29  ILE A CA  1 
ATOM   239  C C   . ILE A 1 29  ? 0.912   8.331   4.177   1.00 10.32 ? 29  ILE A C   1 
ATOM   240  O O   . ILE A 1 29  ? 1.612   7.447   3.667   1.00 10.95 ? 29  ILE A O   1 
ATOM   241  C CB  . ILE A 1 29  ? 2.110   10.056  2.710   1.00 10.90 ? 29  ILE A CB  1 
ATOM   242  C CG1 . ILE A 1 29  ? 2.465   11.549  2.627   1.00 13.34 ? 29  ILE A CG1 1 
ATOM   243  C CG2 . ILE A 1 29  ? 1.469   9.577   1.414   1.00 12.22 ? 29  ILE A CG2 1 
ATOM   244  C CD1 . ILE A 1 29  ? 3.603   11.886  1.686   1.00 15.42 ? 29  ILE A CD1 1 
ATOM   245  N N   . GLY A 1 30  ? -0.061  8.060   5.044   1.00 11.00 ? 30  GLY A N   1 
ATOM   246  C CA  . GLY A 1 30  ? -0.452  6.692   5.325   1.00 12.17 ? 30  GLY A CA  1 
ATOM   247  C C   . GLY A 1 30  ? 0.550   5.857   6.098   1.00 11.12 ? 30  GLY A C   1 
ATOM   248  O O   . GLY A 1 30  ? 0.608   4.638   5.909   1.00 11.91 ? 30  GLY A O   1 
ATOM   249  N N   . HIS A 1 31  ? 1.331   6.458   6.989   1.00 10.67 ? 31  HIS A N   1 
ATOM   250  C CA  . HIS A 1 31  ? 2.285   5.693   7.786   1.00 10.72 ? 31  HIS A CA  1 
ATOM   251  C C   . HIS A 1 31  ? 1.594   5.128   9.025   1.00 11.81 ? 31  HIS A C   1 
ATOM   252  O O   . HIS A 1 31  ? 1.294   5.875   9.961   1.00 11.75 ? 31  HIS A O   1 
ATOM   253  C CB  . HIS A 1 31  ? 3.466   6.564   8.202   1.00 12.51 ? 31  HIS A CB  1 
ATOM   254  C CG  . HIS A 1 31  ? 4.475   5.815   9.003   1.00 12.63 ? 31  HIS A CG  1 
ATOM   255  N ND1 . HIS A 1 31  ? 5.435   5.021   8.416   1.00 14.06 ? 31  HIS A ND1 1 
ATOM   256  C CD2 . HIS A 1 31  ? 4.628   5.673   10.341  1.00 15.07 ? 31  HIS A CD2 1 
ATOM   257  C CE1 . HIS A 1 31  ? 6.161   4.447   9.360   1.00 14.35 ? 31  HIS A CE1 1 
ATOM   258  N NE2 . HIS A 1 31  ? 5.688   4.821   10.535  1.00 15.71 ? 31  HIS A NE2 1 
ATOM   259  N N   . LEU A 1 32  ? 1.372   3.809   9.055   1.00 12.26 ? 32  LEU A N   1 
ATOM   260  C CA  . LEU A 1 32  ? 0.785   3.178   10.233  1.00 12.26 ? 32  LEU A CA  1 
ATOM   261  C C   . LEU A 1 32  ? 1.729   3.318   11.422  1.00 12.65 ? 32  LEU A C   1 
ATOM   262  O O   . LEU A 1 32  ? 2.929   3.042   11.314  1.00 14.56 ? 32  LEU A O   1 
ATOM   263  C CB  . LEU A 1 32  ? 0.539   1.694   9.962   1.00 14.05 ? 32  LEU A CB  1 
ATOM   264  C CG  . LEU A 1 32  ? 0.113   0.840   11.161  1.00 15.04 ? 32  LEU A CG  1 
ATOM   265  C CD1 . LEU A 1 32  ? -1.285  1.216   11.662  1.00 16.08 ? 32  LEU A CD1 1 
ATOM   266  C CD2 . LEU A 1 32  ? 0.191   -0.651  10.843  1.00 20.32 ? 32  LEU A CD2 1 
ATOM   267  N N   . LEU A 1 33  ? 1.187   3.735   12.567  1.00 12.40 ? 33  LEU A N   1 
ATOM   268  C CA  . LEU A 1 33  ? 1.994   3.824   13.778  1.00 12.83 ? 33  LEU A CA  1 
ATOM   269  C C   . LEU A 1 33  ? 1.817   2.611   14.679  1.00 14.85 ? 33  LEU A C   1 
ATOM   270  O O   . LEU A 1 33  ? 2.802   2.044   15.157  1.00 16.47 ? 33  LEU A O   1 
ATOM   271  C CB  . LEU A 1 33  ? 1.679   5.117   14.545  1.00 13.55 ? 33  LEU A CB  1 
ATOM   272  C CG  . LEU A 1 33  ? 2.145   6.397   13.858  1.00 12.79 ? 33  LEU A CG  1 
ATOM   273  C CD1 . LEU A 1 33  ? 1.495   7.613   14.508  1.00 14.56 ? 33  LEU A CD1 1 
ATOM   274  C CD2 . LEU A 1 33  ? 3.664   6.496   13.921  1.00 13.13 ? 33  LEU A CD2 1 
ATOM   275  N N   . THR A 1 34  ? 0.577   2.197   14.919  1.00 14.90 ? 34  THR A N   1 
ATOM   276  C CA  . THR A 1 34  ? 0.326   1.054   15.783  1.00 14.68 ? 34  THR A CA  1 
ATOM   277  C C   . THR A 1 34  ? -1.107  0.595   15.584  1.00 15.92 ? 34  THR A C   1 
ATOM   278  O O   . THR A 1 34  ? -1.978  1.383   15.213  1.00 16.55 ? 34  THR A O   1 
ATOM   279  C CB  . THR A 1 34  ? 0.552   1.397   17.260  1.00 16.01 ? 34  THR A CB  1 
ATOM   280  O OG1 . THR A 1 34  ? 0.344   0.227   18.058  1.00 18.47 ? 34  THR A OG1 1 
ATOM   281  C CG2 . THR A 1 34  ? -0.410  2.480   17.715  1.00 16.17 ? 34  THR A CG2 1 
ATOM   282  N N   . LYS A 1 35  ? -1.336  -0.689  15.838  1.00 18.18 ? 35  LYS A N   1 
ATOM   283  C CA  . LYS A 1 35  ? -2.690  -1.218  15.915  1.00 17.28 ? 35  LYS A CA  1 
ATOM   284  C C   . LYS A 1 35  ? -3.243  -1.194  17.333  1.00 19.46 ? 35  LYS A C   1 
ATOM   285  O O   . LYS A 1 35  ? -4.407  -1.556  17.542  1.00 20.88 ? 35  LYS A O   1 
ATOM   286  C CB  . LYS A 1 35  ? -2.753  -2.629  15.318  1.00 20.05 ? 35  LYS A CB  1 
ATOM   287  C CG  . LYS A 1 35  ? -2.504  -2.633  13.821  1.00 17.88 ? 35  LYS A CG  1 
ATOM   288  C CD  . LYS A 1 35  ? -2.741  -3.989  13.184  1.00 21.37 ? 35  LYS A CD  1 
ATOM   289  C CE  . LYS A 1 35  ? -2.415  -3.927  11.701  1.00 23.30 ? 35  LYS A CE  1 
ATOM   290  N NZ  . LYS A 1 35  ? -2.825  -5.167  10.984  1.00 26.84 ? 35  LYS A NZ  1 
ATOM   291  N N   . SER A 1 36  ? -2.440  -0.754  18.298  1.00 20.54 ? 36  SER A N   1 
ATOM   292  C CA  . SER A 1 36  ? -2.887  -0.648  19.674  1.00 20.18 ? 36  SER A CA  1 
ATOM   293  C C   . SER A 1 36  ? -3.897  0.490   19.811  1.00 18.15 ? 36  SER A C   1 
ATOM   294  O O   . SER A 1 36  ? -3.781  1.517   19.138  1.00 18.25 ? 36  SER A O   1 
ATOM   295  C CB  . SER A 1 36  ? -1.689  -0.362  20.577  1.00 20.70 ? 36  SER A CB  1 
ATOM   296  O OG  . SER A 1 36  ? -2.091  0.155   21.835  1.00 24.13 ? 36  SER A OG  1 
ATOM   297  N N   . PRO A 1 37  ? -4.901  0.337   20.682  1.00 19.50 ? 37  PRO A N   1 
ATOM   298  C CA  . PRO A 1 37  ? -5.839  1.443   20.925  1.00 19.57 ? 37  PRO A CA  1 
ATOM   299  C C   . PRO A 1 37  ? -5.248  2.594   21.725  1.00 18.21 ? 37  PRO A C   1 
ATOM   300  O O   . PRO A 1 37  ? -5.931  3.609   21.914  1.00 21.45 ? 37  PRO A O   1 
ATOM   301  C CB  . PRO A 1 37  ? -6.982  0.766   21.700  1.00 23.26 ? 37  PRO A CB  1 
ATOM   302  C CG  . PRO A 1 37  ? -6.333  -0.398  22.363  1.00 22.98 ? 37  PRO A CG  1 
ATOM   303  C CD  . PRO A 1 37  ? -5.306  -0.893  21.381  1.00 22.20 ? 37  PRO A CD  1 
ATOM   304  N N   . SER A 1 38  ? -3.997  2.493   22.171  1.00 17.90 ? 38  SER A N   1 
ATOM   305  C CA  . SER A 1 38  ? -3.400  3.507   23.031  1.00 18.70 ? 38  SER A CA  1 
ATOM   306  C C   . SER A 1 38  ? -2.755  4.606   22.191  1.00 17.28 ? 38  SER A C   1 
ATOM   307  O O   . SER A 1 38  ? -1.806  4.347   21.438  1.00 17.18 ? 38  SER A O   1 
ATOM   308  C CB  . SER A 1 38  ? -2.363  2.867   23.950  1.00 19.65 ? 38  SER A CB  1 
ATOM   309  O OG  . SER A 1 38  ? -1.512  3.849   24.516  1.00 19.23 ? 38  SER A OG  1 
ATOM   310  N N   . LEU A 1 39  ? -3.258  5.836   22.337  1.00 16.69 ? 39  LEU A N   1 
ATOM   311  C CA  . LEU A 1 39  ? -2.631  6.978   21.678  1.00 16.63 ? 39  LEU A CA  1 
ATOM   312  C C   . LEU A 1 39  ? -1.198  7.183   22.157  1.00 14.54 ? 39  LEU A C   1 
ATOM   313  O O   . LEU A 1 39  ? -0.331  7.593   21.372  1.00 15.44 ? 39  LEU A O   1 
ATOM   314  C CB  . LEU A 1 39  ? -3.461  8.242   21.908  1.00 17.61 ? 39  LEU A CB  1 
ATOM   315  C CG  . LEU A 1 39  ? -2.945  9.541   21.281  1.00 17.45 ? 39  LEU A CG  1 
ATOM   316  C CD1 . LEU A 1 39  ? -2.786  9.408   19.768  1.00 17.63 ? 39  LEU A CD1 1 
ATOM   317  C CD2 . LEU A 1 39  ? -3.854  10.717  21.631  1.00 20.87 ? 39  LEU A CD2 1 
ATOM   318  N N   . ASN A 1 40  ? -0.923  6.900   23.434  1.00 16.86 ? 40  ASN A N   1 
ATOM   319  C CA  . ASN A 1 40  ? 0.446   7.021   23.924  1.00 16.21 ? 40  ASN A CA  1 
ATOM   320  C C   . ASN A 1 40  ? 1.367   6.039   23.210  1.00 15.46 ? 40  ASN A C   1 
ATOM   321  O O   . ASN A 1 40  ? 2.515   6.373   22.890  1.00 15.21 ? 40  ASN A O   1 
ATOM   322  C CB  . ASN A 1 40  ? 0.498   6.808   25.438  1.00 18.41 ? 40  ASN A CB  1 
ATOM   323  C CG  . ASN A 1 40  ? 0.010   8.012   26.217  1.00 20.69 ? 40  ASN A CG  1 
ATOM   324  O OD1 . ASN A 1 40  ? -0.001  9.134   25.711  1.00 23.18 ? 40  ASN A OD1 1 
ATOM   325  N ND2 . ASN A 1 40  ? -0.389  7.784   27.461  1.00 28.09 ? 40  ASN A ND2 1 
ATOM   326  N N   . ALA A 1 41  ? 0.885   4.818   22.960  1.00 15.92 ? 41  ALA A N   1 
ATOM   327  C CA  . ALA A 1 41  ? 1.678   3.855   22.199  1.00 15.87 ? 41  ALA A CA  1 
ATOM   328  C C   . ALA A 1 41  ? 1.973   4.380   20.802  1.00 15.80 ? 41  ALA A C   1 
ATOM   329  O O   . ALA A 1 41  ? 3.092   4.233   20.297  1.00 15.02 ? 41  ALA A O   1 
ATOM   330  C CB  . ALA A 1 41  ? 0.957   2.508   22.126  1.00 18.71 ? 41  ALA A CB  1 
ATOM   331  N N   . ALA A 1 42  ? 0.977   5.003   20.165  1.00 14.54 ? 42  ALA A N   1 
ATOM   332  C CA  . ALA A 1 42  ? 1.187   5.594   18.847  1.00 13.52 ? 42  ALA A CA  1 
ATOM   333  C C   . ALA A 1 42  ? 2.215   6.715   18.897  1.00 13.21 ? 42  ALA A C   1 
ATOM   334  O O   . ALA A 1 42  ? 3.073   6.815   18.012  1.00 13.01 ? 42  ALA A O   1 
ATOM   335  C CB  . ALA A 1 42  ? -0.140  6.126   18.310  1.00 13.83 ? 42  ALA A CB  1 
ATOM   336  N N   . LYS A 1 43  ? 2.119   7.587   19.906  1.00 13.67 ? 43  LYS A N   1 
ATOM   337  C CA  . LYS A 1 43  ? 3.071   8.690   20.042  1.00 14.07 ? 43  LYS A CA  1 
ATOM   338  C C   . LYS A 1 43  ? 4.489   8.181   20.276  1.00 12.54 ? 43  LYS A C   1 
ATOM   339  O O   . LYS A 1 43  ? 5.455   8.749   19.750  1.00 13.70 ? 43  LYS A O   1 
ATOM   340  C CB  . LYS A 1 43  ? 2.638   9.617   21.182  1.00 14.90 ? 43  LYS A CB  1 
ATOM   341  C CG  . LYS A 1 43  ? 1.418   10.461  20.838  1.00 14.81 ? 43  LYS A CG  1 
ATOM   342  C CD  . LYS A 1 43  ? 0.894   11.235  22.038  1.00 17.79 ? 43  LYS A CD  1 
ATOM   343  C CE  . LYS A 1 43  ? -0.102  12.291  21.587  1.00 17.99 ? 43  LYS A CE  1 
ATOM   344  N NZ  . LYS A 1 43  ? -0.598  13.095  22.741  1.00 22.88 ? 43  LYS A NZ  1 
ATOM   345  N N   . SER A 1 44  ? 4.626   7.095   21.040  1.00 13.69 ? 44  SER A N   1 
ATOM   346  C CA  . SER A 1 44  ? 5.942   6.497   21.239  1.00 14.93 ? 44  SER A CA  1 
ATOM   347  C C   . SER A 1 44  ? 6.507   5.966   19.927  1.00 13.75 ? 44  SER A C   1 
ATOM   348  O O   . SER A 1 44  ? 7.683   6.190   19.611  1.00 14.02 ? 44  SER A O   1 
ATOM   349  C CB  . SER A 1 44  ? 5.866   5.387   22.285  1.00 16.73 ? 44  SER A CB  1 
ATOM   350  O OG  . SER A 1 44  ? 5.650   5.914   23.583  1.00 24.66 ? 44  SER A OG  1 
ATOM   351  N N   . GLU A 1 45  ? 5.677   5.272   19.138  1.00 13.26 ? 45  GLU A N   1 
ATOM   352  C CA  . GLU A 1 45  ? 6.141   4.809   17.834  1.00 13.73 ? 45  GLU A CA  1 
ATOM   353  C C   . GLU A 1 45  ? 6.548   5.975   16.946  1.00 12.24 ? 45  GLU A C   1 
ATOM   354  O O   . GLU A 1 45  ? 7.554   5.899   16.229  1.00 14.01 ? 45  GLU A O   1 
ATOM   355  C CB  . GLU A 1 45  ? 5.060   3.973   17.145  1.00 13.37 ? 45  GLU A CB  1 
ATOM   356  C CG  . GLU A 1 45  ? 4.813   2.631   17.804  1.00 14.75 ? 45  GLU A CG  1 
ATOM   357  C CD  . GLU A 1 45  ? 6.052   1.750   17.797  1.00 16.15 ? 45  GLU A CD  1 
ATOM   358  O OE1 . GLU A 1 45  ? 6.612   1.501   16.711  1.00 16.87 ? 45  GLU A OE1 1 
ATOM   359  O OE2 . GLU A 1 45  ? 6.497   1.341   18.895  1.00 19.46 ? 45  GLU A OE2 1 
ATOM   360  N N   . LEU A 1 46  ? 5.783   7.067   16.978  1.00 11.84 ? 46  LEU A N   1 
ATOM   361  C CA  . LEU A 1 46  ? 6.115   8.222   16.154  1.00 12.10 ? 46  LEU A CA  1 
ATOM   362  C C   . LEU A 1 46  ? 7.478   8.794   16.531  1.00 11.30 ? 46  LEU A C   1 
ATOM   363  O O   . LEU A 1 46  ? 8.314   9.066   15.662  1.00 12.28 ? 46  LEU A O   1 
ATOM   364  C CB  . LEU A 1 46  ? 5.033   9.289   16.298  1.00 12.95 ? 46  LEU A CB  1 
ATOM   365  C CG  . LEU A 1 46  ? 5.275   10.576  15.512  1.00 12.40 ? 46  LEU A CG  1 
ATOM   366  C CD1 . LEU A 1 46  ? 5.350   10.297  14.014  1.00 13.85 ? 46  LEU A CD1 1 
ATOM   367  C CD2 . LEU A 1 46  ? 4.201   11.604  15.793  1.00 13.75 ? 46  LEU A CD2 1 
ATOM   368  N N   . ASP A 1 47  ? 7.714   9.007   17.829  1.00 12.13 ? 47  ASP A N   1 
ATOM   369  C CA  . ASP A 1 47  ? 8.979   9.594   18.265  1.00 12.31 ? 47  ASP A CA  1 
ATOM   370  C C   . ASP A 1 47  ? 10.159  8.719   17.861  1.00 12.38 ? 47  ASP A C   1 
ATOM   371  O O   . ASP A 1 47  ? 11.208  9.227   17.447  1.00 14.20 ? 47  ASP A O   1 
ATOM   372  C CB  . ASP A 1 47  ? 8.955   9.806   19.777  1.00 14.79 ? 47  ASP A CB  1 
ATOM   373  C CG  . ASP A 1 47  ? 7.989   10.900  20.202  1.00 16.14 ? 47  ASP A CG  1 
ATOM   374  O OD1 . ASP A 1 47  ? 7.419   11.587  19.333  1.00 16.24 ? 47  ASP A OD1 1 
ATOM   375  O OD2 . ASP A 1 47  ? 7.814   11.090  21.429  1.00 19.23 ? 47  ASP A OD2 1 
ATOM   376  N N   . LYS A 1 48  ? 10.000  7.401   17.978  1.00 12.75 ? 48  LYS A N   1 
ATOM   377  C CA  . LYS A 1 48  ? 11.028  6.463   17.539  1.00 13.93 ? 48  LYS A CA  1 
ATOM   378  C C   . LYS A 1 48  ? 11.259  6.560   16.032  1.00 13.30 ? 48  LYS A C   1 
ATOM   379  O O   . LYS A 1 48  ? 12.403  6.524   15.562  1.00 12.87 ? 48  LYS A O   1 
ATOM   380  C CB  . LYS A 1 48  ? 10.602  5.049   17.950  1.00 15.02 ? 48  LYS A CB  1 
ATOM   381  C CG  . LYS A 1 48  ? 11.423  3.910   17.379  1.00 16.79 ? 48  LYS A CG  1 
ATOM   382  C CD  . LYS A 1 48  ? 11.119  2.593   18.091  1.00 17.67 ? 48  LYS A CD  1 
ATOM   383  C CE  . LYS A 1 48  ? 9.658   2.178   17.966  1.00 18.18 ? 48  LYS A CE  1 
ATOM   384  N NZ  . LYS A 1 48  ? 9.377   1.455   16.698  1.00 16.88 ? 48  LYS A NZ  1 
ATOM   385  N N   . ALA A 1 49  ? 10.183  6.707   15.258  1.00 12.51 ? 49  ALA A N   1 
ATOM   386  C CA  . ALA A 1 49  ? 10.314  6.753   13.800  1.00 12.62 ? 49  ALA A CA  1 
ATOM   387  C C   . ALA A 1 49  ? 10.993  8.035   13.329  1.00 11.78 ? 49  ALA A C   1 
ATOM   388  O O   . ALA A 1 49  ? 11.736  8.023   12.342  1.00 12.69 ? 49  ALA A O   1 
ATOM   389  C CB  . ALA A 1 49  ? 8.938   6.621   13.149  1.00 12.72 ? 49  ALA A CB  1 
ATOM   390  N N   . ILE A 1 50  ? 10.721  9.154   14.000  1.00 12.89 ? 50  ILE A N   1 
ATOM   391  C CA  . ILE A 1 50  ? 11.238  10.450  13.572  1.00 13.01 ? 50  ILE A CA  1 
ATOM   392  C C   . ILE A 1 50  ? 12.583  10.766  14.224  1.00 13.67 ? 50  ILE A C   1 
ATOM   393  O O   . ILE A 1 50  ? 13.406  11.482  13.639  1.00 15.04 ? 50  ILE A O   1 
ATOM   394  C CB  . ILE A 1 50  ? 10.203  11.547  13.892  1.00 13.50 ? 50  ILE A CB  1 
ATOM   395  C CG1 . ILE A 1 50  ? 8.854   11.201  13.269  1.00 15.56 ? 50  ILE A CG1 1 
ATOM   396  C CG2 . ILE A 1 50  ? 10.690  12.927  13.427  1.00 16.16 ? 50  ILE A CG2 1 
ATOM   397  C CD1 . ILE A 1 50  ? 8.870   11.191  11.760  1.00 18.81 ? 50  ILE A CD1 1 
ATOM   398  N N   . GLY A 1 51  ? 12.820  10.257  15.428  1.00 13.57 ? 51  GLY A N   1 
ATOM   399  C CA  . GLY A 1 51  ? 14.038  10.564  16.156  1.00 14.18 ? 51  GLY A CA  1 
ATOM   400  C C   . GLY A 1 51  ? 13.994  11.822  16.993  1.00 15.51 ? 51  GLY A C   1 
ATOM   401  O O   . GLY A 1 51  ? 15.054  12.392  17.285  1.00 16.30 ? 51  GLY A O   1 
ATOM   402  N N   . ARG A 1 52  ? 12.811  12.277  17.394  1.00 15.50 ? 52  ARG A N   1 
ATOM   403  C CA  . ARG A 1 52  ? 12.662  13.409  18.298  1.00 16.87 ? 52  ARG A CA  1 
ATOM   404  C C   . ARG A 1 52  ? 11.297  13.288  18.955  1.00 15.25 ? 52  ARG A C   1 
ATOM   405  O O   . ARG A 1 52  ? 10.459  12.485  18.536  1.00 14.87 ? 52  ARG A O   1 
ATOM   406  C CB  . ARG A 1 52  ? 12.792  14.750  17.567  1.00 16.26 ? 52  ARG A CB  1 
ATOM   407  C CG  . ARG A 1 52  ? 11.638  15.032  16.613  1.00 15.33 ? 52  ARG A CG  1 
ATOM   408  C CD  . ARG A 1 52  ? 11.787  16.332  15.818  1.00 15.70 ? 52  ARG A CD  1 
ATOM   409  N NE  . ARG A 1 52  ? 10.659  16.513  14.906  1.00 15.58 ? 52  ARG A NE  1 
ATOM   410  C CZ  . ARG A 1 52  ? 9.490   17.050  15.248  1.00 15.01 ? 52  ARG A CZ  1 
ATOM   411  N NH1 . ARG A 1 52  ? 9.289   17.493  16.484  1.00 18.26 ? 52  ARG A NH1 1 
ATOM   412  N NH2 . ARG A 1 52  ? 8.512   17.145  14.355  1.00 16.90 ? 52  ARG A NH2 1 
ATOM   413  N N   . ASN A 1 53  ? 11.072  14.103  19.983  1.00 15.47 ? 53  ASN A N   1 
ATOM   414  C CA  . ASN A 1 53  ? 9.789   14.121  20.680  1.00 16.26 ? 53  ASN A CA  1 
ATOM   415  C C   . ASN A 1 53  ? 8.824   14.998  19.896  1.00 17.04 ? 53  ASN A C   1 
ATOM   416  O O   . ASN A 1 53  ? 8.966   16.225  19.871  1.00 17.21 ? 53  ASN A O   1 
ATOM   417  C CB  . ASN A 1 53  ? 9.981   14.655  22.095  1.00 19.22 ? 53  ASN A CB  1 
ATOM   418  C CG  . ASN A 1 53  ? 10.687  13.668  22.986  1.00 23.89 ? 53  ASN A CG  1 
ATOM   419  O OD1 . ASN A 1 53  ? 10.398  12.470  22.953  1.00 28.18 ? 53  ASN A OD1 1 
ATOM   420  N ND2 . ASN A 1 53  ? 11.623  14.157  23.786  1.00 26.95 ? 53  ASN A ND2 1 
ATOM   421  N N   . CYS A 1 54  ? 7.831   14.369  19.259  1.00 14.91 ? 54  CYS A N   1 
ATOM   422  C CA  . CYS A 1 54  ? 6.982   15.038  18.279  1.00 16.20 ? 54  CYS A CA  1 
ATOM   423  C C   . CYS A 1 54  ? 5.638   15.502  18.821  1.00 15.18 ? 54  CYS A C   1 
ATOM   424  O O   . CYS A 1 54  ? 4.996   16.338  18.176  1.00 16.53 ? 54  CYS A O   1 
ATOM   425  C CB  . CYS A 1 54  ? 6.684   14.106  17.095  1.00 16.88 ? 54  CYS A CB  1 
ATOM   426  S SG  . CYS A 1 54  ? 8.118   13.680  16.111  1.00 16.14 ? 54  CYS A SG  1 
ATOM   427  N N   . ASN A 1 55  ? 5.163   14.947  19.932  1.00 15.85 ? 55  ASN A N   1 
ATOM   428  C CA  . ASN A 1 55  ? 3.848   15.327  20.452  1.00 19.20 ? 55  ASN A CA  1 
ATOM   429  C C   . ASN A 1 55  ? 2.734   15.042  19.436  1.00 17.86 ? 55  ASN A C   1 
ATOM   430  O O   . ASN A 1 55  ? 1.740   15.769  19.382  1.00 21.11 ? 55  ASN A O   1 
ATOM   431  C CB  . ASN A 1 55  ? 3.862   16.802  20.889  1.00 22.76 ? 55  ASN A CB  1 
ATOM   432  C CG  . ASN A 1 55  ? 2.644   17.220  21.712  1.00 21.33 ? 55  ASN A CG  1 
ATOM   433  O OD1 . ASN A 1 55  ? 2.060   16.427  22.454  1.00 24.31 ? 55  ASN A OD1 1 
ATOM   434  N ND2 . ASN A 1 55  ? 2.267   18.494  21.585  1.00 23.14 ? 55  ASN A ND2 1 
ATOM   435  N N   . GLY A 1 56  ? 2.907   14.010  18.598  1.00 15.34 ? 56  GLY A N   1 
ATOM   436  C CA  . GLY A 1 56  ? 1.899   13.642  17.618  1.00 14.03 ? 56  GLY A CA  1 
ATOM   437  C C   . GLY A 1 56  ? 1.839   14.505  16.377  1.00 13.76 ? 56  GLY A C   1 
ATOM   438  O O   . GLY A 1 56  ? 0.864   14.385  15.624  1.00 14.90 ? 56  GLY A O   1 
ATOM   439  N N   . VAL A 1 57  ? 2.850   15.334  16.116  1.00 14.10 ? 57  VAL A N   1 
ATOM   440  C CA  . VAL A 1 57  ? 2.855   16.259  14.991  1.00 13.66 ? 57  VAL A CA  1 
ATOM   441  C C   . VAL A 1 57  ? 4.211   16.199  14.299  1.00 14.45 ? 57  VAL A C   1 
ATOM   442  O O   . VAL A 1 57  ? 5.252   16.231  14.966  1.00 14.59 ? 57  VAL A O   1 
ATOM   443  C CB  . VAL A 1 57  ? 2.569   17.701  15.467  1.00 17.81 ? 57  VAL A CB  1 
ATOM   444  C CG1 . VAL A 1 57  ? 2.631   18.670  14.305  1.00 19.70 ? 57  VAL A CG1 1 
ATOM   445  C CG2 . VAL A 1 57  ? 1.219   17.787  16.172  1.00 19.91 ? 57  VAL A CG2 1 
ATOM   446  N N   . ILE A 1 58  ? 4.206   16.160  12.962  1.00 14.24 ? 58  ILE A N   1 
ATOM   447  C CA  . ILE A 1 58  ? 5.434   16.139  12.173  1.00 13.51 ? 58  ILE A CA  1 
ATOM   448  C C   . ILE A 1 58  ? 5.396   17.241  11.117  1.00 13.40 ? 58  ILE A C   1 
ATOM   449  O O   . ILE A 1 58  ? 4.364   17.865  10.872  1.00 14.92 ? 58  ILE A O   1 
ATOM   450  C CB  . ILE A 1 58  ? 5.706   14.757  11.530  1.00 12.66 ? 58  ILE A CB  1 
ATOM   451  C CG1 . ILE A 1 58  ? 4.567   14.347  10.588  1.00 13.04 ? 58  ILE A CG1 1 
ATOM   452  C CG2 . ILE A 1 58  ? 5.948   13.707  12.604  1.00 14.37 ? 58  ILE A CG2 1 
ATOM   453  C CD1 . ILE A 1 58  ? 4.838   13.045  9.809   1.00 14.11 ? 58  ILE A CD1 1 
ATOM   454  N N   . THR A 1 59  ? 6.547   17.476  10.487  1.00 14.60 ? 59  THR A N   1 
ATOM   455  C CA  . THR A 1 59  ? 6.632   18.402  9.368   1.00 15.36 ? 59  THR A CA  1 
ATOM   456  C C   . THR A 1 59  ? 6.392   17.674  8.043   1.00 15.87 ? 59  THR A C   1 
ATOM   457  O O   . THR A 1 59  ? 6.452   16.445  7.953   1.00 14.82 ? 59  THR A O   1 
ATOM   458  C CB  . THR A 1 59  ? 8.005   19.070  9.322   1.00 15.71 ? 59  THR A CB  1 
ATOM   459  O OG1 . THR A 1 59  ? 8.989   18.095  8.967   1.00 16.54 ? 59  THR A OG1 1 
ATOM   460  C CG2 . THR A 1 59  ? 8.363   19.715  10.665  1.00 17.71 ? 59  THR A CG2 1 
ATOM   461  N N   . LYS A 1 60  ? 6.147   18.462  6.994   1.00 16.11 ? 60  LYS A N   1 
ATOM   462  C CA  . LYS A 1 60  ? 5.972   17.882  5.664   1.00 15.98 ? 60  LYS A CA  1 
ATOM   463  C C   . LYS A 1 60  ? 7.222   17.132  5.220   1.00 15.42 ? 60  LYS A C   1 
ATOM   464  O O   . LYS A 1 60  ? 7.123   16.046  4.631   1.00 15.58 ? 60  LYS A O   1 
ATOM   465  C CB  . LYS A 1 60  ? 5.598   18.974  4.663   1.00 19.87 ? 60  LYS A CB  1 
ATOM   466  C CG  . LYS A 1 60  ? 5.273   18.468  3.265   1.00 20.29 ? 60  LYS A CG  1 
ATOM   467  C CD  . LYS A 1 60  ? 4.653   19.581  2.434   1.00 23.45 ? 60  LYS A CD  1 
ATOM   468  C CE  . LYS A 1 60  ? 4.306   19.116  1.031   1.00 28.09 ? 60  LYS A CE  1 
ATOM   469  N NZ  . LYS A 1 60  ? 5.518   19.038  0.169   1.00 30.36 ? 60  LYS A NZ  1 
ATOM   470  N N   . ASP A 1 61  ? 8.407   17.693  5.496   1.00 16.43 ? 61  ASP A N   1 
ATOM   471  C CA  . ASP A 1 61  ? 9.648   17.007  5.153   1.00 15.80 ? 61  ASP A CA  1 
ATOM   472  C C   . ASP A 1 61  ? 9.732   15.650  5.842   1.00 14.30 ? 61  ASP A C   1 
ATOM   473  O O   . ASP A 1 61  ? 10.144  14.657  5.228   1.00 14.82 ? 61  ASP A O   1 
ATOM   474  C CB  . ASP A 1 61  ? 10.843  17.855  5.586   1.00 17.06 ? 61  ASP A CB  1 
ATOM   475  C CG  . ASP A 1 61  ? 11.159  18.989  4.626   1.00 21.03 ? 61  ASP A CG  1 
ATOM   476  O OD1 . ASP A 1 61  ? 10.560  19.070  3.534   1.00 23.35 ? 61  ASP A OD1 1 
ATOM   477  O OD2 . ASP A 1 61  ? 12.023  19.821  4.995   1.00 22.98 ? 61  ASP A OD2 1 
ATOM   478  N N   . GLU A 1 62  ? 9.358   15.592  7.123   1.00 14.44 ? 62  GLU A N   1 
ATOM   479  C CA  . GLU A 1 62  ? 9.379   14.331  7.856   1.00 13.29 ? 62  GLU A CA  1 
ATOM   480  C C   . GLU A 1 62  ? 8.368   13.345  7.287   1.00 12.27 ? 62  GLU A C   1 
ATOM   481  O O   . GLU A 1 62  ? 8.676   12.158  7.137   1.00 13.06 ? 62  GLU A O   1 
ATOM   482  C CB  . GLU A 1 62  ? 9.115   14.585  9.338   1.00 12.50 ? 62  GLU A CB  1 
ATOM   483  C CG  . GLU A 1 62  ? 10.276  15.330  10.001  1.00 14.77 ? 62  GLU A CG  1 
ATOM   484  C CD  . GLU A 1 62  ? 9.967   15.864  11.390  1.00 14.65 ? 62  GLU A CD  1 
ATOM   485  O OE1 . GLU A 1 62  ? 8.785   16.048  11.745  1.00 15.17 ? 62  GLU A OE1 1 
ATOM   486  O OE2 . GLU A 1 62  ? 10.937  16.146  12.127  1.00 16.27 ? 62  GLU A OE2 1 
ATOM   487  N N   . ALA A 1 63  ? 7.160   13.817  6.966   1.00 12.59 ? 63  ALA A N   1 
ATOM   488  C CA  . ALA A 1 63  ? 6.170   12.946  6.344   1.00 12.17 ? 63  ALA A CA  1 
ATOM   489  C C   . ALA A 1 63  ? 6.691   12.373  5.036   1.00 12.90 ? 63  ALA A C   1 
ATOM   490  O O   . ALA A 1 63  ? 6.495   11.187  4.744   1.00 12.43 ? 63  ALA A O   1 
ATOM   491  C CB  . ALA A 1 63  ? 4.883   13.727  6.094   1.00 13.53 ? 63  ALA A CB  1 
ATOM   492  N N   . GLU A 1 64  ? 7.348   13.201  4.225   1.00 12.79 ? 64  GLU A N   1 
ATOM   493  C CA  . GLU A 1 64  ? 7.850   12.728  2.942   1.00 12.47 ? 64  GLU A CA  1 
ATOM   494  C C   . GLU A 1 64  ? 9.004   11.751  3.106   1.00 12.63 ? 64  GLU A C   1 
ATOM   495  O O   . GLU A 1 64  ? 9.133   10.807  2.314   1.00 12.36 ? 64  GLU A O   1 
ATOM   496  C CB  . GLU A 1 64  ? 8.194   13.916  2.048   1.00 15.16 ? 64  GLU A CB  1 
ATOM   497  C CG  . GLU A 1 64  ? 6.931   14.676  1.662   1.00 16.57 ? 64  GLU A CG  1 
ATOM   498  C CD  . GLU A 1 64  ? 7.174   15.983  0.940   1.00 21.81 ? 64  GLU A CD  1 
ATOM   499  O OE1 . GLU A 1 64  ? 8.282   16.541  1.050   1.00 22.34 ? 64  GLU A OE1 1 
ATOM   500  O OE2 . GLU A 1 64  ? 6.234   16.455  0.263   1.00 25.77 ? 64  GLU A OE2 1 
ATOM   501  N N   . LYS A 1 65  ? 9.836   11.944  4.133   1.00 12.33 ? 65  LYS A N   1 
ATOM   502  C CA  . LYS A 1 65  ? 10.918  10.997  4.378   1.00 12.41 ? 65  LYS A CA  1 
ATOM   503  C C   . LYS A 1 65  ? 10.375  9.649   4.833   1.00 11.73 ? 65  LYS A C   1 
ATOM   504  O O   . LYS A 1 65  ? 10.823  8.598   4.353   1.00 12.33 ? 65  LYS A O   1 
ATOM   505  C CB  . LYS A 1 65  ? 11.915  11.550  5.398   1.00 14.41 ? 65  LYS A CB  1 
ATOM   506  C CG  . LYS A 1 65  ? 13.120  10.626  5.584   1.00 17.10 ? 65  LYS A CG  1 
ATOM   507  C CD  . LYS A 1 65  ? 14.271  11.305  6.299   1.00 20.65 ? 65  LYS A CD  1 
ATOM   508  C CE  . LYS A 1 65  ? 15.485  10.384  6.374   1.00 23.07 ? 65  LYS A CE  1 
ATOM   509  N NZ  . LYS A 1 65  ? 16.622  11.041  7.046   1.00 23.22 ? 65  LYS A NZ  1 
ATOM   510  N N   . LEU A 1 66  ? 9.423   9.656   5.775   1.00 12.21 ? 66  LEU A N   1 
ATOM   511  C CA  . LEU A 1 66  ? 8.785   8.408   6.186   1.00 12.31 ? 66  LEU A CA  1 
ATOM   512  C C   . LEU A 1 66  ? 8.165   7.706   4.988   1.00 11.84 ? 66  LEU A C   1 
ATOM   513  O O   . LEU A 1 66  ? 8.270   6.485   4.848   1.00 12.74 ? 66  LEU A O   1 
ATOM   514  C CB  . LEU A 1 66  ? 7.679   8.695   7.202   1.00 14.60 ? 66  LEU A CB  1 
ATOM   515  C CG  . LEU A 1 66  ? 8.036   9.026   8.644   1.00 15.10 ? 66  LEU A CG  1 
ATOM   516  C CD1 . LEU A 1 66  ? 6.753   9.259   9.426   1.00 20.40 ? 66  LEU A CD1 1 
ATOM   517  C CD2 . LEU A 1 66  ? 8.844   7.906   9.265   1.00 21.29 ? 66  LEU A CD2 1 
ATOM   518  N N   . PHE A 1 67  ? 7.514   8.477   4.119   1.00 11.12 ? 67  PHE A N   1 
ATOM   519  C CA  . PHE A 1 67  ? 6.870   7.924   2.931   1.00 11.10 ? 67  PHE A CA  1 
ATOM   520  C C   . PHE A 1 67  ? 7.886   7.243   2.019   1.00 11.73 ? 67  PHE A C   1 
ATOM   521  O O   . PHE A 1 67  ? 7.647   6.136   1.532   1.00 12.17 ? 67  PHE A O   1 
ATOM   522  C CB  . PHE A 1 67  ? 6.142   9.063   2.224   1.00 11.17 ? 67  PHE A CB  1 
ATOM   523  C CG  . PHE A 1 67  ? 5.376   8.663   0.996   1.00 10.94 ? 67  PHE A CG  1 
ATOM   524  C CD1 . PHE A 1 67  ? 4.551   7.536   0.962   1.00 11.38 ? 67  PHE A CD1 1 
ATOM   525  C CD2 . PHE A 1 67  ? 5.471   9.443   -0.135  1.00 11.74 ? 67  PHE A CD2 1 
ATOM   526  C CE1 . PHE A 1 67  ? 3.834   7.208   -0.191  1.00 11.48 ? 67  PHE A CE1 1 
ATOM   527  C CE2 . PHE A 1 67  ? 4.766   9.121   -1.279  1.00 12.72 ? 67  PHE A CE2 1 
ATOM   528  C CZ  . PHE A 1 67  ? 3.941   8.002   -1.301  1.00 12.60 ? 67  PHE A CZ  1 
ATOM   529  N N   . ASN A 1 68  ? 9.033   7.885   1.781   1.00 11.67 ? 68  ASN A N   1 
ATOM   530  C CA  . ASN A 1 68  ? 10.067  7.255   0.966   1.00 11.77 ? 68  ASN A CA  1 
ATOM   531  C C   . ASN A 1 68  ? 10.519  5.937   1.584   1.00 11.78 ? 68  ASN A C   1 
ATOM   532  O O   . ASN A 1 68  ? 10.692  4.933   0.883   1.00 12.68 ? 68  ASN A O   1 
ATOM   533  C CB  . ASN A 1 68  ? 11.254  8.207   0.818   1.00 14.65 ? 68  ASN A CB  1 
ATOM   534  C CG  . ASN A 1 68  ? 12.148  7.884   -0.379  1.00 17.65 ? 68  ASN A CG  1 
ATOM   535  O OD1 . ASN A 1 68  ? 12.746  8.789   -0.966  1.00 21.12 ? 68  ASN A OD1 1 
ATOM   536  N ND2 . ASN A 1 68  ? 12.254  6.611   -0.738  1.00 18.35 ? 68  ASN A ND2 1 
ATOM   537  N N   . GLN A 1 69  ? 10.740  5.930   2.905   1.00 11.50 ? 69  GLN A N   1 
ATOM   538  C CA  . GLN A 1 69  ? 11.114  4.698   3.589   1.00 11.54 ? 69  GLN A CA  1 
ATOM   539  C C   . GLN A 1 69  ? 10.052  3.625   3.419   1.00 11.70 ? 69  GLN A C   1 
ATOM   540  O O   . GLN A 1 69  ? 10.376  2.454   3.203   1.00 12.09 ? 69  GLN A O   1 
ATOM   541  C CB  . GLN A 1 69  ? 11.359  4.980   5.073   1.00 11.72 ? 69  GLN A CB  1 
ATOM   542  C CG  . GLN A 1 69  ? 12.571  5.861   5.315   1.00 11.96 ? 69  GLN A CG  1 
ATOM   543  C CD  . GLN A 1 69  ? 12.793  6.226   6.771   1.00 12.04 ? 69  GLN A CD  1 
ATOM   544  O OE1 . GLN A 1 69  ? 11.957  5.957   7.639   1.00 14.72 ? 69  GLN A OE1 1 
ATOM   545  N NE2 . GLN A 1 69  ? 13.922  6.840   7.044   1.00 10.93 ? 69  GLN A NE2 1 
ATOM   546  N N   . ASP A 1 70  ? 8.778   4.010   3.531   1.00 11.04 ? 70  ASP A N   1 
ATOM   547  C CA  . ASP A 1 70  ? 7.695   3.037   3.470   1.00 11.62 ? 70  ASP A CA  1 
ATOM   548  C C   . ASP A 1 70  ? 7.538   2.460   2.066   1.00 11.58 ? 70  ASP A C   1 
ATOM   549  O O   . ASP A 1 70  ? 7.265   1.262   1.908   1.00 13.07 ? 70  ASP A O   1 
ATOM   550  C CB  . ASP A 1 70  ? 6.385   3.690   3.929   1.00 12.42 ? 70  ASP A CB  1 
ATOM   551  C CG  . ASP A 1 70  ? 6.377   4.048   5.409   1.00 13.51 ? 70  ASP A CG  1 
ATOM   552  O OD1 . ASP A 1 70  ? 7.190   3.503   6.189   1.00 13.32 ? 70  ASP A OD1 1 
ATOM   553  O OD2 . ASP A 1 70  ? 5.513   4.867   5.791   1.00 14.15 ? 70  ASP A OD2 1 
ATOM   554  N N   . VAL A 1 71  ? 7.686   3.293   1.032   1.00 11.52 ? 71  VAL A N   1 
ATOM   555  C CA  . VAL A 1 71  ? 7.624   2.778   -0.336  1.00 11.42 ? 71  VAL A CA  1 
ATOM   556  C C   . VAL A 1 71  ? 8.775   1.811   -0.580  1.00 11.39 ? 71  VAL A C   1 
ATOM   557  O O   . VAL A 1 71  ? 8.591   0.712   -1.122  1.00 12.50 ? 71  VAL A O   1 
ATOM   558  C CB  . VAL A 1 71  ? 7.609   3.929   -1.358  1.00 11.58 ? 71  VAL A CB  1 
ATOM   559  C CG1 . VAL A 1 71  ? 7.756   3.398   -2.785  1.00 14.19 ? 71  VAL A CG1 1 
ATOM   560  C CG2 . VAL A 1 71  ? 6.341   4.759   -1.222  1.00 12.88 ? 71  VAL A CG2 1 
ATOM   561  N N   . ASP A 1 72  ? 9.983   2.204   -0.162  1.00 12.11 ? 72  ASP A N   1 
ATOM   562  C CA  . ASP A 1 72  ? 11.136  1.326   -0.328  1.00 12.46 ? 72  ASP A CA  1 
ATOM   563  C C   . ASP A 1 72  ? 10.940  0.002   0.399   1.00 13.36 ? 72  ASP A C   1 
ATOM   564  O O   . ASP A 1 72  ? 11.295  -1.057  -0.128  1.00 13.41 ? 72  ASP A O   1 
ATOM   565  C CB  . ASP A 1 72  ? 12.404  2.026   0.158   1.00 14.37 ? 72  ASP A CB  1 
ATOM   566  C CG  . ASP A 1 72  ? 13.658  1.435   -0.450  1.00 24.55 ? 72  ASP A CG  1 
ATOM   567  O OD1 . ASP A 1 72  ? 13.761  1.404   -1.695  1.00 28.67 ? 72  ASP A OD1 1 
ATOM   568  O OD2 . ASP A 1 72  ? 14.534  0.989   0.319   1.00 32.69 ? 72  ASP A OD2 1 
ATOM   569  N N   . ALA A 1 73  ? 10.373  0.041   1.610   1.00 13.28 ? 73  ALA A N   1 
ATOM   570  C CA  . ALA A 1 73  ? 10.136  -1.187  2.359   1.00 13.36 ? 73  ALA A CA  1 
ATOM   571  C C   . ALA A 1 73  ? 9.156   -2.095  1.626   1.00 13.30 ? 73  ALA A C   1 
ATOM   572  O O   . ALA A 1 73  ? 9.303   -3.319  1.648   1.00 14.77 ? 73  ALA A O   1 
ATOM   573  C CB  . ALA A 1 73  ? 9.624   -0.863  3.763   1.00 16.96 ? 73  ALA A CB  1 
ATOM   574  N N   . ALA A 1 74  ? 8.145   -1.515  0.974   1.00 13.01 ? 74  ALA A N   1 
ATOM   575  C CA  . ALA A 1 74  ? 7.202   -2.321  0.203   1.00 12.83 ? 74  ALA A CA  1 
ATOM   576  C C   . ALA A 1 74  ? 7.903   -3.004  -0.967  1.00 12.33 ? 74  ALA A C   1 
ATOM   577  O O   . ALA A 1 74  ? 7.702   -4.200  -1.219  1.00 13.95 ? 74  ALA A O   1 
ATOM   578  C CB  . ALA A 1 74  ? 6.040   -1.445  -0.268  1.00 14.05 ? 74  ALA A CB  1 
ATOM   579  N N   . VAL A 1 75  ? 8.733   -2.252  -1.695  1.00 12.01 ? 75  VAL A N   1 
ATOM   580  C CA  . VAL A 1 75  ? 9.497   -2.825  -2.804  1.00 12.76 ? 75  VAL A CA  1 
ATOM   581  C C   . VAL A 1 75  ? 10.408  -3.946  -2.313  1.00 14.50 ? 75  VAL A C   1 
ATOM   582  O O   . VAL A 1 75  ? 10.475  -5.028  -2.913  1.00 14.78 ? 75  VAL A O   1 
ATOM   583  C CB  . VAL A 1 75  ? 10.281  -1.729  -3.547  1.00 12.60 ? 75  VAL A CB  1 
ATOM   584  C CG1 . VAL A 1 75  ? 11.163  -2.340  -4.628  1.00 15.41 ? 75  VAL A CG1 1 
ATOM   585  C CG2 . VAL A 1 75  ? 9.336   -0.702  -4.136  1.00 13.97 ? 75  VAL A CG2 1 
ATOM   586  N N   . ARG A 1 76  ? 11.139  -3.693  -1.228  1.00 15.12 ? 76  ARG A N   1 
ATOM   587  C CA  . ARG A 1 76  ? 12.030  -4.711  -0.676  1.00 18.05 ? 76  ARG A CA  1 
ATOM   588  C C   . ARG A 1 76  ? 11.267  -5.958  -0.254  1.00 16.82 ? 76  ARG A C   1 
ATOM   589  O O   . ARG A 1 76  ? 11.761  -7.081  -0.416  1.00 19.19 ? 76  ARG A O   1 
ATOM   590  C CB  . ARG A 1 76  ? 12.795  -4.149  0.521   1.00 21.53 ? 76  ARG A CB  1 
ATOM   591  C CG  . ARG A 1 76  ? 13.889  -3.172  0.163   1.00 24.38 ? 76  ARG A CG  1 
ATOM   592  C CD  . ARG A 1 76  ? 14.880  -2.996  1.315   1.00 26.34 ? 76  ARG A CD  1 
ATOM   593  N NE  . ARG A 1 76  ? 14.221  -2.685  2.584   1.00 27.48 ? 76  ARG A NE  1 
ATOM   594  C CZ  . ARG A 1 76  ? 13.909  -1.453  2.975   1.00 25.06 ? 76  ARG A CZ  1 
ATOM   595  N NH1 . ARG A 1 76  ? 14.193  -0.418  2.195   1.00 25.46 ? 76  ARG A NH1 1 
ATOM   596  N NH2 . ARG A 1 76  ? 13.317  -1.254  4.145   1.00 29.53 ? 76  ARG A NH2 1 
ATOM   597  N N   . GLY A 1 77  ? 10.067  -5.782  0.301   1.00 16.37 ? 77  GLY A N   1 
ATOM   598  C CA  . GLY A 1 77  ? 9.280   -6.932  0.709   1.00 17.63 ? 77  GLY A CA  1 
ATOM   599  C C   . GLY A 1 77  ? 8.830   -7.765  -0.475  1.00 17.48 ? 77  GLY A C   1 
ATOM   600  O O   . GLY A 1 77  ? 8.762   -8.994  -0.391  1.00 20.14 ? 77  GLY A O   1 
ATOM   601  N N   . ILE A 1 78  ? 8.511   -7.107  -1.590  1.00 13.80 ? 78  ILE A N   1 
ATOM   602  C CA  . ILE A 1 78  ? 8.202   -7.823  -2.823  1.00 14.80 ? 78  ILE A CA  1 
ATOM   603  C C   . ILE A 1 78  ? 9.417   -8.608  -3.301  1.00 14.41 ? 78  ILE A C   1 
ATOM   604  O O   . ILE A 1 78  ? 9.327   -9.803  -3.613  1.00 15.03 ? 78  ILE A O   1 
ATOM   605  C CB  . ILE A 1 78  ? 7.703   -6.839  -3.893  1.00 13.62 ? 78  ILE A CB  1 
ATOM   606  C CG1 . ILE A 1 78  ? 6.296   -6.348  -3.542  1.00 14.84 ? 78  ILE A CG1 1 
ATOM   607  C CG2 . ILE A 1 78  ? 7.727   -7.490  -5.277  1.00 13.87 ? 78  ILE A CG2 1 
ATOM   608  C CD1 . ILE A 1 78  ? 5.858   -5.145  -4.331  1.00 15.50 ? 78  ILE A CD1 1 
ATOM   609  N N   . LEU A 1 79  ? 10.575  -7.949  -3.356  1.00 14.53 ? 79  LEU A N   1 
ATOM   610  C CA  . LEU A 1 79  ? 11.751  -8.574  -3.948  1.00 15.46 ? 79  LEU A CA  1 
ATOM   611  C C   . LEU A 1 79  ? 12.310  -9.710  -3.100  1.00 17.81 ? 79  LEU A C   1 
ATOM   612  O O   . LEU A 1 79  ? 13.027  -10.566 -3.633  1.00 18.92 ? 79  LEU A O   1 
ATOM   613  C CB  . LEU A 1 79  ? 12.821  -7.522  -4.238  1.00 16.62 ? 79  LEU A CB  1 
ATOM   614  C CG  . LEU A 1 79  ? 12.435  -6.458  -5.271  1.00 15.58 ? 79  LEU A CG  1 
ATOM   615  C CD1 . LEU A 1 79  ? 13.538  -5.418  -5.399  1.00 20.40 ? 79  LEU A CD1 1 
ATOM   616  C CD2 . LEU A 1 79  ? 12.135  -7.091  -6.624  1.00 20.68 ? 79  LEU A CD2 1 
ATOM   617  N N   . ARG A 1 80  ? 11.998  -9.744  -1.806  1.00 16.41 ? 80  ARG A N   1 
ATOM   618  C CA  . ARG A 1 80  ? 12.456  -10.816 -0.930  1.00 17.99 ? 80  ARG A CA  1 
ATOM   619  C C   . ARG A 1 80  ? 11.474  -11.974 -0.846  1.00 19.83 ? 80  ARG A C   1 
ATOM   620  O O   . ARG A 1 80  ? 11.800  -13.000 -0.238  1.00 22.94 ? 80  ARG A O   1 
ATOM   621  C CB  . ARG A 1 80  ? 12.715  -10.275 0.483   1.00 20.69 ? 80  ARG A CB  1 
ATOM   622  C CG  . ARG A 1 80  ? 13.991  -9.473  0.621   1.00 27.43 ? 80  ARG A CG  1 
ATOM   623  C CD  . ARG A 1 80  ? 14.446  -9.422  2.071   1.00 32.20 ? 80  ARG A CD  1 
ATOM   624  N NE  . ARG A 1 80  ? 14.068  -8.173  2.724   1.00 34.85 ? 80  ARG A NE  1 
ATOM   625  C CZ  . ARG A 1 80  ? 14.722  -7.027  2.573   1.00 33.75 ? 80  ARG A CZ  1 
ATOM   626  N NH1 . ARG A 1 80  ? 15.786  -6.969  1.786   1.00 34.35 ? 80  ARG A NH1 1 
ATOM   627  N NH2 . ARG A 1 80  ? 14.311  -5.936  3.208   1.00 37.55 ? 80  ARG A NH2 1 
ATOM   628  N N   . ASN A 1 81  ? 10.289  -11.844 -1.438  1.00 16.60 ? 81  ASN A N   1 
ATOM   629  C CA  . ASN A 1 81  ? 9.217   -12.816 -1.272  1.00 17.47 ? 81  ASN A CA  1 
ATOM   630  C C   . ASN A 1 81  ? 9.165   -13.729 -2.495  1.00 18.55 ? 81  ASN A C   1 
ATOM   631  O O   . ASN A 1 81  ? 9.025   -13.252 -3.626  1.00 17.28 ? 81  ASN A O   1 
ATOM   632  C CB  . ASN A 1 81  ? 7.887   -12.089 -1.078  1.00 18.12 ? 81  ASN A CB  1 
ATOM   633  C CG  . ASN A 1 81  ? 6.748   -13.031 -0.765  1.00 19.52 ? 81  ASN A CG  1 
ATOM   634  O OD1 . ASN A 1 81  ? 6.242   -13.719 -1.649  1.00 20.81 ? 81  ASN A OD1 1 
ATOM   635  N ND2 . ASN A 1 81  ? 6.312   -13.043 0.488   1.00 22.61 ? 81  ASN A ND2 1 
ATOM   636  N N   . ALA A 1 82  ? 9.263   -15.041 -2.266  1.00 20.59 ? 82  ALA A N   1 
ATOM   637  C CA  . ALA A 1 82  ? 9.337   -15.996 -3.370  1.00 22.92 ? 82  ALA A CA  1 
ATOM   638  C C   . ALA A 1 82  ? 8.048   -16.080 -4.182  1.00 19.31 ? 82  ALA A C   1 
ATOM   639  O O   . ALA A 1 82  ? 8.091   -16.493 -5.346  1.00 22.20 ? 82  ALA A O   1 
ATOM   640  C CB  . ALA A 1 82  ? 9.730   -17.380 -2.848  1.00 24.73 ? 82  ALA A CB  1 
ATOM   641  N N   . LYS A 1 83  ? 6.905   -15.721 -3.603  1.00 19.69 ? 83  LYS A N   1 
ATOM   642  C CA  . LYS A 1 83  ? 5.671   -15.704 -4.379  1.00 20.57 ? 83  LYS A CA  1 
ATOM   643  C C   . LYS A 1 83  ? 5.479   -14.396 -5.133  1.00 18.66 ? 83  LYS A C   1 
ATOM   644  O O   . LYS A 1 83  ? 4.956   -14.397 -6.253  1.00 21.09 ? 83  LYS A O   1 
ATOM   645  C CB  . LYS A 1 83  ? 4.458   -15.954 -3.479  1.00 23.55 ? 83  LYS A CB  1 
ATOM   646  C CG  . LYS A 1 83  ? 4.391   -17.348 -2.879  1.00 26.73 ? 83  LYS A CG  1 
ATOM   647  C CD  . LYS A 1 83  ? 3.080   -17.550 -2.132  1.00 29.66 ? 83  LYS A CD  1 
ATOM   648  C CE  . LYS A 1 83  ? 1.883   -17.393 -3.066  1.00 28.95 ? 83  LYS A CE  1 
ATOM   649  N NZ  . LYS A 1 83  ? 0.578   -17.519 -2.357  1.00 29.26 ? 83  LYS A NZ  1 
ATOM   650  N N   . LEU A 1 84  ? 5.893   -13.276 -4.541  1.00 15.52 ? 84  LEU A N   1 
ATOM   651  C CA  . LEU A 1 84  ? 5.625   -11.974 -5.139  1.00 15.14 ? 84  LEU A CA  1 
ATOM   652  C C   . LEU A 1 84  ? 6.650   -11.604 -6.204  1.00 14.59 ? 84  LEU A C   1 
ATOM   653  O O   . LEU A 1 84  ? 6.284   -11.043 -7.239  1.00 15.05 ? 84  LEU A O   1 
ATOM   654  C CB  . LEU A 1 84  ? 5.563   -10.893 -4.061  1.00 15.92 ? 84  LEU A CB  1 
ATOM   655  C CG  . LEU A 1 84  ? 4.489   -11.064 -2.984  1.00 15.94 ? 84  LEU A CG  1 
ATOM   656  C CD1 . LEU A 1 84  ? 4.587   -9.939  -1.952  1.00 18.01 ? 84  LEU A CD1 1 
ATOM   657  C CD2 . LEU A 1 84  ? 3.105   -11.102 -3.626  1.00 19.62 ? 84  LEU A CD2 1 
ATOM   658  N N   . LYS A 1 85  ? 7.929   -11.902 -5.971  1.00 14.81 ? 85  LYS A N   1 
ATOM   659  C CA  . LYS A 1 85  ? 8.964   -11.462 -6.905  1.00 14.41 ? 85  LYS A CA  1 
ATOM   660  C C   . LYS A 1 85  ? 8.755   -11.929 -8.341  1.00 15.04 ? 85  LYS A C   1 
ATOM   661  O O   . LYS A 1 85  ? 8.856   -11.092 -9.255  1.00 14.56 ? 85  LYS A O   1 
ATOM   662  C CB  . LYS A 1 85  ? 10.362  -11.819 -6.393  1.00 15.69 ? 85  LYS A CB  1 
ATOM   663  C CG  . LYS A 1 85  ? 11.440  -11.338 -7.344  1.00 18.02 ? 85  LYS A CG  1 
ATOM   664  C CD  . LYS A 1 85  ? 12.835  -11.579 -6.802  1.00 19.65 ? 85  LYS A CD  1 
ATOM   665  C CE  . LYS A 1 85  ? 13.881  -10.863 -7.647  1.00 22.85 ? 85  LYS A CE  1 
ATOM   666  N NZ  . LYS A 1 85  ? 13.980  -11.428 -9.015  1.00 27.92 ? 85  LYS A NZ  1 
ATOM   667  N N   . PRO A 1 86  ? 8.495   -13.214 -8.622  1.00 16.12 ? 86  PRO A N   1 
ATOM   668  C CA  . PRO A 1 86  ? 8.308   -13.605 -10.030 1.00 17.41 ? 86  PRO A CA  1 
ATOM   669  C C   . PRO A 1 86  ? 7.153   -12.886 -10.703 1.00 15.15 ? 86  PRO A C   1 
ATOM   670  O O   . PRO A 1 86  ? 7.236   -12.559 -11.895 1.00 16.65 ? 86  PRO A O   1 
ATOM   671  C CB  . PRO A 1 86  ? 8.094   -15.126 -9.957  1.00 18.26 ? 86  PRO A CB  1 
ATOM   672  C CG  . PRO A 1 86  ? 7.680   -15.389 -8.554  1.00 21.42 ? 86  PRO A CG  1 
ATOM   673  C CD  . PRO A 1 86  ? 8.400   -14.375 -7.721  1.00 16.86 ? 86  PRO A CD  1 
ATOM   674  N N   . VAL A 1 87  ? 6.069   -12.622 -9.976  1.00 14.62 ? 87  VAL A N   1 
ATOM   675  C CA  . VAL A 1 87  ? 4.956   -11.895 -10.579 1.00 15.24 ? 87  VAL A CA  1 
ATOM   676  C C   . VAL A 1 87  ? 5.348   -10.445 -10.839 1.00 13.32 ? 87  VAL A C   1 
ATOM   677  O O   . VAL A 1 87  ? 5.104   -9.898  -11.920 1.00 12.94 ? 87  VAL A O   1 
ATOM   678  C CB  . VAL A 1 87  ? 3.691   -12.008 -9.713  1.00 16.16 ? 87  VAL A CB  1 
ATOM   679  C CG1 . VAL A 1 87  ? 2.512   -11.405 -10.447 1.00 18.56 ? 87  VAL A CG1 1 
ATOM   680  C CG2 . VAL A 1 87  ? 3.402   -13.467 -9.382  1.00 19.29 ? 87  VAL A CG2 1 
ATOM   681  N N   . TYR A 1 88  ? 5.957   -9.803  -9.843  1.00 13.38 ? 88  TYR A N   1 
ATOM   682  C CA  . TYR A 1 88  ? 6.425   -8.431  -9.999  1.00 13.90 ? 88  TYR A CA  1 
ATOM   683  C C   . TYR A 1 88  ? 7.342   -8.287  -11.209 1.00 12.28 ? 88  TYR A C   1 
ATOM   684  O O   . TYR A 1 88  ? 7.184   -7.364  -12.022 1.00 13.08 ? 88  TYR A O   1 
ATOM   685  C CB  . TYR A 1 88  ? 7.151   -8.026  -8.721  1.00 13.83 ? 88  TYR A CB  1 
ATOM   686  C CG  . TYR A 1 88  ? 7.579   -6.587  -8.661  1.00 13.54 ? 88  TYR A CG  1 
ATOM   687  C CD1 . TYR A 1 88  ? 6.666   -5.582  -8.356  1.00 13.79 ? 88  TYR A CD1 1 
ATOM   688  C CD2 . TYR A 1 88  ? 8.898   -6.231  -8.882  1.00 15.66 ? 88  TYR A CD2 1 
ATOM   689  C CE1 . TYR A 1 88  ? 7.058   -4.257  -8.277  1.00 15.68 ? 88  TYR A CE1 1 
ATOM   690  C CE2 . TYR A 1 88  ? 9.302   -4.908  -8.806  1.00 16.16 ? 88  TYR A CE2 1 
ATOM   691  C CZ  . TYR A 1 88  ? 8.377   -3.930  -8.504  1.00 14.23 ? 88  TYR A CZ  1 
ATOM   692  O OH  . TYR A 1 88  ? 8.778   -2.616  -8.434  1.00 18.74 ? 88  TYR A OH  1 
ATOM   693  N N   . ASP A 1 89  ? 8.308   -9.201  -11.346 1.00 12.98 ? 89  ASP A N   1 
ATOM   694  C CA  . ASP A 1 89  ? 9.265   -9.115  -12.444 1.00 14.33 ? 89  ASP A CA  1 
ATOM   695  C C   . ASP A 1 89  ? 8.608   -9.335  -13.799 1.00 14.47 ? 89  ASP A C   1 
ATOM   696  O O   . ASP A 1 89  ? 9.171   -8.927  -14.822 1.00 15.82 ? 89  ASP A O   1 
ATOM   697  C CB  . ASP A 1 89  ? 10.400  -10.125 -12.255 1.00 17.15 ? 89  ASP A CB  1 
ATOM   698  C CG  . ASP A 1 89  ? 11.375  -9.721  -11.159 1.00 21.61 ? 89  ASP A CG  1 
ATOM   699  O OD1 . ASP A 1 89  ? 11.368  -8.544  -10.751 1.00 22.85 ? 89  ASP A OD1 1 
ATOM   700  O OD2 . ASP A 1 89  ? 12.156  -10.592 -10.722 1.00 27.45 ? 89  ASP A OD2 1 
ATOM   701  N N   . SER A 1 90  ? 7.439   -9.978  -13.838 1.00 13.11 ? 90  SER A N   1 
ATOM   702  C CA  . SER A 1 90  ? 6.735   -10.197 -15.095 1.00 13.46 ? 90  SER A CA  1 
ATOM   703  C C   . SER A 1 90  ? 5.953   -8.975  -15.562 1.00 12.32 ? 90  SER A C   1 
ATOM   704  O O   . SER A 1 90  ? 5.535   -8.941  -16.727 1.00 13.51 ? 90  SER A O   1 
ATOM   705  C CB  . SER A 1 90  ? 5.798   -11.405 -14.973 1.00 13.41 ? 90  SER A CB  1 
ATOM   706  O OG  . SER A 1 90  ? 4.608   -11.081 -14.272 1.00 14.12 ? 90  SER A OG  1 
ATOM   707  N N   . LEU A 1 91  ? 5.721   -7.998  -14.684 1.00 12.86 ? 91  LEU A N   1 
ATOM   708  C CA  . LEU A 1 91  ? 4.858   -6.861  -14.971 1.00 13.36 ? 91  LEU A CA  1 
ATOM   709  C C   . LEU A 1 91  ? 5.626   -5.715  -15.625 1.00 13.56 ? 91  LEU A C   1 
ATOM   710  O O   . LEU A 1 91  ? 6.827   -5.536  -15.409 1.00 14.50 ? 91  LEU A O   1 
ATOM   711  C CB  . LEU A 1 91  ? 4.203   -6.349  -13.683 1.00 13.11 ? 91  LEU A CB  1 
ATOM   712  C CG  . LEU A 1 91  ? 3.250   -7.297  -12.952 1.00 13.91 ? 91  LEU A CG  1 
ATOM   713  C CD1 . LEU A 1 91  ? 2.940   -6.691  -11.593 1.00 15.40 ? 91  LEU A CD1 1 
ATOM   714  C CD2 . LEU A 1 91  ? 1.975   -7.522  -13.735 1.00 14.65 ? 91  LEU A CD2 1 
ATOM   715  N N   . ASP A 1 92  ? 4.899   -4.913  -16.398 1.00 14.04 ? 92  ASP A N   1 
ATOM   716  C CA  . ASP A 1 92  ? 5.374   -3.623  -16.877 1.00 13.69 ? 92  ASP A CA  1 
ATOM   717  C C   . ASP A 1 92  ? 5.405   -2.609  -15.729 1.00 14.44 ? 92  ASP A C   1 
ATOM   718  O O   . ASP A 1 92  ? 4.903   -2.857  -14.626 1.00 13.51 ? 92  ASP A O   1 
ATOM   719  C CB  . ASP A 1 92  ? 4.423   -3.106  -17.948 1.00 15.42 ? 92  ASP A CB  1 
ATOM   720  C CG  . ASP A 1 92  ? 3.011   -3.004  -17.436 1.00 15.97 ? 92  ASP A CG  1 
ATOM   721  O OD1 . ASP A 1 92  ? 2.293   -4.031  -17.471 1.00 15.57 ? 92  ASP A OD1 1 
ATOM   722  O OD2 . ASP A 1 92  ? 2.652   -1.900  -16.956 1.00 16.95 ? 92  ASP A OD2 1 
ATOM   723  N N   . ALA A 1 93  ? 5.977   -1.433  -16.012 1.00 15.70 ? 93  ALA A N   1 
ATOM   724  C CA  . ALA A 1 93  ? 6.268   -0.470  -14.951 1.00 15.38 ? 93  ALA A CA  1 
ATOM   725  C C   . ALA A 1 93  ? 5.001   0.064   -14.292 1.00 15.49 ? 93  ALA A C   1 
ATOM   726  O O   . ALA A 1 93  ? 4.976   0.281   -13.072 1.00 15.88 ? 93  ALA A O   1 
ATOM   727  C CB  . ALA A 1 93  ? 7.120   0.680   -15.496 1.00 17.97 ? 93  ALA A CB  1 
ATOM   728  N N   . VAL A 1 94  ? 3.947   0.301   -15.072 1.00 14.13 ? 94  VAL A N   1 
ATOM   729  C CA  . VAL A 1 94  ? 2.733   0.861   -14.493 1.00 13.16 ? 94  VAL A CA  1 
ATOM   730  C C   . VAL A 1 94  ? 2.067   -0.159  -13.584 1.00 12.72 ? 94  VAL A C   1 
ATOM   731  O O   . VAL A 1 94  ? 1.635   0.160   -12.467 1.00 12.93 ? 94  VAL A O   1 
ATOM   732  C CB  . VAL A 1 94  ? 1.791   1.364   -15.603 1.00 14.30 ? 94  VAL A CB  1 
ATOM   733  C CG1 . VAL A 1 94  ? 0.487   1.847   -15.002 1.00 16.51 ? 94  VAL A CG1 1 
ATOM   734  C CG2 . VAL A 1 94  ? 2.472   2.472   -16.410 1.00 17.77 ? 94  VAL A CG2 1 
ATOM   735  N N   . ARG A 1 95  ? 1.972   -1.408  -14.046 1.00 11.75 ? 95  ARG A N   1 
ATOM   736  C CA  . ARG A 1 95  ? 1.383   -2.442  -13.209 1.00 11.70 ? 95  ARG A CA  1 
ATOM   737  C C   . ARG A 1 95  ? 2.239   -2.746  -11.978 1.00 11.11 ? 95  ARG A C   1 
ATOM   738  O O   . ARG A 1 95  ? 1.690   -3.096  -10.930 1.00 11.04 ? 95  ARG A O   1 
ATOM   739  C CB  . ARG A 1 95  ? 1.087   -3.685  -14.047 1.00 11.72 ? 95  ARG A CB  1 
ATOM   740  C CG  . ARG A 1 95  ? -0.012  -3.444  -15.072 1.00 11.39 ? 95  ARG A CG  1 
ATOM   741  C CD  . ARG A 1 95  ? -0.378  -4.726  -15.788 1.00 12.54 ? 95  ARG A CD  1 
ATOM   742  N NE  . ARG A 1 95  ? -1.556  -4.614  -16.645 1.00 12.03 ? 95  ARG A NE  1 
ATOM   743  C CZ  . ARG A 1 95  ? -1.517  -4.335  -17.943 1.00 12.19 ? 95  ARG A CZ  1 
ATOM   744  N NH1 . ARG A 1 95  ? -0.355  -4.145  -18.555 1.00 14.03 ? 95  ARG A NH1 1 
ATOM   745  N NH2 . ARG A 1 95  ? -2.652  -4.293  -18.639 1.00 12.80 ? 95  ARG A NH2 1 
ATOM   746  N N   . ARG A 1 96  ? 3.570   -2.601  -12.064 1.00 12.17 ? 96  ARG A N   1 
ATOM   747  C CA  . ARG A 1 96  ? 4.397   -2.743  -10.866 1.00 11.16 ? 96  ARG A CA  1 
ATOM   748  C C   . ARG A 1 96  ? 4.005   -1.721  -9.807  1.00 10.72 ? 96  ARG A C   1 
ATOM   749  O O   . ARG A 1 96  ? 4.064   -2.018  -8.605  1.00 11.89 ? 96  ARG A O   1 
ATOM   750  C CB  . ARG A 1 96  ? 5.884   -2.617  -11.212 1.00 12.94 ? 96  ARG A CB  1 
ATOM   751  C CG  . ARG A 1 96  ? 6.457   -3.848  -11.888 1.00 12.57 ? 96  ARG A CG  1 
ATOM   752  C CD  . ARG A 1 96  ? 7.926   -3.655  -12.240 1.00 14.83 ? 96  ARG A CD  1 
ATOM   753  N NE  . ARG A 1 96  ? 8.482   -4.845  -12.877 1.00 19.55 ? 96  ARG A NE  1 
ATOM   754  C CZ  . ARG A 1 96  ? 9.588   -4.860  -13.616 1.00 20.57 ? 96  ARG A CZ  1 
ATOM   755  N NH1 . ARG A 1 96  ? 10.271  -3.743  -13.826 1.00 23.89 ? 96  ARG A NH1 1 
ATOM   756  N NH2 . ARG A 1 96  ? 10.007  -5.996  -14.159 1.00 21.76 ? 96  ARG A NH2 1 
ATOM   757  N N   . CYS A 1 97  ? 3.603   -0.521  -10.231 1.00 10.76 ? 97  CYS A N   1 
ATOM   758  C CA  . CYS A 1 97  ? 3.138   0.473   -9.270  1.00 11.39 ? 97  CYS A CA  1 
ATOM   759  C C   . CYS A 1 97  ? 1.880   -0.001  -8.557  1.00 10.65 ? 97  CYS A C   1 
ATOM   760  O O   . CYS A 1 97  ? 1.726   0.203   -7.346  1.00 11.60 ? 97  CYS A O   1 
ATOM   761  C CB  . CYS A 1 97  ? 2.879   1.805   -9.968  1.00 11.16 ? 97  CYS A CB  1 
ATOM   762  S SG  . CYS A 1 97  ? 4.360   2.667   -10.497 1.00 12.82 ? 97  CYS A SG  1 
ATOM   763  N N   . ALA A 1 98  ? 0.958   -0.627  -9.290  1.00 10.75 ? 98  ALA A N   1 
ATOM   764  C CA  . ALA A 1 98  ? -0.240  -1.167  -8.656  1.00 11.10 ? 98  ALA A CA  1 
ATOM   765  C C   . ALA A 1 98  ? 0.115   -2.243  -7.634  1.00 10.07 ? 98  ALA A C   1 
ATOM   766  O O   . ALA A 1 98  ? -0.497  -2.319  -6.560  1.00 11.15 ? 98  ALA A O   1 
ATOM   767  C CB  . ALA A 1 98  ? -1.203  -1.703  -9.719  1.00 11.02 ? 98  ALA A CB  1 
ATOM   768  N N   . ALA A 1 99  ? 1.110   -3.077  -7.946  1.00 10.34 ? 99  ALA A N   1 
ATOM   769  C CA  . ALA A 1 99  ? 1.559   -4.094  -7.005  1.00 11.25 ? 99  ALA A CA  1 
ATOM   770  C C   . ALA A 1 99  ? 2.147   -3.474  -5.740  1.00 11.41 ? 99  ALA A C   1 
ATOM   771  O O   . ALA A 1 99  ? 1.860   -3.933  -4.625  1.00 11.57 ? 99  ALA A O   1 
ATOM   772  C CB  . ALA A 1 99  ? 2.594   -4.999  -7.668  1.00 12.80 ? 99  ALA A CB  1 
ATOM   773  N N   . ILE A 1 100 ? 3.017   -2.471  -5.894  1.00 10.16 ? 100 ILE A N   1 
ATOM   774  C CA  . ILE A 1 100 ? 3.580   -1.803  -4.722  1.00 10.68 ? 100 ILE A CA  1 
ATOM   775  C C   . ILE A 1 100 ? 2.473   -1.172  -3.896  1.00 10.64 ? 100 ILE A C   1 
ATOM   776  O O   . ILE A 1 100 ? 2.513   -1.193  -2.656  1.00 11.88 ? 100 ILE A O   1 
ATOM   777  C CB  . ILE A 1 100 ? 4.632   -0.750  -5.129  1.00 11.34 ? 100 ILE A CB  1 
ATOM   778  C CG1 . ILE A 1 100 ? 5.802   -1.399  -5.871  1.00 11.49 ? 100 ILE A CG1 1 
ATOM   779  C CG2 . ILE A 1 100 ? 5.130   0.014   -3.898  1.00 11.89 ? 100 ILE A CG2 1 
ATOM   780  C CD1 . ILE A 1 100 ? 6.648   -0.410  -6.655  1.00 13.74 ? 100 ILE A CD1 1 
ATOM   781  N N   . ASN A 1 101 ? 1.486   -0.572  -4.573  1.00 10.84 ? 101 ASN A N   1 
ATOM   782  C CA  . ASN A 1 101 ? 0.377   0.075   -3.884  1.00 10.59 ? 101 ASN A CA  1 
ATOM   783  C C   . ASN A 1 101 ? -0.316  -0.906  -2.946  1.00 10.50 ? 101 ASN A C   1 
ATOM   784  O O   . ASN A 1 101 ? -0.547  -0.605  -1.764  1.00 11.54 ? 101 ASN A O   1 
ATOM   785  C CB  . ASN A 1 101 ? -0.581  0.643   -4.935  1.00 11.05 ? 101 ASN A CB  1 
ATOM   786  C CG  . ASN A 1 101 ? -1.601  1.601   -4.362  1.00 9.36  ? 101 ASN A CG  1 
ATOM   787  O OD1 . ASN A 1 101 ? -2.333  1.264   -3.426  1.00 11.15 ? 101 ASN A OD1 1 
ATOM   788  N ND2 . ASN A 1 101 ? -1.696  2.789   -4.952  1.00 10.95 ? 101 ASN A ND2 1 
ATOM   789  N N   . MET A 1 102 ? -0.640  -2.102  -3.456  1.00 10.38 ? 102 MET A N   1 
ATOM   790  C CA  . MET A 1 102 ? -1.286  -3.119  -2.629  1.00 10.98 ? 102 MET A CA  1 
ATOM   791  C C   . MET A 1 102 ? -0.415  -3.538  -1.448  1.00 12.09 ? 102 MET A C   1 
ATOM   792  O O   . MET A 1 102 ? -0.924  -3.711  -0.334  1.00 11.98 ? 102 MET A O   1 
ATOM   793  C CB  . MET A 1 102 ? -1.655  -4.340  -3.466  1.00 11.51 ? 102 MET A CB  1 
ATOM   794  C CG  . MET A 1 102 ? -2.750  -4.087  -4.490  1.00 11.17 ? 102 MET A CG  1 
ATOM   795  S SD  . MET A 1 102 ? -3.332  -5.591  -5.281  1.00 13.85 ? 102 MET A SD  1 
ATOM   796  C CE  . MET A 1 102 ? -4.248  -6.357  -3.948  1.00 14.74 ? 102 MET A CE  1 
ATOM   797  N N   . VAL A 1 103 ? 0.887   -3.726  -1.670  1.00 11.41 ? 103 VAL A N   1 
ATOM   798  C CA  . VAL A 1 103 ? 1.768   -4.130  -0.569  1.00 12.12 ? 103 VAL A CA  1 
ATOM   799  C C   . VAL A 1 103 ? 1.896   -3.016  0.461   1.00 12.53 ? 103 VAL A C   1 
ATOM   800  O O   . VAL A 1 103 ? 1.936   -3.269  1.674   1.00 13.63 ? 103 VAL A O   1 
ATOM   801  C CB  . VAL A 1 103 ? 3.128   -4.609  -1.114  1.00 13.43 ? 103 VAL A CB  1 
ATOM   802  C CG1 . VAL A 1 103 ? 4.113   -4.880  0.017   1.00 14.89 ? 103 VAL A CG1 1 
ATOM   803  C CG2 . VAL A 1 103 ? 2.942   -5.863  -1.967  1.00 13.32 ? 103 VAL A CG2 1 
ATOM   804  N N   . PHE A 1 104 ? 1.940   -1.766  -0.001  1.00 11.46 ? 104 PHE A N   1 
ATOM   805  C CA  . PHE A 1 104 ? 1.936   -0.627  0.910   1.00 12.61 ? 104 PHE A CA  1 
ATOM   806  C C   . PHE A 1 104 ? 0.698   -0.643  1.798   1.00 12.64 ? 104 PHE A C   1 
ATOM   807  O O   . PHE A 1 104 ? 0.796   -0.426  3.014   1.00 13.68 ? 104 PHE A O   1 
ATOM   808  C CB  . PHE A 1 104 ? 2.023   0.657   0.079   1.00 11.57 ? 104 PHE A CB  1 
ATOM   809  C CG  . PHE A 1 104 ? 2.208   1.931   0.874   1.00 10.99 ? 104 PHE A CG  1 
ATOM   810  C CD1 . PHE A 1 104 ? 1.119   2.581   1.425   1.00 12.12 ? 104 PHE A CD1 1 
ATOM   811  C CD2 . PHE A 1 104 ? 3.461   2.522   0.991   1.00 11.58 ? 104 PHE A CD2 1 
ATOM   812  C CE1 . PHE A 1 104 ? 1.273   3.767   2.116   1.00 13.28 ? 104 PHE A CE1 1 
ATOM   813  C CE2 . PHE A 1 104 ? 3.618   3.709   1.670   1.00 12.12 ? 104 PHE A CE2 1 
ATOM   814  C CZ  . PHE A 1 104 ? 2.523   4.331   2.240   1.00 13.12 ? 104 PHE A CZ  1 
ATOM   815  N N   . GLN A 1 105 ? -0.468  -0.932  1.217   1.00 11.91 ? 105 GLN A N   1 
ATOM   816  C CA  . GLN A 1 105 ? -1.707  -0.879  1.981   1.00 12.72 ? 105 GLN A CA  1 
ATOM   817  C C   . GLN A 1 105 ? -1.881  -2.088  2.898   1.00 14.36 ? 105 GLN A C   1 
ATOM   818  O O   . GLN A 1 105 ? -2.302  -1.933  4.052   1.00 15.80 ? 105 GLN A O   1 
ATOM   819  C CB  . GLN A 1 105 ? -2.913  -0.736  1.040   1.00 12.24 ? 105 GLN A CB  1 
ATOM   820  C CG  . GLN A 1 105 ? -4.238  -0.570  1.784   1.00 14.02 ? 105 GLN A CG  1 
ATOM   821  C CD  . GLN A 1 105 ? -5.449  -0.452  0.864   1.00 13.49 ? 105 GLN A CD  1 
ATOM   822  O OE1 . GLN A 1 105 ? -5.336  -0.487  -0.359  1.00 12.96 ? 105 GLN A OE1 1 
ATOM   823  N NE2 . GLN A 1 105 ? -6.631  -0.316  1.465   1.00 15.44 ? 105 GLN A NE2 1 
ATOM   824  N N   . MET A 1 106 ? -1.572  -3.300  2.422   1.00 14.47 ? 106 MET A N   1 
ATOM   825  C CA  A MET A 1 106 ? -1.902  -4.490  3.194   0.33 14.82 ? 106 MET A CA  1 
ATOM   826  C CA  B MET A 1 106 ? -1.905  -4.527  3.140   0.67 14.79 ? 106 MET A CA  1 
ATOM   827  C C   . MET A 1 106 ? -0.709  -5.318  3.648   1.00 15.24 ? 106 MET A C   1 
ATOM   828  O O   . MET A 1 106 ? -0.906  -6.269  4.415   1.00 16.70 ? 106 MET A O   1 
ATOM   829  C CB  A MET A 1 106 ? -2.940  -5.374  2.473   0.33 16.82 ? 106 MET A CB  1 
ATOM   830  C CB  B MET A 1 106 ? -2.763  -5.439  2.260   0.67 16.60 ? 106 MET A CB  1 
ATOM   831  C CG  A MET A 1 106 ? -2.492  -6.007  1.167   0.33 16.73 ? 106 MET A CG  1 
ATOM   832  C CG  B MET A 1 106 ? -4.179  -4.946  2.148   0.67 15.93 ? 106 MET A CG  1 
ATOM   833  S SD  A MET A 1 106 ? -3.818  -6.934  0.348   0.33 21.04 ? 106 MET A SD  1 
ATOM   834  S SD  B MET A 1 106 ? -5.111  -5.810  0.892   0.67 17.38 ? 106 MET A SD  1 
ATOM   835  C CE  A MET A 1 106 ? -4.804  -5.610  -0.335  0.33 15.87 ? 106 MET A CE  1 
ATOM   836  C CE  B MET A 1 106 ? -4.504  -4.961  -0.565  0.67 17.74 ? 106 MET A CE  1 
ATOM   837  N N   . GLY A 1 107 ? 0.506   -4.978  3.236   1.00 14.92 ? 107 GLY A N   1 
ATOM   838  C CA  . GLY A 1 107 ? 1.680   -5.710  3.665   1.00 16.39 ? 107 GLY A CA  1 
ATOM   839  C C   . GLY A 1 107 ? 1.982   -6.905  2.777   1.00 17.05 ? 107 GLY A C   1 
ATOM   840  O O   . GLY A 1 107 ? 1.111   -7.459  2.106   1.00 16.95 ? 107 GLY A O   1 
ATOM   841  N N   . GLU A 1 108 ? 3.256   -7.311  2.794   1.00 19.59 ? 108 GLU A N   1 
ATOM   842  C CA  . GLU A 1 108 ? 3.714   -8.350  1.876   1.00 20.79 ? 108 GLU A CA  1 
ATOM   843  C C   . GLU A 1 108 ? 3.052   -9.694  2.157   1.00 21.84 ? 108 GLU A C   1 
ATOM   844  O O   . GLU A 1 108 ? 2.702   -10.419 1.222   1.00 20.79 ? 108 GLU A O   1 
ATOM   845  C CB  . GLU A 1 108 ? 5.244   -8.462  1.870   1.00 25.52 ? 108 GLU A CB  1 
ATOM   846  C CG  . GLU A 1 108 ? 5.869   -9.065  3.112   1.00 28.41 ? 108 GLU A CG  1 
ATOM   847  C CD  . GLU A 1 108 ? 7.230   -9.688  2.835   1.00 28.79 ? 108 GLU A CD  1 
ATOM   848  O OE1 . GLU A 1 108 ? 7.286   -10.766 2.207   1.00 28.85 ? 108 GLU A OE1 1 
ATOM   849  O OE2 . GLU A 1 108 ? 8.243   -9.093  3.244   1.00 29.63 ? 108 GLU A OE2 1 
ATOM   850  N N   C THR A 1 109 ? 2.879   -10.055 3.432   0.78 22.35 ? 109 THR A N   1 
ATOM   851  N N   D THR A 1 109 ? 2.855   -10.031 3.434   0.22 22.39 ? 109 THR A N   1 
ATOM   852  C CA  C THR A 1 109 ? 2.256   -11.337 3.750   0.78 23.57 ? 109 THR A CA  1 
ATOM   853  C CA  D THR A 1 109 ? 2.240   -11.305 3.784   0.22 23.53 ? 109 THR A CA  1 
ATOM   854  C C   C THR A 1 109 ? 0.822   -11.385 3.239   0.78 21.97 ? 109 THR A C   1 
ATOM   855  C C   D THR A 1 109 ? 0.732   -11.293 3.569   0.22 22.29 ? 109 THR A C   1 
ATOM   856  O O   C THR A 1 109 ? 0.398   -12.375 2.624   0.78 22.58 ? 109 THR A O   1 
ATOM   857  O O   D THR A 1 109 ? 0.147   -12.338 3.270   0.22 23.57 ? 109 THR A O   1 
ATOM   858  C CB  C THR A 1 109 ? 2.305   -11.587 5.259   0.78 24.94 ? 109 THR A CB  1 
ATOM   859  C CB  D THR A 1 109 ? 2.567   -11.665 5.236   0.22 24.69 ? 109 THR A CB  1 
ATOM   860  O OG1 C THR A 1 109 ? 1.601   -10.539 5.941   0.78 29.93 ? 109 THR A OG1 1 
ATOM   861  O OG1 D THR A 1 109 ? 2.079   -10.639 6.108   0.22 27.14 ? 109 THR A OG1 1 
ATOM   862  C CG2 C THR A 1 109 ? 3.744   -11.636 5.747   0.78 25.00 ? 109 THR A CG2 1 
ATOM   863  C CG2 D THR A 1 109 ? 4.070   -11.805 5.425   0.22 24.52 ? 109 THR A CG2 1 
ATOM   864  N N   C GLY A 1 110 ? 0.062   -10.314 3.477   0.78 22.41 ? 110 GLY A N   1 
ATOM   865  N N   D GLY A 1 110 ? 0.091   -10.129 3.710   0.22 22.32 ? 110 GLY A N   1 
ATOM   866  C CA  C GLY A 1 110 ? -1.319  -10.282 3.026   0.78 21.86 ? 110 GLY A CA  1 
ATOM   867  C CA  D GLY A 1 110 ? -1.353  -10.066 3.574   0.22 21.63 ? 110 GLY A CA  1 
ATOM   868  C C   C GLY A 1 110 ? -1.440  -10.391 1.519   0.78 20.38 ? 110 GLY A C   1 
ATOM   869  C C   D GLY A 1 110 ? -1.842  -10.325 2.163   0.22 20.97 ? 110 GLY A C   1 
ATOM   870  O O   C GLY A 1 110 ? -2.235  -11.177 1.003   0.78 21.07 ? 110 GLY A O   1 
ATOM   871  O O   D GLY A 1 110 ? -2.963  -10.805 1.970   0.22 22.15 ? 110 GLY A O   1 
ATOM   872  N N   C VAL A 1 111 ? -0.633  -9.614  0.792   0.78 20.00 ? 111 VAL A N   1 
ATOM   873  N N   D VAL A 1 111 ? -1.017  -10.022 1.161   0.22 20.63 ? 111 VAL A N   1 
ATOM   874  C CA  C VAL A 1 111 ? -0.707  -9.653  -0.665  0.78 18.26 ? 111 VAL A CA  1 
ATOM   875  C CA  D VAL A 1 111 ? -1.405  -10.209 -0.233  0.22 19.56 ? 111 VAL A CA  1 
ATOM   876  C C   C VAL A 1 111 ? -0.219  -10.992 -1.208  0.78 17.62 ? 111 VAL A C   1 
ATOM   877  C C   D VAL A 1 111 ? -1.159  -11.651 -0.659  0.22 20.04 ? 111 VAL A C   1 
ATOM   878  O O   C VAL A 1 111 ? -0.748  -11.494 -2.209  0.78 18.88 ? 111 VAL A O   1 
ATOM   879  O O   D VAL A 1 111 ? -1.175  -11.966 -1.855  0.22 19.93 ? 111 VAL A O   1 
ATOM   880  C CB  C VAL A 1 111 ? 0.045   -8.455  -1.274  0.78 17.12 ? 111 VAL A CB  1 
ATOM   881  C CB  D VAL A 1 111 ? -0.687  -9.211  -1.162  0.22 18.87 ? 111 VAL A CB  1 
ATOM   882  C CG1 C VAL A 1 111 ? -0.020  -8.506  -2.787  0.78 17.54 ? 111 VAL A CG1 1 
ATOM   883  C CG1 D VAL A 1 111 ? -0.992  -7.779  -0.743  0.22 17.89 ? 111 VAL A CG1 1 
ATOM   884  C CG2 C VAL A 1 111 ? -0.535  -7.145  -0.760  0.78 16.93 ? 111 VAL A CG2 1 
ATOM   885  C CG2 D VAL A 1 111 ? 0.810   -9.466  -1.168  0.22 19.26 ? 111 VAL A CG2 1 
ATOM   886  N N   C ALA A 1 112 ? 0.784   -11.597 -0.560  0.78 17.79 ? 112 ALA A N   1 
ATOM   887  N N   D ALA A 1 112 ? -0.928  -12.537 0.314   0.22 20.84 ? 112 ALA A N   1 
ATOM   888  C CA  C ALA A 1 112 ? 1.287   -12.893 -1.004  0.78 18.80 ? 112 ALA A CA  1 
ATOM   889  C CA  D ALA A 1 112 ? -0.738  -13.952 0.017   0.22 20.97 ? 112 ALA A CA  1 
ATOM   890  C C   C ALA A 1 112 ? 0.231   -13.983 -0.900  0.78 19.81 ? 112 ALA A C   1 
ATOM   891  C C   D ALA A 1 112 ? -2.054  -14.694 -0.171  0.22 20.69 ? 112 ALA A C   1 
ATOM   892  O O   C ALA A 1 112 ? 0.354   -15.016 -1.567  0.78 22.02 ? 112 ALA A O   1 
ATOM   893  O O   D ALA A 1 112 ? -2.067  -15.744 -0.823  0.22 21.57 ? 112 ALA A O   1 
ATOM   894  C CB  C ALA A 1 112 ? 2.544   -13.277 -0.218  0.78 20.79 ? 112 ALA A CB  1 
ATOM   895  C CB  D ALA A 1 112 ? 0.101   -14.628 1.102   0.22 22.04 ? 112 ALA A CB  1 
ATOM   896  N N   C GLY A 1 113 ? -0.805  -13.775 -0.084  0.78 21.10 ? 113 GLY A N   1 
ATOM   897  N N   D GLY A 1 113 ? -3.154  -14.181 0.381   0.22 20.10 ? 113 GLY A N   1 
ATOM   898  C CA  C GLY A 1 113 ? -1.908  -14.712 -0.007  0.78 20.77 ? 113 GLY A CA  1 
ATOM   899  C CA  D GLY A 1 113 ? -4.460  -14.721 0.044   0.22 19.47 ? 113 GLY A CA  1 
ATOM   900  C C   C GLY A 1 113 ? -2.906  -14.635 -1.143  0.78 20.52 ? 113 GLY A C   1 
ATOM   901  C C   D GLY A 1 113 ? -4.854  -14.517 -1.402  0.22 19.03 ? 113 GLY A C   1 
ATOM   902  O O   C GLY A 1 113 ? -3.777  -15.505 -1.227  0.78 20.85 ? 113 GLY A O   1 
ATOM   903  O O   D GLY A 1 113 ? -5.859  -15.086 -1.845  0.22 19.13 ? 113 GLY A O   1 
ATOM   904  N N   C PHE A 1 114 ? -2.800  -13.632 -2.020  0.78 18.94 ? 114 PHE A N   1 
ATOM   905  N N   D PHE A 1 114 ? -4.082  -13.716 -2.141  0.22 19.46 ? 114 PHE A N   1 
ATOM   906  C CA  C PHE A 1 114 ? -3.714  -13.460 -3.154  0.78 19.54 ? 114 PHE A CA  1 
ATOM   907  C CA  D PHE A 1 114 ? -4.292  -13.479 -3.562  0.22 19.06 ? 114 PHE A CA  1 
ATOM   908  C C   C PHE A 1 114 ? -3.307  -14.384 -4.309  0.78 17.87 ? 114 PHE A C   1 
ATOM   909  C C   D PHE A 1 114 ? -3.491  -14.433 -4.443  0.22 18.13 ? 114 PHE A C   1 
ATOM   910  O O   C PHE A 1 114 ? -3.083  -13.962 -5.440  0.78 18.18 ? 114 PHE A O   1 
ATOM   911  O O   D PHE A 1 114 ? -3.058  -14.030 -5.530  0.22 18.17 ? 114 PHE A O   1 
ATOM   912  C CB  C PHE A 1 114 ? -3.719  -12.007 -3.616  0.78 19.06 ? 114 PHE A CB  1 
ATOM   913  C CB  D PHE A 1 114 ? -3.945  -12.028 -3.914  0.22 19.13 ? 114 PHE A CB  1 
ATOM   914  C CG  C PHE A 1 114 ? -4.586  -11.088 -2.794  0.78 18.52 ? 114 PHE A CG  1 
ATOM   915  C CG  D PHE A 1 114 ? -4.828  -10.995 -3.256  0.22 18.83 ? 114 PHE A CG  1 
ATOM   916  C CD1 C PHE A 1 114 ? -4.379  -10.940 -1.432  0.78 21.87 ? 114 PHE A CD1 1 
ATOM   917  C CD1 D PHE A 1 114 ? -4.640  -10.643 -1.929  0.22 20.01 ? 114 PHE A CD1 1 
ATOM   918  C CD2 C PHE A 1 114 ? -5.586  -10.340 -3.400  0.78 19.58 ? 114 PHE A CD2 1 
ATOM   919  C CD2 D PHE A 1 114 ? -5.821  -10.352 -3.979  0.22 18.39 ? 114 PHE A CD2 1 
ATOM   920  C CE1 C PHE A 1 114 ? -5.169  -10.080 -0.685  0.78 21.49 ? 114 PHE A CE1 1 
ATOM   921  C CE1 D PHE A 1 114 ? -5.441  -9.687  -1.326  0.22 19.57 ? 114 PHE A CE1 1 
ATOM   922  C CE2 C PHE A 1 114 ? -6.379  -9.476  -2.654  0.78 21.23 ? 114 PHE A CE2 1 
ATOM   923  C CE2 D PHE A 1 114 ? -6.630  -9.394  -3.383  0.22 17.58 ? 114 PHE A CE2 1 
ATOM   924  C CZ  C PHE A 1 114 ? -6.165  -9.349  -1.296  0.78 20.16 ? 114 PHE A CZ  1 
ATOM   925  C CZ  D PHE A 1 114 ? -6.437  -9.062  -2.054  0.22 18.57 ? 114 PHE A CZ  1 
ATOM   926  N N   . THR A 1 115 ? -3.262  -15.679 -4.003  1.00 18.00 ? 115 THR A N   1 
ATOM   927  C CA  . THR A 1 115 ? -2.576  -16.649 -4.859  1.00 18.83 ? 115 THR A CA  1 
ATOM   928  C C   . THR A 1 115 ? -3.179  -16.709 -6.259  1.00 17.85 ? 115 THR A C   1 
ATOM   929  O O   . THR A 1 115 ? -2.458  -16.703 -7.264  1.00 17.47 ? 115 THR A O   1 
ATOM   930  C CB  . THR A 1 115 ? -2.627  -18.031 -4.209  1.00 19.69 ? 115 THR A CB  1 
ATOM   931  O OG1 . THR A 1 115 ? -2.039  -17.968 -2.908  1.00 22.59 ? 115 THR A OG1 1 
ATOM   932  C CG2 . THR A 1 115 ? -1.877  -19.050 -5.056  1.00 23.52 ? 115 THR A CG2 1 
ATOM   933  N N   . ASN A 1 116 ? -4.505  -16.775 -6.348  1.00 16.53 ? 116 ASN A N   1 
ATOM   934  C CA  . ASN A 1 116 ? -5.131  -16.903 -7.658  1.00 16.26 ? 116 ASN A CA  1 
ATOM   935  C C   . ASN A 1 116 ? -5.005  -15.614 -8.468  1.00 15.26 ? 116 ASN A C   1 
ATOM   936  O O   . ASN A 1 116 ? -4.763  -15.658 -9.678  1.00 15.78 ? 116 ASN A O   1 
ATOM   937  C CB  . ASN A 1 116 ? -6.584  -17.357 -7.497  1.00 16.99 ? 116 ASN A CB  1 
ATOM   938  C CG  . ASN A 1 116 ? -6.690  -18.676 -6.739  1.00 19.66 ? 116 ASN A CG  1 
ATOM   939  O OD1 . ASN A 1 116 ? -5.918  -19.608 -6.989  1.00 21.75 ? 116 ASN A OD1 1 
ATOM   940  N ND2 . ASN A 1 116 ? -7.618  -18.748 -5.788  1.00 17.57 ? 116 ASN A ND2 1 
ATOM   941  N N   . SER A 1 117 ? -5.141  -14.456 -7.812  1.00 15.67 ? 117 SER A N   1 
ATOM   942  C CA  . SER A 1 117 ? -4.970  -13.185 -8.508  1.00 17.12 ? 117 SER A CA  1 
ATOM   943  C C   . SER A 1 117 ? -3.551  -13.052 -9.047  1.00 14.37 ? 117 SER A C   1 
ATOM   944  O O   . SER A 1 117 ? -3.341  -12.591 -10.177 1.00 14.72 ? 117 SER A O   1 
ATOM   945  C CB  . SER A 1 117 ? -5.249  -12.031 -7.542  1.00 18.22 ? 117 SER A CB  1 
ATOM   946  O OG  . SER A 1 117 ? -6.537  -12.122 -6.950  1.00 23.37 ? 117 SER A OG  1 
ATOM   947  N N   . LEU A 1 118 ? -2.567  -13.453 -8.239  1.00 14.22 ? 118 LEU A N   1 
ATOM   948  C CA  . LEU A 1 118 ? -1.170  -13.371 -8.650  1.00 16.63 ? 118 LEU A CA  1 
ATOM   949  C C   . LEU A 1 118 ? -0.912  -14.227 -9.878  1.00 15.41 ? 118 LEU A C   1 
ATOM   950  O O   . LEU A 1 118 ? -0.203  -13.806 -10.798 1.00 15.19 ? 118 LEU A O   1 
ATOM   951  C CB  . LEU A 1 118 ? -0.270  -13.814 -7.497  1.00 16.52 ? 118 LEU A CB  1 
ATOM   952  C CG  . LEU A 1 118 ? -0.159  -12.840 -6.325  1.00 17.26 ? 118 LEU A CG  1 
ATOM   953  C CD1 . LEU A 1 118 ? 0.488   -13.505 -5.121  1.00 18.28 ? 118 LEU A CD1 1 
ATOM   954  C CD2 . LEU A 1 118 ? 0.634   -11.600 -6.732  1.00 18.45 ? 118 LEU A CD2 1 
ATOM   955  N N   . ARG A 1 119 ? -1.492  -15.429 -9.917  1.00 15.38 ? 119 ARG A N   1 
ATOM   956  C CA  . ARG A 1 119 ? -1.315  -16.293 -11.079 1.00 17.05 ? 119 ARG A CA  1 
ATOM   957  C C   . ARG A 1 119 ? -1.921  -15.658 -12.323 1.00 15.56 ? 119 ARG A C   1 
ATOM   958  O O   . ARG A 1 119 ? -1.299  -15.640 -13.390 1.00 14.90 ? 119 ARG A O   1 
ATOM   959  C CB  . ARG A 1 119 ? -1.930  -17.670 -10.816 1.00 17.38 ? 119 ARG A CB  1 
ATOM   960  C CG  . ARG A 1 119 ? -1.928  -18.597 -12.025 1.00 21.88 ? 119 ARG A CG  1 
ATOM   961  C CD  . ARG A 1 119 ? -2.635  -19.915 -11.710 1.00 25.48 ? 119 ARG A CD  1 
ATOM   962  N NE  . ARG A 1 119 ? -2.216  -20.487 -10.429 1.00 30.00 ? 119 ARG A NE  1 
ATOM   963  C CZ  . ARG A 1 119 ? -2.986  -20.554 -9.345  1.00 29.22 ? 119 ARG A CZ  1 
ATOM   964  N NH1 . ARG A 1 119 ? -4.221  -20.070 -9.373  1.00 27.26 ? 119 ARG A NH1 1 
ATOM   965  N NH2 . ARG A 1 119 ? -2.518  -21.097 -8.228  1.00 31.34 ? 119 ARG A NH2 1 
ATOM   966  N N   . MET A 1 120 ? -3.140  -15.118 -12.203 1.00 13.96 ? 120 MET A N   1 
ATOM   967  C CA  . MET A 1 120 ? -3.769  -14.463 -13.346 1.00 15.04 ? 120 MET A CA  1 
ATOM   968  C C   . MET A 1 120 ? -2.946  -13.274 -13.832 1.00 12.97 ? 120 MET A C   1 
ATOM   969  O O   . MET A 1 120 ? -2.826  -13.049 -15.041 1.00 13.56 ? 120 MET A O   1 
ATOM   970  C CB  . MET A 1 120 ? -5.182  -14.018 -12.989 1.00 14.90 ? 120 MET A CB  1 
ATOM   971  C CG  . MET A 1 120 ? -6.136  -15.172 -12.718 1.00 15.51 ? 120 MET A CG  1 
ATOM   972  S SD  . MET A 1 120 ? -7.729  -14.561 -12.145 1.00 17.98 ? 120 MET A SD  1 
ATOM   973  C CE  . MET A 1 120 ? -8.469  -16.071 -11.517 1.00 18.14 ? 120 MET A CE  1 
ATOM   974  N N   . LEU A 1 121 ? -2.383  -12.490 -12.903 1.00 13.64 ? 121 LEU A N   1 
ATOM   975  C CA  . LEU A 1 121 ? -1.534  -11.363 -13.293 1.00 12.93 ? 121 LEU A CA  1 
ATOM   976  C C   . LEU A 1 121 ? -0.275  -11.837 -14.008 1.00 13.01 ? 121 LEU A C   1 
ATOM   977  O O   . LEU A 1 121 ? 0.102   -11.279 -15.043 1.00 13.37 ? 121 LEU A O   1 
ATOM   978  C CB  . LEU A 1 121 ? -1.184  -10.502 -12.077 1.00 13.54 ? 121 LEU A CB  1 
ATOM   979  C CG  . LEU A 1 121 ? -2.340  -9.692  -11.485 1.00 12.28 ? 121 LEU A CG  1 
ATOM   980  C CD1 . LEU A 1 121 ? -1.940  -9.122  -10.120 1.00 14.29 ? 121 LEU A CD1 1 
ATOM   981  C CD2 . LEU A 1 121 ? -2.784  -8.574  -12.403 1.00 14.07 ? 121 LEU A CD2 1 
ATOM   982  N N   . GLN A 1 122 ? 0.369   -12.883 -13.491 1.00 13.28 ? 122 GLN A N   1 
ATOM   983  C CA  . GLN A 1 122 ? 1.559   -13.399 -14.154 1.00 16.17 ? 122 GLN A CA  1 
ATOM   984  C C   . GLN A 1 122 ? 1.234   -13.921 -15.541 1.00 15.26 ? 122 GLN A C   1 
ATOM   985  O O   . GLN A 1 122 ? 2.053   -13.801 -16.460 1.00 16.92 ? 122 GLN A O   1 
ATOM   986  C CB  . GLN A 1 122 ? 2.196   -14.508 -13.325 1.00 17.46 ? 122 GLN A CB  1 
ATOM   987  C CG  . GLN A 1 122 ? 3.528   -14.982 -13.895 1.00 21.89 ? 122 GLN A CG  1 
ATOM   988  C CD  . GLN A 1 122 ? 4.449   -15.568 -12.847 1.00 27.50 ? 122 GLN A CD  1 
ATOM   989  O OE1 . GLN A 1 122 ? 4.027   -15.877 -11.735 1.00 33.02 ? 122 GLN A OE1 1 
ATOM   990  N NE2 . GLN A 1 122 ? 5.719   -15.736 -13.205 1.00 32.09 ? 122 GLN A NE2 1 
ATOM   991  N N   . GLN A 1 123 ? 0.040   -14.486 -15.718 1.00 14.80 ? 123 GLN A N   1 
ATOM   992  C CA  . GLN A 1 123 ? -0.423  -14.968 -17.014 1.00 14.23 ? 123 GLN A CA  1 
ATOM   993  C C   . GLN A 1 123 ? -0.937  -13.855 -17.912 1.00 13.82 ? 123 GLN A C   1 
ATOM   994  O O   . GLN A 1 123 ? -1.331  -14.137 -19.052 1.00 16.73 ? 123 GLN A O   1 
ATOM   995  C CB  . GLN A 1 123 ? -1.502  -16.041 -16.826 1.00 17.46 ? 123 GLN A CB  1 
ATOM   996  C CG  . GLN A 1 123 ? -0.963  -17.321 -16.233 1.00 20.90 ? 123 GLN A CG  1 
ATOM   997  C CD  . GLN A 1 123 ? -2.049  -18.316 -15.886 1.00 27.38 ? 123 GLN A CD  1 
ATOM   998  O OE1 . GLN A 1 123 ? -1.846  -19.528 -15.948 1.00 36.63 ? 123 GLN A OE1 1 
ATOM   999  N NE2 . GLN A 1 123 ? -3.201  -17.808 -15.485 1.00 25.35 ? 123 GLN A NE2 1 
ATOM   1000 N N   . LYS A 1 124 ? -0.962  -12.613 -17.420 1.00 13.76 ? 124 LYS A N   1 
ATOM   1001 C CA  . LYS A 1 124 ? -1.424  -11.454 -18.181 1.00 12.77 ? 124 LYS A CA  1 
ATOM   1002 C C   . LYS A 1 124 ? -2.891  -11.578 -18.589 1.00 13.62 ? 124 LYS A C   1 
ATOM   1003 O O   . LYS A 1 124 ? -3.317  -11.036 -19.608 1.00 13.98 ? 124 LYS A O   1 
ATOM   1004 C CB  . LYS A 1 124 ? -0.493  -11.111 -19.349 1.00 14.17 ? 124 LYS A CB  1 
ATOM   1005 C CG  . LYS A 1 124 ? 0.946   -10.875 -18.855 1.00 14.95 ? 124 LYS A CG  1 
ATOM   1006 C CD  . LYS A 1 124 ? 1.867   -10.287 -19.924 1.00 16.68 ? 124 LYS A CD  1 
ATOM   1007 C CE  . LYS A 1 124 ? 3.248   -9.931  -19.370 1.00 16.36 ? 124 LYS A CE  1 
ATOM   1008 N NZ  . LYS A 1 124 ? 3.202   -8.964  -18.261 1.00 17.05 ? 124 LYS A NZ  1 
ATOM   1009 N N   . ARG A 1 125 ? -3.675  -12.242 -17.742 1.00 12.74 ? 125 ARG A N   1 
ATOM   1010 C CA  . ARG A 1 125 ? -5.120  -12.351 -17.936 1.00 13.29 ? 125 ARG A CA  1 
ATOM   1011 C C   . ARG A 1 125 ? -5.773  -11.199 -17.175 1.00 11.43 ? 125 ARG A C   1 
ATOM   1012 O O   . ARG A 1 125 ? -6.328  -11.366 -16.086 1.00 13.39 ? 125 ARG A O   1 
ATOM   1013 C CB  . ARG A 1 125 ? -5.620  -13.706 -17.448 1.00 16.48 ? 125 ARG A CB  1 
ATOM   1014 C CG  . ARG A 1 125 ? -5.071  -14.906 -18.223 1.00 17.44 ? 125 ARG A CG  1 
ATOM   1015 C CD  . ARG A 1 125 ? -5.152  -16.193 -17.394 1.00 20.99 ? 125 ARG A CD  1 
ATOM   1016 N NE  . ARG A 1 125 ? -6.526  -16.507 -16.994 1.00 25.64 ? 125 ARG A NE  1 
ATOM   1017 C CZ  . ARG A 1 125 ? -6.863  -17.383 -16.050 1.00 26.01 ? 125 ARG A CZ  1 
ATOM   1018 N NH1 . ARG A 1 125 ? -5.937  -18.068 -15.398 1.00 29.55 ? 125 ARG A NH1 1 
ATOM   1019 N NH2 . ARG A 1 125 ? -8.141  -17.586 -15.762 1.00 27.92 ? 125 ARG A NH2 1 
ATOM   1020 N N   . TRP A 1 126 ? -5.704  -10.009 -17.776 1.00 13.51 ? 126 TRP A N   1 
ATOM   1021 C CA  . TRP A 1 126 ? -5.976  -8.780  -17.030 1.00 13.16 ? 126 TRP A CA  1 
ATOM   1022 C C   . TRP A 1 126 ? -7.433  -8.686  -16.589 1.00 12.82 ? 126 TRP A C   1 
ATOM   1023 O O   . TRP A 1 126 ? -7.722  -8.321  -15.441 1.00 13.20 ? 126 TRP A O   1 
ATOM   1024 C CB  . TRP A 1 126 ? -5.590  -7.561  -17.859 1.00 13.09 ? 126 TRP A CB  1 
ATOM   1025 C CG  . TRP A 1 126 ? -4.186  -7.584  -18.402 1.00 13.02 ? 126 TRP A CG  1 
ATOM   1026 C CD1 . TRP A 1 126 ? -3.816  -7.421  -19.714 1.00 13.20 ? 126 TRP A CD1 1 
ATOM   1027 C CD2 . TRP A 1 126 ? -2.961  -7.742  -17.659 1.00 12.74 ? 126 TRP A CD2 1 
ATOM   1028 N NE1 . TRP A 1 126 ? -2.450  -7.488  -19.831 1.00 13.96 ? 126 TRP A NE1 1 
ATOM   1029 C CE2 . TRP A 1 126 ? -1.899  -7.672  -18.588 1.00 12.44 ? 126 TRP A CE2 1 
ATOM   1030 C CE3 . TRP A 1 126 ? -2.659  -7.935  -16.304 1.00 13.08 ? 126 TRP A CE3 1 
ATOM   1031 C CZ2 . TRP A 1 126 ? -0.562  -7.794  -18.207 1.00 13.59 ? 126 TRP A CZ2 1 
ATOM   1032 C CZ3 . TRP A 1 126 ? -1.325  -8.059  -15.928 1.00 12.70 ? 126 TRP A CZ3 1 
ATOM   1033 C CH2 . TRP A 1 126 ? -0.296  -7.981  -16.876 1.00 13.20 ? 126 TRP A CH2 1 
ATOM   1034 N N   . ASP A 1 127 ? -8.377  -8.983  -17.488 1.00 12.16 ? 127 ASP A N   1 
ATOM   1035 C CA  . ASP A 1 127 ? -9.783  -8.860  -17.106 1.00 13.76 ? 127 ASP A CA  1 
ATOM   1036 C C   . ASP A 1 127 ? -10.144 -9.861  -16.019 1.00 11.93 ? 127 ASP A C   1 
ATOM   1037 O O   . ASP A 1 127 ? -10.862 -9.529  -15.062 1.00 13.36 ? 127 ASP A O   1 
ATOM   1038 C CB  . ASP A 1 127 ? -10.697 -9.060  -18.314 1.00 13.11 ? 127 ASP A CB  1 
ATOM   1039 C CG  . ASP A 1 127 ? -10.721 -7.867  -19.245 1.00 14.17 ? 127 ASP A CG  1 
ATOM   1040 O OD1 . ASP A 1 127 ? -9.992  -6.883  -19.004 1.00 17.33 ? 127 ASP A OD1 1 
ATOM   1041 O OD2 . ASP A 1 127 ? -11.493 -7.913  -20.232 1.00 18.44 ? 127 ASP A OD2 1 
ATOM   1042 N N   . GLU A 1 128 ? -9.638  -11.085 -16.132 1.00 12.62 ? 128 GLU A N   1 
ATOM   1043 C CA  . GLU A 1 128 ? -9.942  -12.086 -15.119 1.00 13.85 ? 128 GLU A CA  1 
ATOM   1044 C C   . GLU A 1 128 ? -9.295  -11.721 -13.796 1.00 12.39 ? 128 GLU A C   1 
ATOM   1045 O O   . GLU A 1 128 ? -9.900  -11.898 -12.733 1.00 13.38 ? 128 GLU A O   1 
ATOM   1046 C CB  . GLU A 1 128 ? -9.459  -13.458 -15.571 1.00 14.79 ? 128 GLU A CB  1 
ATOM   1047 C CG  . GLU A 1 128 ? -10.264 -14.057 -16.697 1.00 17.08 ? 128 GLU A CG  1 
ATOM   1048 C CD  . GLU A 1 128 ? -9.586  -15.275 -17.266 1.00 23.47 ? 128 GLU A CD  1 
ATOM   1049 O OE1 . GLU A 1 128 ? -9.983  -16.407 -16.906 1.00 28.07 ? 128 GLU A OE1 1 
ATOM   1050 O OE2 . GLU A 1 128 ? -8.632  -15.098 -18.047 1.00 22.58 ? 128 GLU A OE2 1 
ATOM   1051 N N   . ALA A 1 129 ? -8.058  -11.213 -13.842 1.00 12.66 ? 129 ALA A N   1 
ATOM   1052 C CA  . ALA A 1 129 ? -7.405  -10.765 -12.617 1.00 12.33 ? 129 ALA A CA  1 
ATOM   1053 C C   . ALA A 1 129 ? -8.210  -9.665  -11.944 1.00 12.26 ? 129 ALA A C   1 
ATOM   1054 O O   . ALA A 1 129 ? -8.364  -9.666  -10.717 1.00 12.90 ? 129 ALA A O   1 
ATOM   1055 C CB  . ALA A 1 129 ? -5.978  -10.297 -12.912 1.00 13.36 ? 129 ALA A CB  1 
ATOM   1056 N N   . ALA A 1 130 ? -8.725  -8.717  -12.733 1.00 12.30 ? 130 ALA A N   1 
ATOM   1057 C CA  . ALA A 1 130 ? -9.501  -7.613  -12.178 1.00 13.63 ? 130 ALA A CA  1 
ATOM   1058 C C   . ALA A 1 130 ? -10.761 -8.113  -11.484 1.00 13.56 ? 130 ALA A C   1 
ATOM   1059 O O   . ALA A 1 130 ? -11.113 -7.636  -10.397 1.00 14.31 ? 130 ALA A O   1 
ATOM   1060 C CB  . ALA A 1 130 ? -9.854  -6.615  -13.280 1.00 14.63 ? 130 ALA A CB  1 
ATOM   1061 N N   . VAL A 1 131 ? -11.468 -9.060  -12.107 1.00 13.71 ? 131 VAL A N   1 
ATOM   1062 C CA  . VAL A 1 131 ? -12.644 -9.656  -11.471 1.00 14.68 ? 131 VAL A CA  1 
ATOM   1063 C C   . VAL A 1 131 ? -12.259 -10.356 -10.172 1.00 13.96 ? 131 VAL A C   1 
ATOM   1064 O O   . VAL A 1 131 ? -12.934 -10.213 -9.143  1.00 15.02 ? 131 VAL A O   1 
ATOM   1065 C CB  . VAL A 1 131 ? -13.351 -10.614 -12.448 1.00 14.76 ? 131 VAL A CB  1 
ATOM   1066 C CG1 . VAL A 1 131 ? -14.385 -11.467 -11.721 1.00 18.23 ? 131 VAL A CG1 1 
ATOM   1067 C CG2 . VAL A 1 131 ? -14.008 -9.838  -13.578 1.00 17.31 ? 131 VAL A CG2 1 
ATOM   1068 N N   . ASN A 1 132 ? -11.161 -11.112 -10.193 1.00 13.28 ? 132 ASN A N   1 
ATOM   1069 C CA  . ASN A 1 132 ? -10.769 -11.872 -9.012  1.00 12.98 ? 132 ASN A CA  1 
ATOM   1070 C C   . ASN A 1 132 ? -10.334 -10.950 -7.876  1.00 13.17 ? 132 ASN A C   1 
ATOM   1071 O O   . ASN A 1 132 ? -10.653 -11.207 -6.709  1.00 13.91 ? 132 ASN A O   1 
ATOM   1072 C CB  . ASN A 1 132 ? -9.649  -12.841 -9.382  1.00 14.64 ? 132 ASN A CB  1 
ATOM   1073 C CG  . ASN A 1 132 ? -9.289  -13.781 -8.255  1.00 15.72 ? 132 ASN A CG  1 
ATOM   1074 O OD1 . ASN A 1 132 ? -8.315  -13.559 -7.528  1.00 18.90 ? 132 ASN A OD1 1 
ATOM   1075 N ND2 . ASN A 1 132 ? -10.069 -14.844 -8.105  1.00 20.02 ? 132 ASN A ND2 1 
ATOM   1076 N N   . LEU A 1 133 ? -9.600  -9.873  -8.201  1.00 12.42 ? 133 LEU A N   1 
ATOM   1077 C CA  . LEU A 1 133 ? -9.124  -8.934  -7.188  1.00 12.02 ? 133 LEU A CA  1 
ATOM   1078 C C   . LEU A 1 133 ? -10.274 -8.272  -6.441  1.00 12.08 ? 133 LEU A C   1 
ATOM   1079 O O   . LEU A 1 133 ? -10.124 -7.926  -5.262  1.00 14.03 ? 133 LEU A O   1 
ATOM   1080 C CB  . LEU A 1 133 ? -8.254  -7.866  -7.856  1.00 12.99 ? 133 LEU A CB  1 
ATOM   1081 C CG  . LEU A 1 133 ? -6.828  -8.300  -8.211  1.00 14.31 ? 133 LEU A CG  1 
ATOM   1082 C CD1 . LEU A 1 133 ? -6.203  -7.325  -9.198  1.00 16.68 ? 133 LEU A CD1 1 
ATOM   1083 C CD2 . LEU A 1 133 ? -5.962  -8.434  -6.965  1.00 15.29 ? 133 LEU A CD2 1 
ATOM   1084 N N   . ALA A 1 134 ? -11.406 -8.051  -7.114  1.00 13.06 ? 134 ALA A N   1 
ATOM   1085 C CA  . ALA A 1 134 ? -12.550 -7.408  -6.486  1.00 13.91 ? 134 ALA A CA  1 
ATOM   1086 C C   . ALA A 1 134 ? -13.305 -8.328  -5.537  1.00 14.07 ? 134 ALA A C   1 
ATOM   1087 O O   . ALA A 1 134 ? -14.125 -7.840  -4.750  1.00 15.62 ? 134 ALA A O   1 
ATOM   1088 C CB  . ALA A 1 134 ? -13.490 -6.843  -7.560  1.00 15.95 ? 134 ALA A CB  1 
ATOM   1089 N N   . LYS A 1 135 ? -13.052 -9.634  -5.587  1.00 12.86 ? 135 LYS A N   1 
ATOM   1090 C CA  . LYS A 1 135 ? -13.689 -10.580 -4.671  1.00 13.95 ? 135 LYS A CA  1 
ATOM   1091 C C   . LYS A 1 135 ? -12.847 -10.666 -3.398  1.00 13.48 ? 135 LYS A C   1 
ATOM   1092 O O   . LYS A 1 135 ? -12.187 -11.663 -3.114  1.00 14.06 ? 135 LYS A O   1 
ATOM   1093 C CB  . LYS A 1 135 ? -13.857 -11.934 -5.349  1.00 14.79 ? 135 LYS A CB  1 
ATOM   1094 C CG  . LYS A 1 135 ? -14.740 -11.887 -6.596  1.00 15.32 ? 135 LYS A CG  1 
ATOM   1095 C CD  . LYS A 1 135 ? -14.778 -13.229 -7.318  1.00 17.87 ? 135 LYS A CD  1 
ATOM   1096 C CE  . LYS A 1 135 ? -15.691 -13.172 -8.534  1.00 18.09 ? 135 LYS A CE  1 
ATOM   1097 N NZ  . LYS A 1 135 ? -15.492 -14.344 -9.436  1.00 20.56 ? 135 LYS A NZ  1 
ATOM   1098 N N   . SER A 1 136 ? -12.861 -9.574  -2.633  1.00 12.70 ? 136 SER A N   1 
ATOM   1099 C CA  . SER A 1 136 ? -11.924 -9.442  -1.528  1.00 12.48 ? 136 SER A CA  1 
ATOM   1100 C C   . SER A 1 136 ? -12.491 -8.502  -0.476  1.00 13.13 ? 136 SER A C   1 
ATOM   1101 O O   . SER A 1 136 ? -13.231 -7.567  -0.796  1.00 13.02 ? 136 SER A O   1 
ATOM   1102 C CB  . SER A 1 136 ? -10.586 -8.886  -2.030  1.00 12.60 ? 136 SER A CB  1 
ATOM   1103 O OG  . SER A 1 136 ? -10.733 -7.599  -2.612  1.00 12.98 ? 136 SER A OG  1 
ATOM   1104 N N   . ARG A 1 137 ? -12.103 -8.731  0.783   1.00 12.78 ? 137 ARG A N   1 
ATOM   1105 C CA  . ARG A 1 137 ? -12.397 -7.739  1.811   1.00 13.10 ? 137 ARG A CA  1 
ATOM   1106 C C   . ARG A 1 137 ? -11.810 -6.388  1.429   1.00 14.38 ? 137 ARG A C   1 
ATOM   1107 O O   . ARG A 1 137 ? -12.438 -5.347  1.650   1.00 15.10 ? 137 ARG A O   1 
ATOM   1108 C CB  . ARG A 1 137 ? -11.867 -8.177  3.179   1.00 12.84 ? 137 ARG A CB  1 
ATOM   1109 C CG  . ARG A 1 137 ? -12.133 -7.140  4.262   1.00 14.77 ? 137 ARG A CG  1 
ATOM   1110 C CD  . ARG A 1 137 ? -11.746 -7.609  5.658   1.00 16.33 ? 137 ARG A CD  1 
ATOM   1111 N NE  . ARG A 1 137 ? -12.213 -6.678  6.681   1.00 18.81 ? 137 ARG A NE  1 
ATOM   1112 C CZ  . ARG A 1 137 ? -11.570 -5.564  7.020   1.00 18.92 ? 137 ARG A CZ  1 
ATOM   1113 N NH1 . ARG A 1 137 ? -10.434 -5.238  6.418   1.00 20.16 ? 137 ARG A NH1 1 
ATOM   1114 N NH2 . ARG A 1 137 ? -12.068 -4.769  7.960   1.00 18.59 ? 137 ARG A NH2 1 
ATOM   1115 N N   . TRP A 1 138 ? -10.612 -6.395  0.835   1.00 13.24 ? 138 TRP A N   1 
ATOM   1116 C CA  . TRP A 1 138 ? -9.953  -5.165  0.397   1.00 13.60 ? 138 TRP A CA  1 
ATOM   1117 C C   . TRP A 1 138 ? -10.877 -4.313  -0.463  1.00 14.14 ? 138 TRP A C   1 
ATOM   1118 O O   . TRP A 1 138 ? -11.091 -3.125  -0.186  1.00 14.82 ? 138 TRP A O   1 
ATOM   1119 C CB  . TRP A 1 138 ? -8.699  -5.549  -0.388  1.00 14.11 ? 138 TRP A CB  1 
ATOM   1120 C CG  . TRP A 1 138 ? -8.007  -4.444  -1.122  1.00 13.55 ? 138 TRP A CG  1 
ATOM   1121 C CD1 . TRP A 1 138 ? -7.484  -3.302  -0.580  1.00 13.94 ? 138 TRP A CD1 1 
ATOM   1122 C CD2 . TRP A 1 138 ? -7.683  -4.410  -2.518  1.00 13.02 ? 138 TRP A CD2 1 
ATOM   1123 N NE1 . TRP A 1 138 ? -6.882  -2.547  -1.558  1.00 12.93 ? 138 TRP A NE1 1 
ATOM   1124 C CE2 . TRP A 1 138 ? -6.987  -3.204  -2.754  1.00 12.46 ? 138 TRP A CE2 1 
ATOM   1125 C CE3 . TRP A 1 138 ? -7.935  -5.271  -3.596  1.00 12.88 ? 138 TRP A CE3 1 
ATOM   1126 C CZ2 . TRP A 1 138 ? -6.522  -2.845  -4.012  1.00 12.17 ? 138 TRP A CZ2 1 
ATOM   1127 C CZ3 . TRP A 1 138 ? -7.480  -4.914  -4.843  1.00 12.89 ? 138 TRP A CZ3 1 
ATOM   1128 C CH2 . TRP A 1 138 ? -6.786  -3.706  -5.048  1.00 12.89 ? 138 TRP A CH2 1 
ATOM   1129 N N   . TYR A 1 139 ? -11.443 -4.910  -1.512  1.00 13.86 ? 139 TYR A N   1 
ATOM   1130 C CA  . TYR A 1 139 ? -12.317 -4.163  -2.405  1.00 14.25 ? 139 TYR A CA  1 
ATOM   1131 C C   . TYR A 1 139 ? -13.572 -3.696  -1.676  1.00 16.35 ? 139 TYR A C   1 
ATOM   1132 O O   . TYR A 1 139 ? -14.013 -2.555  -1.848  1.00 18.44 ? 139 TYR A O   1 
ATOM   1133 C CB  . TYR A 1 139 ? -12.687 -5.058  -3.588  1.00 15.57 ? 139 TYR A CB  1 
ATOM   1134 C CG  . TYR A 1 139 ? -13.667 -4.485  -4.588  1.00 17.47 ? 139 TYR A CG  1 
ATOM   1135 C CD1 . TYR A 1 139 ? -13.236 -3.694  -5.642  1.00 19.60 ? 139 TYR A CD1 1 
ATOM   1136 C CD2 . TYR A 1 139 ? -15.025 -4.773  -4.496  1.00 20.47 ? 139 TYR A CD2 1 
ATOM   1137 C CE1 . TYR A 1 139 ? -14.136 -3.188  -6.570  1.00 23.45 ? 139 TYR A CE1 1 
ATOM   1138 C CE2 . TYR A 1 139 ? -15.929 -4.271  -5.414  1.00 25.64 ? 139 TYR A CE2 1 
ATOM   1139 C CZ  . TYR A 1 139 ? -15.479 -3.482  -6.448  1.00 24.72 ? 139 TYR A CZ  1 
ATOM   1140 O OH  . TYR A 1 139 ? -16.385 -2.983  -7.360  1.00 31.52 ? 139 TYR A OH  1 
ATOM   1141 N N   . ASN A 1 140 ? -14.158 -4.558  -0.847  1.00 13.66 ? 140 ASN A N   1 
ATOM   1142 C CA  . ASN A 1 140 ? -15.405 -4.185  -0.187  1.00 15.29 ? 140 ASN A CA  1 
ATOM   1143 C C   . ASN A 1 140 ? -15.205 -3.074  0.837   1.00 15.85 ? 140 ASN A C   1 
ATOM   1144 O O   . ASN A 1 140 ? -16.096 -2.232  1.017   1.00 17.44 ? 140 ASN A O   1 
ATOM   1145 C CB  . ASN A 1 140 ? -16.051 -5.409  0.449   1.00 15.75 ? 140 ASN A CB  1 
ATOM   1146 C CG  . ASN A 1 140 ? -16.718 -6.295  -0.571  1.00 15.80 ? 140 ASN A CG  1 
ATOM   1147 O OD1 . ASN A 1 140 ? -16.178 -7.328  -0.971  1.00 17.99 ? 140 ASN A OD1 1 
ATOM   1148 N ND2 . ASN A 1 140 ? -17.893 -5.886  -1.023  1.00 16.80 ? 140 ASN A ND2 1 
ATOM   1149 N N   . GLN A 1 141 ? -14.056 -3.033  1.499   1.00 13.56 ? 141 GLN A N   1 
ATOM   1150 C CA  . GLN A 1 141 ? -13.859 -2.031  2.538   1.00 13.82 ? 141 GLN A CA  1 
ATOM   1151 C C   . GLN A 1 141 ? -13.315 -0.707  2.011   1.00 15.40 ? 141 GLN A C   1 
ATOM   1152 O O   . GLN A 1 141 ? -13.654 0.350   2.562   1.00 15.86 ? 141 GLN A O   1 
ATOM   1153 C CB  . GLN A 1 141 ? -12.963 -2.584  3.648   1.00 17.05 ? 141 GLN A CB  1 
ATOM   1154 C CG  . GLN A 1 141 ? -13.486 -3.863  4.316   1.00 18.23 ? 141 GLN A CG  1 
ATOM   1155 C CD  . GLN A 1 141 ? -14.867 -3.708  4.939   1.00 16.87 ? 141 GLN A CD  1 
ATOM   1156 O OE1 . GLN A 1 141 ? -15.770 -4.524  4.700   1.00 18.98 ? 141 GLN A OE1 1 
ATOM   1157 N NE2 . GLN A 1 141 ? -15.036 -2.664  5.744   1.00 17.57 ? 141 GLN A NE2 1 
ATOM   1158 N N   . THR A 1 142 ? -12.472 -0.719  0.979   1.00 13.83 ? 142 THR A N   1 
ATOM   1159 C CA  . THR A 1 142 ? -11.985 0.506   0.341   1.00 12.83 ? 142 THR A CA  1 
ATOM   1160 C C   . THR A 1 142 ? -12.232 0.419   -1.160  1.00 12.61 ? 142 THR A C   1 
ATOM   1161 O O   . THR A 1 142 ? -11.298 0.271   -1.956  1.00 12.66 ? 142 THR A O   1 
ATOM   1162 C CB  . THR A 1 142 ? -10.511 0.785   0.661   1.00 12.75 ? 142 THR A CB  1 
ATOM   1163 O OG1 . THR A 1 142 ? -9.697  -0.346  0.319   1.00 15.00 ? 142 THR A OG1 1 
ATOM   1164 C CG2 . THR A 1 142 ? -10.318 1.098   2.149   1.00 14.34 ? 142 THR A CG2 1 
ATOM   1165 N N   . PRO A 1 143 ? -13.500 0.506   -1.582  1.00 12.57 ? 143 PRO A N   1 
ATOM   1166 C CA  . PRO A 1 143 ? -13.817 0.225   -2.994  1.00 12.22 ? 143 PRO A CA  1 
ATOM   1167 C C   . PRO A 1 143 ? -13.299 1.257   -3.969  1.00 12.11 ? 143 PRO A C   1 
ATOM   1168 O O   . PRO A 1 143 ? -12.913 0.884   -5.080  1.00 12.67 ? 143 PRO A O   1 
ATOM   1169 C CB  . PRO A 1 143 ? -15.349 0.130   -3.005  1.00 13.29 ? 143 PRO A CB  1 
ATOM   1170 C CG  . PRO A 1 143 ? -15.776 0.934   -1.835  1.00 13.65 ? 143 PRO A CG  1 
ATOM   1171 C CD  . PRO A 1 143 ? -14.716 0.733   -0.781  1.00 13.84 ? 143 PRO A CD  1 
ATOM   1172 N N   . ASN A 1 144 ? -13.285 2.542   -3.619  1.00 12.72 ? 144 ASN A N   1 
ATOM   1173 C CA  . ASN A 1 144 ? -12.808 3.513   -4.596  1.00 13.81 ? 144 ASN A CA  1 
ATOM   1174 C C   . ASN A 1 144 ? -11.309 3.377   -4.827  1.00 12.58 ? 144 ASN A C   1 
ATOM   1175 O O   . ASN A 1 144 ? -10.840 3.446   -5.967  1.00 12.87 ? 144 ASN A O   1 
ATOM   1176 C CB  . ASN A 1 144 ? -13.189 4.933   -4.189  1.00 15.99 ? 144 ASN A CB  1 
ATOM   1177 C CG  . ASN A 1 144 ? -14.655 5.226   -4.437  1.00 17.47 ? 144 ASN A CG  1 
ATOM   1178 O OD1 . ASN A 1 144 ? -15.273 4.646   -5.331  1.00 22.92 ? 144 ASN A OD1 1 
ATOM   1179 N ND2 . ASN A 1 144 ? -15.219 6.132   -3.653  1.00 25.29 ? 144 ASN A ND2 1 
ATOM   1180 N N   . ARG A 1 145 ? -10.543 3.188   -3.756  1.00 12.21 ? 145 ARG A N   1 
ATOM   1181 C CA  . ARG A 1 145 ? -9.108  2.989   -3.919  1.00 12.44 ? 145 ARG A CA  1 
ATOM   1182 C C   . ARG A 1 145 ? -8.816  1.668   -4.618  1.00 12.06 ? 145 ARG A C   1 
ATOM   1183 O O   . ARG A 1 145 ? -7.982  1.613   -5.531  1.00 12.92 ? 145 ARG A O   1 
ATOM   1184 C CB  . ARG A 1 145 ? -8.428  3.076   -2.557  1.00 15.70 ? 145 ARG A CB  1 
ATOM   1185 C CG  . ARG A 1 145 ? -6.918  3.318   -2.625  1.00 17.19 ? 145 ARG A CG  1 
ATOM   1186 C CD  . ARG A 1 145 ? -6.234  2.058   -2.232  1.00 17.51 ? 145 ARG A CD  1 
ATOM   1187 N NE  . ARG A 1 145 ? -4.782  2.162   -2.064  1.00 12.99 ? 145 ARG A NE  1 
ATOM   1188 C CZ  . ARG A 1 145 ? -4.173  2.668   -1.001  1.00 12.87 ? 145 ARG A CZ  1 
ATOM   1189 N NH1 . ARG A 1 145 ? -4.867  3.191   -0.001  1.00 14.38 ? 145 ARG A NH1 1 
ATOM   1190 N NH2 . ARG A 1 145 ? -2.860  2.632   -0.942  1.00 12.49 ? 145 ARG A NH2 1 
ATOM   1191 N N   . ALA A 1 146 ? -9.513  0.602   -4.225  1.00 12.99 ? 146 ALA A N   1 
ATOM   1192 C CA  . ALA A 1 146 ? -9.314  -0.687  -4.883  1.00 13.60 ? 146 ALA A CA  1 
ATOM   1193 C C   . ALA A 1 146 ? -9.669  -0.617  -6.363  1.00 13.59 ? 146 ALA A C   1 
ATOM   1194 O O   . ALA A 1 146 ? -8.961  -1.190  -7.205  1.00 13.51 ? 146 ALA A O   1 
ATOM   1195 C CB  . ALA A 1 146 ? -10.119 -1.779  -4.174  1.00 14.56 ? 146 ALA A CB  1 
ATOM   1196 N N   . LYS A 1 147 ? -10.757 0.083   -6.706  1.00 12.99 ? 147 LYS A N   1 
ATOM   1197 C CA  . LYS A 1 147 ? -11.108 0.243   -8.113  1.00 13.88 ? 147 LYS A CA  1 
ATOM   1198 C C   . LYS A 1 147 ? -9.999  0.941   -8.896  1.00 11.95 ? 147 LYS A C   1 
ATOM   1199 O O   . LYS A 1 147 ? -9.707  0.559   -10.037 1.00 12.52 ? 147 LYS A O   1 
ATOM   1200 C CB  . LYS A 1 147 ? -12.433 0.994   -8.261  1.00 14.00 ? 147 LYS A CB  1 
ATOM   1201 C CG  . LYS A 1 147 ? -13.681 0.154   -8.001  1.00 17.11 ? 147 LYS A CG  1 
ATOM   1202 C CD  . LYS A 1 147 ? -14.911 1.040   -7.843  1.00 19.78 ? 147 LYS A CD  1 
ATOM   1203 C CE  . LYS A 1 147 ? -16.152 0.209   -7.536  1.00 23.19 ? 147 LYS A CE  1 
ATOM   1204 N NZ  . LYS A 1 147 ? -17.389 1.037   -7.463  1.00 25.75 ? 147 LYS A NZ  1 
ATOM   1205 N N   . ARG A 1 148 ? -9.364  1.965   -8.315  1.00 11.88 ? 148 ARG A N   1 
ATOM   1206 C CA  . ARG A 1 148 ? -8.279  2.629   -9.032  1.00 11.63 ? 148 ARG A CA  1 
ATOM   1207 C C   . ARG A 1 148 ? -7.116  1.676   -9.255  1.00 10.88 ? 148 ARG A C   1 
ATOM   1208 O O   . ARG A 1 148 ? -6.534  1.626   -10.345 1.00 11.43 ? 148 ARG A O   1 
ATOM   1209 C CB  . ARG A 1 148 ? -7.803  3.876   -8.280  1.00 11.50 ? 148 ARG A CB  1 
ATOM   1210 C CG  . ARG A 1 148 ? -8.794  5.020   -8.255  1.00 11.90 ? 148 ARG A CG  1 
ATOM   1211 C CD  . ARG A 1 148 ? -8.152  6.313   -7.761  1.00 12.26 ? 148 ARG A CD  1 
ATOM   1212 N NE  . ARG A 1 148 ? -7.817  6.289   -6.340  1.00 12.69 ? 148 ARG A NE  1 
ATOM   1213 C CZ  . ARG A 1 148 ? -8.681  6.558   -5.364  1.00 12.12 ? 148 ARG A CZ  1 
ATOM   1214 N NH1 . ARG A 1 148 ? -9.949  6.855   -5.642  1.00 14.54 ? 148 ARG A NH1 1 
ATOM   1215 N NH2 . ARG A 1 148 ? -8.279  6.521   -4.103  1.00 14.27 ? 148 ARG A NH2 1 
ATOM   1216 N N   . VAL A 1 149 ? -6.735  0.941   -8.210  1.00 10.93 ? 149 VAL A N   1 
ATOM   1217 C CA  . VAL A 1 149 ? -5.630  -0.001  -8.330  1.00 11.55 ? 149 VAL A CA  1 
ATOM   1218 C C   . VAL A 1 149 ? -5.966  -1.091  -9.341  1.00 11.44 ? 149 VAL A C   1 
ATOM   1219 O O   . VAL A 1 149 ? -5.140  -1.443  -10.196 1.00 11.81 ? 149 VAL A O   1 
ATOM   1220 C CB  . VAL A 1 149 ? -5.289  -0.574  -6.943  1.00 10.96 ? 149 VAL A CB  1 
ATOM   1221 C CG1 . VAL A 1 149 ? -4.247  -1.677  -7.055  1.00 13.02 ? 149 VAL A CG1 1 
ATOM   1222 C CG2 . VAL A 1 149 ? -4.805  0.541   -6.019  1.00 12.51 ? 149 VAL A CG2 1 
ATOM   1223 N N   . ILE A 1 150 ? -7.183  -1.637  -9.266  1.00 11.47 ? 150 ILE A N   1 
ATOM   1224 C CA  . ILE A 1 150 ? -7.603  -2.691  -10.190 1.00 11.96 ? 150 ILE A CA  1 
ATOM   1225 C C   . ILE A 1 150 ? -7.619  -2.181  -11.626 1.00 12.38 ? 150 ILE A C   1 
ATOM   1226 O O   . ILE A 1 150 ? -7.180  -2.881  -12.549 1.00 12.73 ? 150 ILE A O   1 
ATOM   1227 C CB  . ILE A 1 150 ? -8.960  -3.274  -9.752  1.00 12.67 ? 150 ILE A CB  1 
ATOM   1228 C CG1 . ILE A 1 150 ? -8.788  -4.071  -8.456  1.00 13.35 ? 150 ILE A CG1 1 
ATOM   1229 C CG2 . ILE A 1 150 ? -9.529  -4.163  -10.831 1.00 14.03 ? 150 ILE A CG2 1 
ATOM   1230 C CD1 . ILE A 1 150 ? -10.104 -4.511  -7.831  1.00 15.37 ? 150 ILE A CD1 1 
ATOM   1231 N N   . THR A 1 151 ? -8.134  -0.970  -11.848 1.00 12.42 ? 151 THR A N   1 
ATOM   1232 C CA  . THR A 1 151 ? -8.120  -0.397  -13.193 1.00 13.48 ? 151 THR A CA  1 
ATOM   1233 C C   . THR A 1 151 ? -6.698  -0.269  -13.721 1.00 13.88 ? 151 THR A C   1 
ATOM   1234 O O   . THR A 1 151 ? -6.447  -0.465  -14.919 1.00 13.74 ? 151 THR A O   1 
ATOM   1235 C CB  . THR A 1 151 ? -8.823  0.958   -13.193 1.00 14.54 ? 151 THR A CB  1 
ATOM   1236 O OG1 . THR A 1 151 ? -10.220 0.754   -12.956 1.00 17.40 ? 151 THR A OG1 1 
ATOM   1237 C CG2 . THR A 1 151 ? -8.645  1.689   -14.529 1.00 16.46 ? 151 THR A CG2 1 
ATOM   1238 N N   . THR A 1 152 ? -5.752  0.058   -12.837 1.00 12.01 ? 152 THR A N   1 
ATOM   1239 C CA  . THR A 1 152 ? -4.349  0.132   -13.228 1.00 11.79 ? 152 THR A CA  1 
ATOM   1240 C C   . THR A 1 152 ? -3.824  -1.239  -13.664 1.00 12.36 ? 152 THR A C   1 
ATOM   1241 O O   . THR A 1 152 ? -3.137  -1.351  -14.688 1.00 12.96 ? 152 THR A O   1 
ATOM   1242 C CB  . THR A 1 152 ? -3.527  0.740   -12.083 1.00 11.59 ? 152 THR A CB  1 
ATOM   1243 O OG1 . THR A 1 152 ? -4.128  1.972   -11.662 1.00 12.31 ? 152 THR A OG1 1 
ATOM   1244 C CG2 . THR A 1 152 ? -2.101  1.022   -12.527 1.00 13.46 ? 152 THR A CG2 1 
ATOM   1245 N N   . PHE A 1 153 ? -4.162  -2.297  -12.917 1.00 12.09 ? 153 PHE A N   1 
ATOM   1246 C CA  . PHE A 1 153 ? -3.809  -3.652  -13.343 1.00 13.67 ? 153 PHE A CA  1 
ATOM   1247 C C   . PHE A 1 153 ? -4.542  -4.044  -14.625 1.00 13.29 ? 153 PHE A C   1 
ATOM   1248 O O   . PHE A 1 153 ? -3.986  -4.756  -15.471 1.00 15.93 ? 153 PHE A O   1 
ATOM   1249 C CB  . PHE A 1 153 ? -4.186  -4.657  -12.252 1.00 13.23 ? 153 PHE A CB  1 
ATOM   1250 C CG  . PHE A 1 153 ? -3.157  -4.843  -11.166 1.00 13.82 ? 153 PHE A CG  1 
ATOM   1251 C CD1 . PHE A 1 153 ? -1.833  -5.147  -11.453 1.00 13.55 ? 153 PHE A CD1 1 
ATOM   1252 C CD2 . PHE A 1 153 ? -3.549  -4.756  -9.840  1.00 13.67 ? 153 PHE A CD2 1 
ATOM   1253 C CE1 . PHE A 1 153 ? -0.919  -5.345  -10.433 1.00 13.98 ? 153 PHE A CE1 1 
ATOM   1254 C CE2 . PHE A 1 153 ? -2.646  -4.948  -8.817  1.00 14.53 ? 153 PHE A CE2 1 
ATOM   1255 C CZ  . PHE A 1 153 ? -1.330  -5.247  -9.114  1.00 13.52 ? 153 PHE A CZ  1 
ATOM   1256 N N   . ARG A 1 154 ? -5.805  -3.640  -14.770 1.00 12.61 ? 154 ARG A N   1 
ATOM   1257 C CA  . ARG A 1 154 ? -6.566  -4.069  -15.941 1.00 13.83 ? 154 ARG A CA  1 
ATOM   1258 C C   . ARG A 1 154 ? -6.015  -3.450  -17.220 1.00 14.16 ? 154 ARG A C   1 
ATOM   1259 O O   . ARG A 1 154 ? -5.881  -4.139  -18.243 1.00 15.60 ? 154 ARG A O   1 
ATOM   1260 C CB  . ARG A 1 154 ? -8.049  -3.738  -15.773 1.00 13.87 ? 154 ARG A CB  1 
ATOM   1261 C CG  . ARG A 1 154 ? -8.919  -4.314  -16.884 1.00 17.24 ? 154 ARG A CG  1 
ATOM   1262 C CD  . ARG A 1 154 ? -10.401 -4.038  -16.669 1.00 17.68 ? 154 ARG A CD  1 
ATOM   1263 N NE  . ARG A 1 154 ? -10.711 -2.622  -16.499 1.00 20.98 ? 154 ARG A NE  1 
ATOM   1264 C CZ  . ARG A 1 154 ? -10.871 -1.755  -17.495 1.00 23.52 ? 154 ARG A CZ  1 
ATOM   1265 N NH1 . ARG A 1 154 ? -10.743 -2.147  -18.757 1.00 25.40 ? 154 ARG A NH1 1 
ATOM   1266 N NH2 . ARG A 1 154 ? -11.152 -0.487  -17.227 1.00 28.34 ? 154 ARG A NH2 1 
ATOM   1267 N N   . THR A 1 155 ? -5.672  -2.159  -17.177 1.00 15.49 ? 155 THR A N   1 
ATOM   1268 C CA  . THR A 1 155 ? -5.352  -1.400  -18.380 1.00 15.46 ? 155 THR A CA  1 
ATOM   1269 C C   . THR A 1 155 ? -3.864  -1.137  -18.568 1.00 15.34 ? 155 THR A C   1 
ATOM   1270 O O   . THR A 1 155 ? -3.446  -0.851  -19.698 1.00 16.76 ? 155 THR A O   1 
ATOM   1271 C CB  . THR A 1 155 ? -6.067  -0.044  -18.364 1.00 14.52 ? 155 THR A CB  1 
ATOM   1272 O OG1 . THR A 1 155 ? -5.510  0.768   -17.314 1.00 14.24 ? 155 THR A OG1 1 
ATOM   1273 C CG2 . THR A 1 155 ? -7.563  -0.221  -18.151 1.00 16.18 ? 155 THR A CG2 1 
ATOM   1274 N N   . GLY A 1 156 ? -3.063  -1.175  -17.506 1.00 15.24 ? 156 GLY A N   1 
ATOM   1275 C CA  . GLY A 1 156 ? -1.677  -0.779  -17.636 1.00 14.90 ? 156 GLY A CA  1 
ATOM   1276 C C   . GLY A 1 156 ? -1.481  0.688   -17.931 1.00 14.72 ? 156 GLY A C   1 
ATOM   1277 O O   . GLY A 1 156 ? -0.414  1.077   -18.426 1.00 15.79 ? 156 GLY A O   1 
ATOM   1278 N N   . THR A 1 157 ? -2.487  1.514   -17.642 1.00 14.33 ? 157 THR A N   1 
ATOM   1279 C CA  . THR A 1 157 ? -2.432  2.957   -17.810 1.00 14.60 ? 157 THR A CA  1 
ATOM   1280 C C   . THR A 1 157 ? -2.682  3.633   -16.470 1.00 13.48 ? 157 THR A C   1 
ATOM   1281 O O   . THR A 1 157 ? -3.104  3.004   -15.497 1.00 13.23 ? 157 THR A O   1 
ATOM   1282 C CB  . THR A 1 157 ? -3.497  3.454   -18.802 1.00 15.50 ? 157 THR A CB  1 
ATOM   1283 O OG1 . THR A 1 157 ? -4.780  3.471   -18.156 1.00 14.83 ? 157 THR A OG1 1 
ATOM   1284 C CG2 . THR A 1 157 ? -3.560  2.575   -20.052 1.00 17.15 ? 157 THR A CG2 1 
ATOM   1285 N N   . TRP A 1 158 ? -2.443  4.943   -16.452 1.00 13.40 ? 158 TRP A N   1 
ATOM   1286 C CA  . TRP A 1 158 ? -2.750  5.802   -15.319 1.00 13.46 ? 158 TRP A CA  1 
ATOM   1287 C C   . TRP A 1 158 ? -4.162  6.397   -15.380 1.00 14.11 ? 158 TRP A C   1 
ATOM   1288 O O   . TRP A 1 158 ? -4.448  7.365   -14.663 1.00 14.05 ? 158 TRP A O   1 
ATOM   1289 C CB  . TRP A 1 158 ? -1.716  6.926   -15.239 1.00 14.50 ? 158 TRP A CB  1 
ATOM   1290 C CG  . TRP A 1 158 ? -0.359  6.458   -14.846 1.00 12.75 ? 158 TRP A CG  1 
ATOM   1291 C CD1 . TRP A 1 158 ? 0.774   6.478   -15.606 1.00 14.76 ? 158 TRP A CD1 1 
ATOM   1292 C CD2 . TRP A 1 158 ? 0.009   5.889   -13.585 1.00 13.39 ? 158 TRP A CD2 1 
ATOM   1293 N NE1 . TRP A 1 158 ? 1.833   5.966   -14.886 1.00 14.03 ? 158 TRP A NE1 1 
ATOM   1294 C CE2 . TRP A 1 158 ? 1.387   5.592   -13.645 1.00 14.25 ? 158 TRP A CE2 1 
ATOM   1295 C CE3 . TRP A 1 158 ? -0.695  5.604   -12.410 1.00 12.85 ? 158 TRP A CE3 1 
ATOM   1296 C CZ2 . TRP A 1 158 ? 2.077   5.033   -12.570 1.00 13.82 ? 158 TRP A CZ2 1 
ATOM   1297 C CZ3 . TRP A 1 158 ? -0.007  5.051   -11.341 1.00 15.56 ? 158 TRP A CZ3 1 
ATOM   1298 C CH2 . TRP A 1 158 ? 1.365   4.772   -11.431 1.00 14.51 ? 158 TRP A CH2 1 
ATOM   1299 N N   . ASP A 1 159 ? -5.058  5.830   -16.194 1.00 14.70 ? 159 ASP A N   1 
ATOM   1300 C CA  . ASP A 1 159 ? -6.341  6.486   -16.453 1.00 16.38 ? 159 ASP A CA  1 
ATOM   1301 C C   . ASP A 1 159 ? -7.144  6.726   -15.177 1.00 15.01 ? 159 ASP A C   1 
ATOM   1302 O O   . ASP A 1 159 ? -7.847  7.738   -15.064 1.00 17.18 ? 159 ASP A O   1 
ATOM   1303 C CB  . ASP A 1 159 ? -7.164  5.671   -17.450 1.00 18.22 ? 159 ASP A CB  1 
ATOM   1304 C CG  . ASP A 1 159 ? -6.676  5.819   -18.877 1.00 18.23 ? 159 ASP A CG  1 
ATOM   1305 O OD1 . ASP A 1 159 ? -5.724  6.590   -19.116 1.00 22.95 ? 159 ASP A OD1 1 
ATOM   1306 O OD2 . ASP A 1 159 ? -7.269  5.162   -19.765 1.00 24.94 ? 159 ASP A OD2 1 
ATOM   1307 N N   . ALA A 1 160 ? -7.064  5.810   -14.208 1.00 14.40 ? 160 ALA A N   1 
ATOM   1308 C CA  . ALA A 1 160 ? -7.856  5.961   -12.989 1.00 14.83 ? 160 ALA A CA  1 
ATOM   1309 C C   . ALA A 1 160 ? -7.352  7.089   -12.098 1.00 17.04 ? 160 ALA A C   1 
ATOM   1310 O O   . ALA A 1 160 ? -8.101  7.563   -11.237 1.00 19.11 ? 160 ALA A O   1 
ATOM   1311 C CB  . ALA A 1 160 ? -7.881  4.652   -12.200 1.00 16.55 ? 160 ALA A CB  1 
ATOM   1312 N N   . TYR A 1 161 ? -6.112  7.524   -12.287 1.00 13.47 ? 161 TYR A N   1 
ATOM   1313 C CA  . TYR A 1 161 ? -5.510  8.579   -11.482 1.00 15.41 ? 161 TYR A CA  1 
ATOM   1314 C C   . TYR A 1 161 ? -5.469  9.920   -12.197 1.00 18.48 ? 161 TYR A C   1 
ATOM   1315 O O   . TYR A 1 161 ? -5.129  10.931  -11.568 1.00 25.49 ? 161 TYR A O   1 
ATOM   1316 C CB  . TYR A 1 161 ? -4.099  8.169   -11.037 1.00 14.20 ? 161 TYR A CB  1 
ATOM   1317 C CG  . TYR A 1 161 ? -4.139  7.067   -10.006 1.00 13.05 ? 161 TYR A CG  1 
ATOM   1318 C CD1 . TYR A 1 161 ? -4.232  5.737   -10.397 1.00 12.82 ? 161 TYR A CD1 1 
ATOM   1319 C CD2 . TYR A 1 161 ? -4.142  7.356   -8.642  1.00 12.96 ? 161 TYR A CD2 1 
ATOM   1320 C CE1 . TYR A 1 161 ? -4.302  4.722   -9.473  1.00 11.32 ? 161 TYR A CE1 1 
ATOM   1321 C CE2 . TYR A 1 161 ? -4.204  6.346   -7.698  1.00 12.13 ? 161 TYR A CE2 1 
ATOM   1322 C CZ  . TYR A 1 161 ? -4.290  5.024   -8.124  1.00 11.40 ? 161 TYR A CZ  1 
ATOM   1323 O OH  . TYR A 1 161 ? -4.368  4.000   -7.209  1.00 12.33 ? 161 TYR A OH  1 
ATOM   1324 N N   . LYS A 1 162 ? -5.782  9.950   -13.487 1.00 21.01 ? 162 LYS A N   1 
ATOM   1325 C CA  . LYS A 1 162 ? -5.939  11.199  -14.218 1.00 22.29 ? 162 LYS A CA  1 
ATOM   1326 C C   . LYS A 1 162 ? -7.395  11.645  -14.158 1.00 26.18 ? 162 LYS A C   1 
ATOM   1327 O O   . LYS A 1 162 ? -7.691  12.795  -13.837 1.00 30.68 ? 162 LYS A O   1 
ATOM   1328 C CB  . LYS A 1 162 ? -5.508  11.029  -15.677 1.00 25.14 ? 162 LYS A CB  1 
ATOM   1329 C CG  . LYS A 1 162 ? -4.008  10.854  -15.873 1.00 26.15 ? 162 LYS A CG  1 
ATOM   1330 C CD  . LYS A 1 162 ? -3.689  10.436  -17.301 1.00 30.35 ? 162 LYS A CD  1 
ATOM   1331 C CE  . LYS A 1 162 ? -2.521  11.239  -17.858 1.00 33.57 ? 162 LYS A CE  1 
ATOM   1332 N NZ  . LYS A 1 162 ? -2.726  11.598  -19.290 1.00 36.53 ? 162 LYS A NZ  1 
HETATM 1333 C C10 . ZNV B 2 .   ? 2.177   -8.556  -7.868  1.00 20.98 ? 201 ZNV A C10 1 
HETATM 1334 C C01 . ZNV B 2 .   ? -2.373  -9.826  -5.949  1.00 24.95 ? 201 ZNV A C01 1 
HETATM 1335 C C02 . ZNV B 2 .   ? -2.212  -8.631  -6.464  1.00 25.03 ? 201 ZNV A C02 1 
HETATM 1336 C C03 . ZNV B 2 .   ? -0.925  -7.869  -6.191  1.00 26.74 ? 201 ZNV A C03 1 
HETATM 1337 C C05 . ZNV B 2 .   ? 1.278   -8.141  -6.915  1.00 21.92 ? 201 ZNV A C05 1 
HETATM 1338 C C06 . ZNV B 2 .   ? 1.711   -7.790  -5.650  1.00 24.12 ? 201 ZNV A C06 1 
HETATM 1339 C C07 . ZNV B 2 .   ? 3.059   -7.863  -5.341  1.00 23.49 ? 201 ZNV A C07 1 
HETATM 1340 C C08 . ZNV B 2 .   ? 3.962   -8.287  -6.308  1.00 22.09 ? 201 ZNV A C08 1 
HETATM 1341 C C09 . ZNV B 2 .   ? 3.524   -8.631  -7.573  1.00 20.37 ? 201 ZNV A C09 1 
HETATM 1342 F F11 . ZNV B 2 .   ? 1.704   -8.889  -9.100  1.00 25.35 ? 201 ZNV A F11 1 
HETATM 1343 O O04 . ZNV B 2 .   ? -0.069  -8.079  -7.271  1.00 26.12 ? 201 ZNV A O04 1 
HETATM 1344 C C1  . BME C 3 .   ? 2.927   1.827   7.202   1.00 23.47 ? 202 BME A C1  1 
HETATM 1345 C C2  . BME C 3 .   ? 3.586   2.317   5.925   1.00 20.89 ? 202 BME A C2  1 
HETATM 1346 O O1  . BME C 3 .   ? 1.554   1.776   6.966   1.00 21.94 ? 202 BME A O1  1 
HETATM 1347 S S2  . BME C 3 .   ? 2.857   1.477   4.498   1.00 34.36 ? 202 BME A S2  1 
HETATM 1348 C C   . TRS D 4 .   ? -2.206  2.235   5.502   1.00 13.77 ? 203 TRS A C   1 
HETATM 1349 C C1  . TRS D 4 .   ? -2.785  0.840   5.742   1.00 17.28 ? 203 TRS A C1  1 
HETATM 1350 C C2  . TRS D 4 .   ? -1.527  2.338   4.137   1.00 13.76 ? 203 TRS A C2  1 
HETATM 1351 C C3  . TRS D 4 .   ? -3.350  3.238   5.635   1.00 15.09 ? 203 TRS A C3  1 
HETATM 1352 N N   . TRS D 4 .   ? -1.178  2.531   6.487   1.00 14.52 ? 203 TRS A N   1 
HETATM 1353 O O1  . TRS D 4 .   ? -1.741  -0.070  5.910   1.00 19.06 ? 203 TRS A O1  1 
HETATM 1354 O O2  . TRS D 4 .   ? -2.472  2.056   3.150   1.00 14.20 ? 203 TRS A O2  1 
HETATM 1355 O O3  . TRS D 4 .   ? -2.857  4.544   5.519   1.00 15.73 ? 203 TRS A O3  1 
HETATM 1356 O O   . HOH E 5 .   ? 15.474  0.329   -3.265  1.00 28.20 ? 301 HOH A O   1 
HETATM 1357 O O   . HOH E 5 .   ? 10.816  16.567  1.492   1.00 26.57 ? 302 HOH A O   1 
HETATM 1358 O O   . HOH E 5 .   ? 4.520   1.268   10.330  1.00 26.42 ? 303 HOH A O   1 
HETATM 1359 O O   . HOH E 5 .   ? 5.163   1.425   14.312  1.00 22.35 ? 304 HOH A O   1 
HETATM 1360 O O   . HOH E 5 .   ? 13.430  15.636  11.543  1.00 22.66 ? 305 HOH A O   1 
HETATM 1361 O O   . HOH E 5 .   ? 1.885   -0.545  -19.064 1.00 18.72 ? 306 HOH A O   1 
HETATM 1362 O O   . HOH E 5 .   ? 8.851   -13.705 -13.631 1.00 24.91 ? 307 HOH A O   1 
HETATM 1363 O O   . HOH E 5 .   ? -10.286 -4.560  -20.227 1.00 24.75 ? 308 HOH A O   1 
HETATM 1364 O O   . HOH E 5 .   ? -2.435  2.804   8.882   1.00 15.60 ? 309 HOH A O   1 
HETATM 1365 O O   . HOH E 5 .   ? 6.499   3.755   12.833  1.00 24.24 ? 310 HOH A O   1 
HETATM 1366 O O   . HOH E 5 .   ? -4.231  2.103   16.442  1.00 16.70 ? 311 HOH A O   1 
HETATM 1367 O O   . HOH E 5 .   ? -7.881  6.499   -1.081  1.00 22.95 ? 312 HOH A O   1 
HETATM 1368 O O   . HOH E 5 .   ? -10.512 -2.732  11.650  1.00 31.15 ? 313 HOH A O   1 
HETATM 1369 O O   . HOH E 5 .   ? 9.592   -1.200  -14.345 1.00 25.14 ? 314 HOH A O   1 
HETATM 1370 O O   . HOH E 5 .   ? -16.954 2.557   -5.231  1.00 25.15 ? 315 HOH A O   1 
HETATM 1371 O O   . HOH E 5 .   ? -11.562 2.982   -12.277 1.00 30.25 ? 316 HOH A O   1 
HETATM 1372 O O   . HOH E 5 .   ? 15.099  7.873   9.242   1.00 15.77 ? 317 HOH A O   1 
HETATM 1373 O O   . HOH E 5 .   ? -4.809  -0.481  -22.003 1.00 22.63 ? 318 HOH A O   1 
HETATM 1374 O O   . HOH E 5 .   ? -4.984  -0.730  8.331   1.00 26.41 ? 319 HOH A O   1 
HETATM 1375 O O   . HOH E 5 .   ? -15.323 1.355   4.438   1.00 18.19 ? 320 HOH A O   1 
HETATM 1376 O O   . HOH E 5 .   ? -10.746 7.258   -10.751 1.00 19.69 ? 321 HOH A O   1 
HETATM 1377 O O   . HOH E 5 .   ? -3.888  7.727   4.599   1.00 14.33 ? 322 HOH A O   1 
HETATM 1378 O O   . HOH E 5 .   ? -7.707  9.205   19.861  1.00 29.33 ? 323 HOH A O   1 
HETATM 1379 O O   . HOH E 5 .   ? -19.513 -4.064  0.203   1.00 20.89 ? 324 HOH A O   1 
HETATM 1380 O O   . HOH E 5 .   ? 2.486   -10.189 -15.929 1.00 16.08 ? 325 HOH A O   1 
HETATM 1381 O O   . HOH E 5 .   ? -3.022  11.419  5.051   1.00 15.12 ? 326 HOH A O   1 
HETATM 1382 O O   . HOH E 5 .   ? 8.026   3.564   14.890  1.00 19.78 ? 327 HOH A O   1 
HETATM 1383 O O   . HOH E 5 .   ? 4.298   7.051   4.671   1.00 12.81 ? 328 HOH A O   1 
HETATM 1384 O O   . HOH E 5 .   ? -7.460  3.359   0.879   1.00 24.73 ? 329 HOH A O   1 
HETATM 1385 O O   . HOH E 5 .   ? 4.678   11.738  19.412  1.00 17.78 ? 330 HOH A O   1 
HETATM 1386 O O   . HOH E 5 .   ? 3.677   -8.419  5.831   1.00 28.60 ? 331 HOH A O   1 
HETATM 1387 O O   . HOH E 5 .   ? 11.583  18.937  9.332   1.00 25.00 ? 332 HOH A O   1 
HETATM 1388 O O   . HOH E 5 .   ? -4.414  -21.626 -5.866  1.00 29.31 ? 333 HOH A O   1 
HETATM 1389 O O   . HOH E 5 .   ? 3.474   20.439  11.323  1.00 25.24 ? 334 HOH A O   1 
HETATM 1390 O O   . HOH E 5 .   ? 1.136   2.849   -19.873 1.00 22.49 ? 335 HOH A O   1 
HETATM 1391 O O   . HOH E 5 .   ? -10.251 3.322   16.406  1.00 21.61 ? 336 HOH A O   1 
HETATM 1392 O O   . HOH E 5 .   ? 13.569  12.764  11.176  1.00 22.43 ? 337 HOH A O   1 
HETATM 1393 O O   . HOH E 5 .   ? -5.101  3.722   -13.698 1.00 17.10 ? 338 HOH A O   1 
HETATM 1394 O O   . HOH E 5 .   ? 10.948  17.887  18.836  1.00 21.31 ? 339 HOH A O   1 
HETATM 1395 O O   . HOH E 5 .   ? -5.446  -10.283 -21.247 1.00 18.84 ? 340 HOH A O   1 
HETATM 1396 O O   . HOH E 5 .   ? 12.698  8.117   -3.675  1.00 15.33 ? 341 HOH A O   1 
HETATM 1397 O O   . HOH E 5 .   ? -3.928  -1.005  -2.717  1.00 12.65 ? 342 HOH A O   1 
HETATM 1398 O O   . HOH E 5 .   ? -9.727  6.647   20.105  1.00 28.50 ? 343 HOH A O   1 
HETATM 1399 O O   . HOH E 5 .   ? 4.534   6.753   -15.836 1.00 20.69 ? 344 HOH A O   1 
HETATM 1400 O O   . HOH E 5 .   ? -5.408  12.634  -1.568  1.00 27.20 ? 345 HOH A O   1 
HETATM 1401 O O   . HOH E 5 .   ? -5.960  -4.718  -20.980 1.00 18.59 ? 346 HOH A O   1 
HETATM 1402 O O   . HOH E 5 .   ? 12.008  14.583  3.140   1.00 19.17 ? 347 HOH A O   1 
HETATM 1403 O O   . HOH E 5 .   ? -18.165 -1.633  -0.772  1.00 20.51 ? 348 HOH A O   1 
HETATM 1404 O O   . HOH E 5 .   ? 4.541   -13.345 -17.666 1.00 22.78 ? 349 HOH A O   1 
HETATM 1405 O O   . HOH E 5 .   ? 10.237  -4.706  3.896   1.00 27.98 ? 350 HOH A O   1 
HETATM 1406 O O   . HOH E 5 .   ? 7.866   10.799  -12.473 1.00 19.92 ? 351 HOH A O   1 
HETATM 1407 O O   . HOH E 5 .   ? 12.994  1.520   3.865   1.00 23.40 ? 352 HOH A O   1 
HETATM 1408 O O   . HOH E 5 .   ? -11.765 -14.000 -12.923 1.00 19.40 ? 353 HOH A O   1 
HETATM 1409 O O   . HOH E 5 .   ? 4.382   9.611   5.761   1.00 12.20 ? 354 HOH A O   1 
HETATM 1410 O O   . HOH E 5 .   ? -8.359  -12.319 -18.471 1.00 19.61 ? 355 HOH A O   1 
HETATM 1411 O O   . HOH E 5 .   ? -6.543  -15.779 -4.502  1.00 22.68 ? 356 HOH A O   1 
HETATM 1412 O O   . HOH E 5 .   ? -13.091 -5.720  -11.051 1.00 20.48 ? 357 HOH A O   1 
HETATM 1413 O O   . HOH E 5 .   ? 12.001  5.800   10.603  1.00 14.15 ? 358 HOH A O   1 
HETATM 1414 O O   . HOH E 5 .   ? 10.371  -17.470 -6.724  1.00 33.33 ? 359 HOH A O   1 
HETATM 1415 O O   . HOH E 5 .   ? 9.004   11.107  -0.506  1.00 18.60 ? 360 HOH A O   1 
HETATM 1416 O O   . HOH E 5 .   ? -11.137 -2.631  -13.691 1.00 24.62 ? 361 HOH A O   1 
HETATM 1417 O O   . HOH E 5 .   ? -13.306 0.967   10.626  1.00 20.13 ? 362 HOH A O   1 
HETATM 1418 O O   . HOH E 5 .   ? -16.569 -8.901  -3.313  1.00 23.36 ? 363 HOH A O   1 
HETATM 1419 O O   . HOH E 5 .   ? 0.113   -17.861 -7.760  1.00 29.99 ? 364 HOH A O   1 
HETATM 1420 O O   . HOH E 5 .   ? 15.149  6.188   16.300  1.00 13.94 ? 365 HOH A O   1 
HETATM 1421 O O   . HOH E 5 .   ? 13.019  9.550   10.284  1.00 20.21 ? 366 HOH A O   1 
HETATM 1422 O O   . HOH E 5 .   ? 6.440   18.320  16.658  1.00 19.25 ? 367 HOH A O   1 
HETATM 1423 O O   . HOH E 5 .   ? -12.417 4.625   -8.078  1.00 18.95 ? 368 HOH A O   1 
HETATM 1424 O O   . HOH E 5 .   ? -15.662 -9.263  -9.295  1.00 20.83 ? 369 HOH A O   1 
HETATM 1425 O O   . HOH E 5 .   ? -9.469  -2.314  2.427   1.00 21.03 ? 370 HOH A O   1 
HETATM 1426 O O   . HOH E 5 .   ? 9.399   4.606   7.724   1.00 17.91 ? 371 HOH A O   1 
HETATM 1427 O O   . HOH E 5 .   ? -7.820  -9.343  -20.306 1.00 17.07 ? 372 HOH A O   1 
HETATM 1428 O O   . HOH E 5 .   ? 3.670   15.356  -0.520  1.00 29.26 ? 373 HOH A O   1 
HETATM 1429 O O   . HOH E 5 .   ? -2.230  18.162  8.340   1.00 24.13 ? 374 HOH A O   1 
HETATM 1430 O O   . HOH E 5 .   ? 5.540   -0.257  3.698   1.00 22.18 ? 375 HOH A O   1 
HETATM 1431 O O   . HOH E 5 .   ? 9.058   1.395   6.934   1.00 33.50 ? 376 HOH A O   1 
HETATM 1432 O O   . HOH E 5 .   ? -11.470 7.178   -8.109  1.00 17.43 ? 377 HOH A O   1 
HETATM 1433 O O   . HOH E 5 .   ? -11.940 -1.057  -11.418 1.00 21.32 ? 378 HOH A O   1 
HETATM 1434 O O   . HOH E 5 .   ? -5.608  6.279   24.044  1.00 31.30 ? 379 HOH A O   1 
HETATM 1435 O O   . HOH E 5 .   ? 5.815   21.364  7.362   1.00 24.77 ? 380 HOH A O   1 
HETATM 1436 O O   . HOH E 5 .   ? 8.763   20.560  6.084   1.00 21.33 ? 381 HOH A O   1 
HETATM 1437 O O   . HOH E 5 .   ? -1.119  6.010   -18.861 1.00 19.85 ? 382 HOH A O   1 
HETATM 1438 O O   . HOH E 5 .   ? 0.627   -2.821  16.409  1.00 27.47 ? 383 HOH A O   1 
HETATM 1439 O O   . HOH E 5 .   ? -11.546 8.170   -3.528  1.00 30.53 ? 384 HOH A O   1 
HETATM 1440 O O   . HOH E 5 .   ? 13.156  15.950  21.013  1.00 24.02 ? 385 HOH A O   1 
HETATM 1441 O O   . HOH E 5 .   ? 3.653   4.725   25.433  1.00 30.19 ? 386 HOH A O   1 
HETATM 1442 O O   . HOH E 5 .   ? -3.027  6.770   25.562  1.00 25.74 ? 387 HOH A O   1 
HETATM 1443 O O   . HOH E 5 .   ? -12.518 -7.109  -15.675 1.00 23.68 ? 388 HOH A O   1 
HETATM 1444 O O   . HOH E 5 .   ? -8.766  10.112  10.808  1.00 24.36 ? 389 HOH A O   1 
HETATM 1445 O O   . HOH E 5 .   ? 9.411   -15.780 0.647   1.00 30.26 ? 390 HOH A O   1 
HETATM 1446 O O   . HOH E 5 .   ? -4.722  15.022  2.099   1.00 26.35 ? 391 HOH A O   1 
HETATM 1447 O O   . HOH E 5 .   ? -15.938 -16.520 -7.369  1.00 26.67 ? 392 HOH A O   1 
HETATM 1448 O O   . HOH E 5 .   ? -0.012  13.064  -6.310  1.00 26.54 ? 393 HOH A O   1 
HETATM 1449 O O   . HOH E 5 .   ? 1.883   17.142  -1.045  1.00 34.12 ? 394 HOH A O   1 
HETATM 1450 O O   . HOH E 5 .   ? -8.614  -6.771  4.472   1.00 25.18 ? 395 HOH A O   1 
HETATM 1451 O O   . HOH E 5 .   ? -7.846  -6.775  -21.207 1.00 19.62 ? 396 HOH A O   1 
HETATM 1452 O O   . HOH E 5 .   ? -12.536 -14.897 -10.195 1.00 13.77 ? 397 HOH A O   1 
HETATM 1453 O O   . HOH E 5 .   ? -1.657  -4.328  8.194   1.00 34.11 ? 398 HOH A O   1 
HETATM 1454 O O   . HOH E 5 .   ? 1.972   -16.888 -9.426  1.00 32.80 ? 399 HOH A O   1 
HETATM 1455 O O   . HOH E 5 .   ? 6.365   19.663  13.965  1.00 27.06 ? 400 HOH A O   1 
HETATM 1456 O O   . HOH E 5 .   ? -3.509  17.146  10.053  1.00 29.84 ? 401 HOH A O   1 
HETATM 1457 O O   . HOH E 5 .   ? -13.163 -11.637 -16.793 1.00 24.88 ? 402 HOH A O   1 
HETATM 1458 O O   . HOH E 5 .   ? 8.985   20.763  14.209  1.00 32.30 ? 403 HOH A O   1 
HETATM 1459 O O   . HOH E 5 .   ? 3.600   20.156  18.562  1.00 33.16 ? 404 HOH A O   1 
HETATM 1460 O O   . HOH E 5 .   ? -16.014 -11.777 -2.055  1.00 10.04 ? 405 HOH A O   1 
HETATM 1461 O O   . HOH E 5 .   ? -17.199 -8.567  -7.022  1.00 34.27 ? 406 HOH A O   1 
HETATM 1462 O O   . HOH E 5 .   ? -9.245  10.334  -3.517  1.00 35.55 ? 407 HOH A O   1 
HETATM 1463 O O   . HOH E 5 .   ? -1.726  14.782  -4.885  1.00 30.68 ? 408 HOH A O   1 
HETATM 1464 O O   . HOH E 5 .   ? -10.285 9.672   13.193  1.00 21.85 ? 409 HOH A O   1 
HETATM 1465 O O   . HOH E 5 .   ? -13.129 -3.071  -10.030 1.00 24.67 ? 410 HOH A O   1 
HETATM 1466 O O   . HOH E 5 .   ? 14.382  14.699  4.700   1.00 20.72 ? 411 HOH A O   1 
HETATM 1467 O O   . HOH E 5 .   ? -12.998 -5.015  -13.731 1.00 26.84 ? 412 HOH A O   1 
HETATM 1468 O O   . HOH E 5 .   ? -15.595 -7.062  -10.749 1.00 28.71 ? 413 HOH A O   1 
HETATM 1469 O O   . HOH E 5 .   ? 4.667   21.494  13.388  1.00 28.95 ? 414 HOH A O   1 
HETATM 1470 O O   . HOH E 5 .   ? -13.658 -13.595 -14.896 1.00 24.11 ? 415 HOH A O   1 
HETATM 1471 O O   . HOH E 5 .   ? 3.816   22.192  5.406   1.00 32.83 ? 416 HOH A O   1 
# 
loop_
_pdbx_poly_seq_scheme.asym_id 
_pdbx_poly_seq_scheme.entity_id 
_pdbx_poly_seq_scheme.seq_id 
_pdbx_poly_seq_scheme.mon_id 
_pdbx_poly_seq_scheme.ndb_seq_num 
_pdbx_poly_seq_scheme.pdb_seq_num 
_pdbx_poly_seq_scheme.auth_seq_num 
_pdbx_poly_seq_scheme.pdb_mon_id 
_pdbx_poly_seq_scheme.auth_mon_id 
_pdbx_poly_seq_scheme.pdb_strand_id 
_pdbx_poly_seq_scheme.pdb_ins_code 
_pdbx_poly_seq_scheme.hetero 
A 1 1   MET 1   1   1   MET MET A . n 
A 1 2   ASN 2   2   2   ASN ASN A . n 
A 1 3   ILE 3   3   3   ILE ILE A . n 
A 1 4   PHE 4   4   4   PHE PHE A . n 
A 1 5   GLU 5   5   5   GLU GLU A . n 
A 1 6   MET 6   6   6   MET MET A . n 
A 1 7   LEU 7   7   7   LEU LEU A . n 
A 1 8   ARG 8   8   8   ARG ARG A . n 
A 1 9   ILE 9   9   9   ILE ILE A . n 
A 1 10  ASP 10  10  10  ASP ASP A . n 
A 1 11  GLU 11  11  11  GLU GLU A . n 
A 1 12  GLY 12  12  12  GLY GLY A . n 
A 1 13  LEU 13  13  13  LEU LEU A . n 
A 1 14  ARG 14  14  14  ARG ARG A . n 
A 1 15  LEU 15  15  15  LEU LEU A . n 
A 1 16  LYS 16  16  16  LYS LYS A . n 
A 1 17  ILE 17  17  17  ILE ILE A . n 
A 1 18  TYR 18  18  18  TYR TYR A . n 
A 1 19  LYS 19  19  19  LYS LYS A . n 
A 1 20  ASP 20  20  20  ASP ASP A . n 
A 1 21  THR 21  21  21  THR THR A . n 
A 1 22  GLU 22  22  22  GLU GLU A . n 
A 1 23  GLY 23  23  23  GLY GLY A . n 
A 1 24  TYR 24  24  24  TYR TYR A . n 
A 1 25  TYR 25  25  25  TYR TYR A . n 
A 1 26  THR 26  26  26  THR THR A . n 
A 1 27  ILE 27  27  27  ILE ILE A . n 
A 1 28  GLY 28  28  28  GLY GLY A . n 
A 1 29  ILE 29  29  29  ILE ILE A . n 
A 1 30  GLY 30  30  30  GLY GLY A . n 
A 1 31  HIS 31  31  31  HIS HIS A . n 
A 1 32  LEU 32  32  32  LEU LEU A . n 
A 1 33  LEU 33  33  33  LEU LEU A . n 
A 1 34  THR 34  34  34  THR THR A . n 
A 1 35  LYS 35  35  35  LYS LYS A . n 
A 1 36  SER 36  36  36  SER SER A . n 
A 1 37  PRO 37  37  37  PRO PRO A . n 
A 1 38  SER 38  38  38  SER SER A . n 
A 1 39  LEU 39  39  39  LEU LEU A . n 
A 1 40  ASN 40  40  40  ASN ASN A . n 
A 1 41  ALA 41  41  41  ALA ALA A . n 
A 1 42  ALA 42  42  42  ALA ALA A . n 
A 1 43  LYS 43  43  43  LYS LYS A . n 
A 1 44  SER 44  44  44  SER SER A . n 
A 1 45  GLU 45  45  45  GLU GLU A . n 
A 1 46  LEU 46  46  46  LEU LEU A . n 
A 1 47  ASP 47  47  47  ASP ASP A . n 
A 1 48  LYS 48  48  48  LYS LYS A . n 
A 1 49  ALA 49  49  49  ALA ALA A . n 
A 1 50  ILE 50  50  50  ILE ILE A . n 
A 1 51  GLY 51  51  51  GLY GLY A . n 
A 1 52  ARG 52  52  52  ARG ARG A . n 
A 1 53  ASN 53  53  53  ASN ASN A . n 
A 1 54  CYS 54  54  54  CYS CYS A . n 
A 1 55  ASN 55  55  55  ASN ASN A . n 
A 1 56  GLY 56  56  56  GLY GLY A . n 
A 1 57  VAL 57  57  57  VAL VAL A . n 
A 1 58  ILE 58  58  58  ILE ILE A . n 
A 1 59  THR 59  59  59  THR THR A . n 
A 1 60  LYS 60  60  60  LYS LYS A . n 
A 1 61  ASP 61  61  61  ASP ASP A . n 
A 1 62  GLU 62  62  62  GLU GLU A . n 
A 1 63  ALA 63  63  63  ALA ALA A . n 
A 1 64  GLU 64  64  64  GLU GLU A . n 
A 1 65  LYS 65  65  65  LYS LYS A . n 
A 1 66  LEU 66  66  66  LEU LEU A . n 
A 1 67  PHE 67  67  67  PHE PHE A . n 
A 1 68  ASN 68  68  68  ASN ASN A . n 
A 1 69  GLN 69  69  69  GLN GLN A . n 
A 1 70  ASP 70  70  70  ASP ASP A . n 
A 1 71  VAL 71  71  71  VAL VAL A . n 
A 1 72  ASP 72  72  72  ASP ASP A . n 
A 1 73  ALA 73  73  73  ALA ALA A . n 
A 1 74  ALA 74  74  74  ALA ALA A . n 
A 1 75  VAL 75  75  75  VAL VAL A . n 
A 1 76  ARG 76  76  76  ARG ARG A . n 
A 1 77  GLY 77  77  77  GLY GLY A . n 
A 1 78  ILE 78  78  78  ILE ILE A . n 
A 1 79  LEU 79  79  79  LEU LEU A . n 
A 1 80  ARG 80  80  80  ARG ARG A . n 
A 1 81  ASN 81  81  81  ASN ASN A . n 
A 1 82  ALA 82  82  82  ALA ALA A . n 
A 1 83  LYS 83  83  83  LYS LYS A . n 
A 1 84  LEU 84  84  84  LEU LEU A . n 
A 1 85  LYS 85  85  85  LYS LYS A . n 
A 1 86  PRO 86  86  86  PRO PRO A . n 
A 1 87  VAL 87  87  87  VAL VAL A . n 
A 1 88  TYR 88  88  88  TYR TYR A . n 
A 1 89  ASP 89  89  89  ASP ASP A . n 
A 1 90  SER 90  90  90  SER SER A . n 
A 1 91  LEU 91  91  91  LEU LEU A . n 
A 1 92  ASP 92  92  92  ASP ASP A . n 
A 1 93  ALA 93  93  93  ALA ALA A . n 
A 1 94  VAL 94  94  94  VAL VAL A . n 
A 1 95  ARG 95  95  95  ARG ARG A . n 
A 1 96  ARG 96  96  96  ARG ARG A . n 
A 1 97  CYS 97  97  97  CYS CYS A . n 
A 1 98  ALA 98  98  98  ALA ALA A . n 
A 1 99  ALA 99  99  99  ALA ALA A . n 
A 1 100 ILE 100 100 100 ILE ILE A . n 
A 1 101 ASN 101 101 101 ASN ASN A . n 
A 1 102 MET 102 102 102 MET MET A . n 
A 1 103 VAL 103 103 103 VAL VAL A . n 
A 1 104 PHE 104 104 104 PHE PHE A . n 
A 1 105 GLN 105 105 105 GLN GLN A . n 
A 1 106 MET 106 106 106 MET MET A . n 
A 1 107 GLY 107 107 107 GLY GLY A . n 
A 1 108 GLU 108 108 108 GLU GLU A . n 
A 1 109 THR 109 109 109 THR THR A . n 
A 1 110 GLY 110 110 110 GLY GLY A . n 
A 1 111 VAL 111 111 111 VAL VAL A . n 
A 1 112 ALA 112 112 112 ALA ALA A . n 
A 1 113 GLY 113 113 113 GLY GLY A . n 
A 1 114 PHE 114 114 114 PHE PHE A . n 
A 1 115 THR 115 115 115 THR THR A . n 
A 1 116 ASN 116 116 116 ASN ASN A . n 
A 1 117 SER 117 117 117 SER SER A . n 
A 1 118 LEU 118 118 118 LEU LEU A . n 
A 1 119 ARG 119 119 119 ARG ARG A . n 
A 1 120 MET 120 120 120 MET MET A . n 
A 1 121 LEU 121 121 121 LEU LEU A . n 
A 1 122 GLN 122 122 122 GLN GLN A . n 
A 1 123 GLN 123 123 123 GLN GLN A . n 
A 1 124 LYS 124 124 124 LYS LYS A . n 
A 1 125 ARG 125 125 125 ARG ARG A . n 
A 1 126 TRP 126 126 126 TRP TRP A . n 
A 1 127 ASP 127 127 127 ASP ASP A . n 
A 1 128 GLU 128 128 128 GLU GLU A . n 
A 1 129 ALA 129 129 129 ALA ALA A . n 
A 1 130 ALA 130 130 130 ALA ALA A . n 
A 1 131 VAL 131 131 131 VAL VAL A . n 
A 1 132 ASN 132 132 132 ASN ASN A . n 
A 1 133 LEU 133 133 133 LEU LEU A . n 
A 1 134 ALA 134 134 134 ALA ALA A . n 
A 1 135 LYS 135 135 135 LYS LYS A . n 
A 1 136 SER 136 136 136 SER SER A . n 
A 1 137 ARG 137 137 137 ARG ARG A . n 
A 1 138 TRP 138 138 138 TRP TRP A . n 
A 1 139 TYR 139 139 139 TYR TYR A . n 
A 1 140 ASN 140 140 140 ASN ASN A . n 
A 1 141 GLN 141 141 141 GLN GLN A . n 
A 1 142 THR 142 142 142 THR THR A . n 
A 1 143 PRO 143 143 143 PRO PRO A . n 
A 1 144 ASN 144 144 144 ASN ASN A . n 
A 1 145 ARG 145 145 145 ARG ARG A . n 
A 1 146 ALA 146 146 146 ALA ALA A . n 
A 1 147 LYS 147 147 147 LYS LYS A . n 
A 1 148 ARG 148 148 148 ARG ARG A . n 
A 1 149 VAL 149 149 149 VAL VAL A . n 
A 1 150 ILE 150 150 150 ILE ILE A . n 
A 1 151 THR 151 151 151 THR THR A . n 
A 1 152 THR 152 152 152 THR THR A . n 
A 1 153 PHE 153 153 153 PHE PHE A . n 
A 1 154 ARG 154 154 154 ARG ARG A . n 
A 1 155 THR 155 155 155 THR THR A . n 
A 1 156 GLY 156 156 156 GLY GLY A . n 
A 1 157 THR 157 157 157 THR THR A . n 
A 1 158 TRP 158 158 158 TRP TRP A . n 
A 1 159 ASP 159 159 159 ASP ASP A . n 
A 1 160 ALA 160 160 160 ALA ALA A . n 
A 1 161 TYR 161 161 161 TYR TYR A . n 
A 1 162 LYS 162 162 162 LYS LYS A . n 
A 1 163 ASN 163 163 ?   ?   ?   A . n 
A 1 164 LEU 164 164 ?   ?   ?   A . n 
A 1 165 LEU 165 165 ?   ?   ?   A . n 
A 1 166 GLU 166 166 ?   ?   ?   A . n 
A 1 167 HIS 167 167 ?   ?   ?   A . n 
A 1 168 HIS 168 168 ?   ?   ?   A . n 
A 1 169 HIS 169 169 ?   ?   ?   A . n 
A 1 170 HIS 170 170 ?   ?   ?   A . n 
A 1 171 HIS 171 171 ?   ?   ?   A . n 
A 1 172 HIS 172 172 ?   ?   ?   A . n 
# 
loop_
_pdbx_nonpoly_scheme.asym_id 
_pdbx_nonpoly_scheme.entity_id 
_pdbx_nonpoly_scheme.mon_id 
_pdbx_nonpoly_scheme.ndb_seq_num 
_pdbx_nonpoly_scheme.pdb_seq_num 
_pdbx_nonpoly_scheme.auth_seq_num 
_pdbx_nonpoly_scheme.pdb_mon_id 
_pdbx_nonpoly_scheme.auth_mon_id 
_pdbx_nonpoly_scheme.pdb_strand_id 
_pdbx_nonpoly_scheme.pdb_ins_code 
B 2 ZNV 1   201 201 ZNV LIG A . 
C 3 BME 1   202 202 BME BME A . 
D 4 TRS 1   203 210 TRS TRS A . 
E 5 HOH 1   301 98  HOH HOH A . 
E 5 HOH 2   302 95  HOH HOH A . 
E 5 HOH 3   303 85  HOH HOH A . 
E 5 HOH 4   304 53  HOH HOH A . 
E 5 HOH 5   305 45  HOH HOH A . 
E 5 HOH 6   306 42  HOH HOH A . 
E 5 HOH 7   307 60  HOH HOH A . 
E 5 HOH 8   308 97  HOH HOH A . 
E 5 HOH 9   309 15  HOH HOH A . 
E 5 HOH 10  310 57  HOH HOH A . 
E 5 HOH 11  311 30  HOH HOH A . 
E 5 HOH 12  312 41  HOH HOH A . 
E 5 HOH 13  313 91  HOH HOH A . 
E 5 HOH 14  314 103 HOH HOH A . 
E 5 HOH 15  315 61  HOH HOH A . 
E 5 HOH 16  316 92  HOH HOH A . 
E 5 HOH 17  317 27  HOH HOH A . 
E 5 HOH 18  318 33  HOH HOH A . 
E 5 HOH 19  319 72  HOH HOH A . 
E 5 HOH 20  320 16  HOH HOH A . 
E 5 HOH 21  321 24  HOH HOH A . 
E 5 HOH 22  322 9   HOH HOH A . 
E 5 HOH 23  323 104 HOH HOH A . 
E 5 HOH 24  324 63  HOH HOH A . 
E 5 HOH 25  325 11  HOH HOH A . 
E 5 HOH 26  326 14  HOH HOH A . 
E 5 HOH 27  327 71  HOH HOH A . 
E 5 HOH 28  328 5   HOH HOH A . 
E 5 HOH 29  329 40  HOH HOH A . 
E 5 HOH 30  330 17  HOH HOH A . 
E 5 HOH 31  331 86  HOH HOH A . 
E 5 HOH 32  332 70  HOH HOH A . 
E 5 HOH 33  333 84  HOH HOH A . 
E 5 HOH 34  334 47  HOH HOH A . 
E 5 HOH 35  335 74  HOH HOH A . 
E 5 HOH 36  336 43  HOH HOH A . 
E 5 HOH 37  337 75  HOH HOH A . 
E 5 HOH 38  338 6   HOH HOH A . 
E 5 HOH 39  339 58  HOH HOH A . 
E 5 HOH 40  340 34  HOH HOH A . 
E 5 HOH 41  341 116 HOH HOH A . 
E 5 HOH 42  342 12  HOH HOH A . 
E 5 HOH 43  343 94  HOH HOH A . 
E 5 HOH 44  344 68  HOH HOH A . 
E 5 HOH 45  345 76  HOH HOH A . 
E 5 HOH 46  346 32  HOH HOH A . 
E 5 HOH 47  347 118 HOH HOH A . 
E 5 HOH 48  348 56  HOH HOH A . 
E 5 HOH 49  349 54  HOH HOH A . 
E 5 HOH 50  350 89  HOH HOH A . 
E 5 HOH 51  351 62  HOH HOH A . 
E 5 HOH 52  352 39  HOH HOH A . 
E 5 HOH 53  353 20  HOH HOH A . 
E 5 HOH 54  354 8   HOH HOH A . 
E 5 HOH 55  355 28  HOH HOH A . 
E 5 HOH 56  356 44  HOH HOH A . 
E 5 HOH 57  357 38  HOH HOH A . 
E 5 HOH 58  358 4   HOH HOH A . 
E 5 HOH 59  359 50  HOH HOH A . 
E 5 HOH 60  360 37  HOH HOH A . 
E 5 HOH 61  361 79  HOH HOH A . 
E 5 HOH 62  362 29  HOH HOH A . 
E 5 HOH 63  363 64  HOH HOH A . 
E 5 HOH 64  364 113 HOH HOH A . 
E 5 HOH 65  365 10  HOH HOH A . 
E 5 HOH 66  366 3   HOH HOH A . 
E 5 HOH 67  367 23  HOH HOH A . 
E 5 HOH 68  368 35  HOH HOH A . 
E 5 HOH 69  369 26  HOH HOH A . 
E 5 HOH 70  370 88  HOH HOH A . 
E 5 HOH 71  371 36  HOH HOH A . 
E 5 HOH 72  372 19  HOH HOH A . 
E 5 HOH 73  373 111 HOH HOH A . 
E 5 HOH 74  374 48  HOH HOH A . 
E 5 HOH 75  375 22  HOH HOH A . 
E 5 HOH 76  376 101 HOH HOH A . 
E 5 HOH 77  377 13  HOH HOH A . 
E 5 HOH 78  378 82  HOH HOH A . 
E 5 HOH 79  379 107 HOH HOH A . 
E 5 HOH 80  380 65  HOH HOH A . 
E 5 HOH 81  381 46  HOH HOH A . 
E 5 HOH 82  382 7   HOH HOH A . 
E 5 HOH 83  383 77  HOH HOH A . 
E 5 HOH 84  384 81  HOH HOH A . 
E 5 HOH 85  385 55  HOH HOH A . 
E 5 HOH 86  386 90  HOH HOH A . 
E 5 HOH 87  387 69  HOH HOH A . 
E 5 HOH 88  388 21  HOH HOH A . 
E 5 HOH 89  389 59  HOH HOH A . 
E 5 HOH 90  390 52  HOH HOH A . 
E 5 HOH 91  391 18  HOH HOH A . 
E 5 HOH 92  392 51  HOH HOH A . 
E 5 HOH 93  393 100 HOH HOH A . 
E 5 HOH 94  394 121 HOH HOH A . 
E 5 HOH 95  395 67  HOH HOH A . 
E 5 HOH 96  396 31  HOH HOH A . 
E 5 HOH 97  397 1   HOH HOH A . 
E 5 HOH 98  398 83  HOH HOH A . 
E 5 HOH 99  399 122 HOH HOH A . 
E 5 HOH 100 400 96  HOH HOH A . 
E 5 HOH 101 401 109 HOH HOH A . 
E 5 HOH 102 402 119 HOH HOH A . 
E 5 HOH 103 403 110 HOH HOH A . 
E 5 HOH 104 404 99  HOH HOH A . 
E 5 HOH 105 405 115 HOH HOH A . 
E 5 HOH 106 406 108 HOH HOH A . 
E 5 HOH 107 407 120 HOH HOH A . 
E 5 HOH 108 408 102 HOH HOH A . 
E 5 HOH 109 409 117 HOH HOH A . 
E 5 HOH 110 410 66  HOH HOH A . 
E 5 HOH 111 411 49  HOH HOH A . 
E 5 HOH 112 412 105 HOH HOH A . 
E 5 HOH 113 413 114 HOH HOH A . 
E 5 HOH 114 414 112 HOH HOH A . 
E 5 HOH 115 415 80  HOH HOH A . 
E 5 HOH 116 416 106 HOH HOH A . 
# 
_pdbx_struct_assembly.id                   1 
_pdbx_struct_assembly.details              author_and_software_defined_assembly 
_pdbx_struct_assembly.method_details       PISA 
_pdbx_struct_assembly.oligomeric_details   monomeric 
_pdbx_struct_assembly.oligomeric_count     1 
# 
_pdbx_struct_assembly_gen.assembly_id       1 
_pdbx_struct_assembly_gen.oper_expression   1 
_pdbx_struct_assembly_gen.asym_id_list      A,B,C,D,E 
# 
_pdbx_struct_oper_list.id                   1 
_pdbx_struct_oper_list.type                 'identity operation' 
_pdbx_struct_oper_list.name                 1_555 
_pdbx_struct_oper_list.symmetry_operation   x,y,z 
_pdbx_struct_oper_list.matrix[1][1]         1.0000000000 
_pdbx_struct_oper_list.matrix[1][2]         0.0000000000 
_pdbx_struct_oper_list.matrix[1][3]         0.0000000000 
_pdbx_struct_oper_list.vector[1]            0.0000000000 
_pdbx_struct_oper_list.matrix[2][1]         0.0000000000 
_pdbx_struct_oper_list.matrix[2][2]         1.0000000000 
_pdbx_struct_oper_list.matrix[2][3]         0.0000000000 
_pdbx_struct_oper_list.vector[2]            0.0000000000 
_pdbx_struct_oper_list.matrix[3][1]         0.0000000000 
_pdbx_struct_oper_list.matrix[3][2]         0.0000000000 
_pdbx_struct_oper_list.matrix[3][3]         1.0000000000 
_pdbx_struct_oper_list.vector[3]            0.0000000000 
# 
loop_
_pdbx_audit_revision_history.ordinal 
_pdbx_audit_revision_history.data_content_type 
_pdbx_audit_revision_history.major_revision 
_pdbx_audit_revision_history.minor_revision 
_pdbx_audit_revision_history.revision_date 
1 'Structure model' 1 0 2021-05-19 
2 'Structure model' 1 1 2021-12-08 
3 'Structure model' 1 2 2023-10-18 
# 
_pdbx_audit_revision_details.ordinal             1 
_pdbx_audit_revision_details.revision_ordinal    1 
_pdbx_audit_revision_details.data_content_type   'Structure model' 
_pdbx_audit_revision_details.provider            repository 
_pdbx_audit_revision_details.type                'Initial release' 
_pdbx_audit_revision_details.description         ? 
_pdbx_audit_revision_details.details             ? 
# 
loop_
_pdbx_audit_revision_group.ordinal 
_pdbx_audit_revision_group.revision_ordinal 
_pdbx_audit_revision_group.data_content_type 
_pdbx_audit_revision_group.group 
1 2 'Structure model' 'Database references'    
2 3 'Structure model' 'Data collection'        
3 3 'Structure model' 'Refinement description' 
# 
loop_
_pdbx_audit_revision_category.ordinal 
_pdbx_audit_revision_category.revision_ordinal 
_pdbx_audit_revision_category.data_content_type 
_pdbx_audit_revision_category.category 
1 2 'Structure model' citation                      
2 2 'Structure model' citation_author               
3 2 'Structure model' database_2                    
4 3 'Structure model' chem_comp_atom                
5 3 'Structure model' chem_comp_bond                
6 3 'Structure model' pdbx_initial_refinement_model 
# 
loop_
_pdbx_audit_revision_item.ordinal 
_pdbx_audit_revision_item.revision_ordinal 
_pdbx_audit_revision_item.data_content_type 
_pdbx_audit_revision_item.item 
1  2 'Structure model' '_citation.country'                   
2  2 'Structure model' '_citation.journal_abbrev'            
3  2 'Structure model' '_citation.journal_id_ASTM'           
4  2 'Structure model' '_citation.journal_id_CSD'            
5  2 'Structure model' '_citation.journal_id_ISSN'           
6  2 'Structure model' '_citation.journal_volume'            
7  2 'Structure model' '_citation.pdbx_database_id_DOI'      
8  2 'Structure model' '_citation.pdbx_database_id_PubMed'   
9  2 'Structure model' '_citation.title'                     
10 2 'Structure model' '_citation.year'                      
11 2 'Structure model' '_citation_author.identifier_ORCID'   
12 2 'Structure model' '_database_2.pdbx_DOI'                
13 2 'Structure model' '_database_2.pdbx_database_accession' 
# 
_phasing.method   MR 
# 
loop_
_software.citation_id 
_software.classification 
_software.compiler_name 
_software.compiler_version 
_software.contact_author 
_software.contact_author_email 
_software.date 
_software.description 
_software.dependencies 
_software.hardware 
_software.language 
_software.location 
_software.mods 
_software.name 
_software.os 
_software.os_version 
_software.type 
_software.version 
_software.pdbx_ordinal 
? refinement        ? ? ?                 ?                                       ?               ? ? ? ?          ? ? PHENIX      
? ? ?       1.11.1_2575 1 
? 'data reduction'  ? ? 'Wolfgang Kabsch' Wolfgang.Kabsch@mpimf-heidelberg.mpg.de ?               ? ? ? ?          
http://www.mpimf-heidelberg.mpg.de/~kabsch/xds/     ? XDS         ? ? package .           2 
? 'data scaling'    ? ? 'Phil Evans'      ?                                       29/03/17        ? ? ? ?          
http://www.mrc-lmb.cam.ac.uk/harry/pre/aimless.html ? Aimless     ? ? program 0.5.32      3 
? phasing           ? ? 'Alexei Vaguine'  alexei@ysbl.york.ac.uk                  ?               ? ? ? Fortran_77 
http://www.ccp4.ac.uk/dist/html/molrep.html         ? MOLREP      ? ? program .           4 
? 'data extraction' ? ? PDB               deposit@deposit.rcsb.org                'Oct. 31, 2020' ? ? ? C++        
http://sw-tools.pdb.org/apps/PDB_EXTRACT/           ? PDB_EXTRACT ? ? package 3.27        5 
# 
_pdbx_entry_details.entry_id                 7LOB 
_pdbx_entry_details.nonpolymer_details       ? 
_pdbx_entry_details.sequence_details         ? 
_pdbx_entry_details.compound_details         ? 
_pdbx_entry_details.source_details           ? 
_pdbx_entry_details.has_ligand_of_interest   Y 
# 
_pdbx_validate_torsion.id              1 
_pdbx_validate_torsion.PDB_model_num   1 
_pdbx_validate_torsion.auth_comp_id    PHE 
_pdbx_validate_torsion.auth_asym_id    A 
_pdbx_validate_torsion.auth_seq_id     114 
_pdbx_validate_torsion.PDB_ins_code    ? 
_pdbx_validate_torsion.label_alt_id    D 
_pdbx_validate_torsion.phi             -92.49 
_pdbx_validate_torsion.psi             32.45 
# 
loop_
_pdbx_unobs_or_zero_occ_residues.id 
_pdbx_unobs_or_zero_occ_residues.PDB_model_num 
_pdbx_unobs_or_zero_occ_residues.polymer_flag 
_pdbx_unobs_or_zero_occ_residues.occupancy_flag 
_pdbx_unobs_or_zero_occ_residues.auth_asym_id 
_pdbx_unobs_or_zero_occ_residues.auth_comp_id 
_pdbx_unobs_or_zero_occ_residues.auth_seq_id 
_pdbx_unobs_or_zero_occ_residues.PDB_ins_code 
_pdbx_unobs_or_zero_occ_residues.label_asym_id 
_pdbx_unobs_or_zero_occ_residues.label_comp_id 
_pdbx_unobs_or_zero_occ_residues.label_seq_id 
1  1 Y 1 A ASN 163 ? A ASN 163 
2  1 Y 1 A LEU 164 ? A LEU 164 
3  1 Y 1 A LEU 165 ? A LEU 165 
4  1 Y 1 A GLU 166 ? A GLU 166 
5  1 Y 1 A HIS 167 ? A HIS 167 
6  1 Y 1 A HIS 168 ? A HIS 168 
7  1 Y 1 A HIS 169 ? A HIS 169 
8  1 Y 1 A HIS 170 ? A HIS 170 
9  1 Y 1 A HIS 171 ? A HIS 171 
10 1 Y 1 A HIS 172 ? A HIS 172 
# 
loop_
_chem_comp_atom.comp_id 
_chem_comp_atom.atom_id 
_chem_comp_atom.type_symbol 
_chem_comp_atom.pdbx_aromatic_flag 
_chem_comp_atom.pdbx_stereo_config 
_chem_comp_atom.pdbx_ordinal 
ALA N    N N N 1   
ALA CA   C N S 2   
ALA C    C N N 3   
ALA O    O N N 4   
ALA CB   C N N 5   
ALA OXT  O N N 6   
ALA H    H N N 7   
ALA H2   H N N 8   
ALA HA   H N N 9   
ALA HB1  H N N 10  
ALA HB2  H N N 11  
ALA HB3  H N N 12  
ALA HXT  H N N 13  
ARG N    N N N 14  
ARG CA   C N S 15  
ARG C    C N N 16  
ARG O    O N N 17  
ARG CB   C N N 18  
ARG CG   C N N 19  
ARG CD   C N N 20  
ARG NE   N N N 21  
ARG CZ   C N N 22  
ARG NH1  N N N 23  
ARG NH2  N N N 24  
ARG OXT  O N N 25  
ARG H    H N N 26  
ARG H2   H N N 27  
ARG HA   H N N 28  
ARG HB2  H N N 29  
ARG HB3  H N N 30  
ARG HG2  H N N 31  
ARG HG3  H N N 32  
ARG HD2  H N N 33  
ARG HD3  H N N 34  
ARG HE   H N N 35  
ARG HH11 H N N 36  
ARG HH12 H N N 37  
ARG HH21 H N N 38  
ARG HH22 H N N 39  
ARG HXT  H N N 40  
ASN N    N N N 41  
ASN CA   C N S 42  
ASN C    C N N 43  
ASN O    O N N 44  
ASN CB   C N N 45  
ASN CG   C N N 46  
ASN OD1  O N N 47  
ASN ND2  N N N 48  
ASN OXT  O N N 49  
ASN H    H N N 50  
ASN H2   H N N 51  
ASN HA   H N N 52  
ASN HB2  H N N 53  
ASN HB3  H N N 54  
ASN HD21 H N N 55  
ASN HD22 H N N 56  
ASN HXT  H N N 57  
ASP N    N N N 58  
ASP CA   C N S 59  
ASP C    C N N 60  
ASP O    O N N 61  
ASP CB   C N N 62  
ASP CG   C N N 63  
ASP OD1  O N N 64  
ASP OD2  O N N 65  
ASP OXT  O N N 66  
ASP H    H N N 67  
ASP H2   H N N 68  
ASP HA   H N N 69  
ASP HB2  H N N 70  
ASP HB3  H N N 71  
ASP HD2  H N N 72  
ASP HXT  H N N 73  
BME C1   C N N 74  
BME C2   C N N 75  
BME O1   O N N 76  
BME S2   S N N 77  
BME H11  H N N 78  
BME H12  H N N 79  
BME H21  H N N 80  
BME H22  H N N 81  
BME HO1  H N N 82  
BME HS2  H N N 83  
CYS N    N N N 84  
CYS CA   C N R 85  
CYS C    C N N 86  
CYS O    O N N 87  
CYS CB   C N N 88  
CYS SG   S N N 89  
CYS OXT  O N N 90  
CYS H    H N N 91  
CYS H2   H N N 92  
CYS HA   H N N 93  
CYS HB2  H N N 94  
CYS HB3  H N N 95  
CYS HG   H N N 96  
CYS HXT  H N N 97  
GLN N    N N N 98  
GLN CA   C N S 99  
GLN C    C N N 100 
GLN O    O N N 101 
GLN CB   C N N 102 
GLN CG   C N N 103 
GLN CD   C N N 104 
GLN OE1  O N N 105 
GLN NE2  N N N 106 
GLN OXT  O N N 107 
GLN H    H N N 108 
GLN H2   H N N 109 
GLN HA   H N N 110 
GLN HB2  H N N 111 
GLN HB3  H N N 112 
GLN HG2  H N N 113 
GLN HG3  H N N 114 
GLN HE21 H N N 115 
GLN HE22 H N N 116 
GLN HXT  H N N 117 
GLU N    N N N 118 
GLU CA   C N S 119 
GLU C    C N N 120 
GLU O    O N N 121 
GLU CB   C N N 122 
GLU CG   C N N 123 
GLU CD   C N N 124 
GLU OE1  O N N 125 
GLU OE2  O N N 126 
GLU OXT  O N N 127 
GLU H    H N N 128 
GLU H2   H N N 129 
GLU HA   H N N 130 
GLU HB2  H N N 131 
GLU HB3  H N N 132 
GLU HG2  H N N 133 
GLU HG3  H N N 134 
GLU HE2  H N N 135 
GLU HXT  H N N 136 
GLY N    N N N 137 
GLY CA   C N N 138 
GLY C    C N N 139 
GLY O    O N N 140 
GLY OXT  O N N 141 
GLY H    H N N 142 
GLY H2   H N N 143 
GLY HA2  H N N 144 
GLY HA3  H N N 145 
GLY HXT  H N N 146 
HIS N    N N N 147 
HIS CA   C N S 148 
HIS C    C N N 149 
HIS O    O N N 150 
HIS CB   C N N 151 
HIS CG   C Y N 152 
HIS ND1  N Y N 153 
HIS CD2  C Y N 154 
HIS CE1  C Y N 155 
HIS NE2  N Y N 156 
HIS OXT  O N N 157 
HIS H    H N N 158 
HIS H2   H N N 159 
HIS HA   H N N 160 
HIS HB2  H N N 161 
HIS HB3  H N N 162 
HIS HD1  H N N 163 
HIS HD2  H N N 164 
HIS HE1  H N N 165 
HIS HE2  H N N 166 
HIS HXT  H N N 167 
HOH O    O N N 168 
HOH H1   H N N 169 
HOH H2   H N N 170 
ILE N    N N N 171 
ILE CA   C N S 172 
ILE C    C N N 173 
ILE O    O N N 174 
ILE CB   C N S 175 
ILE CG1  C N N 176 
ILE CG2  C N N 177 
ILE CD1  C N N 178 
ILE OXT  O N N 179 
ILE H    H N N 180 
ILE H2   H N N 181 
ILE HA   H N N 182 
ILE HB   H N N 183 
ILE HG12 H N N 184 
ILE HG13 H N N 185 
ILE HG21 H N N 186 
ILE HG22 H N N 187 
ILE HG23 H N N 188 
ILE HD11 H N N 189 
ILE HD12 H N N 190 
ILE HD13 H N N 191 
ILE HXT  H N N 192 
LEU N    N N N 193 
LEU CA   C N S 194 
LEU C    C N N 195 
LEU O    O N N 196 
LEU CB   C N N 197 
LEU CG   C N N 198 
LEU CD1  C N N 199 
LEU CD2  C N N 200 
LEU OXT  O N N 201 
LEU H    H N N 202 
LEU H2   H N N 203 
LEU HA   H N N 204 
LEU HB2  H N N 205 
LEU HB3  H N N 206 
LEU HG   H N N 207 
LEU HD11 H N N 208 
LEU HD12 H N N 209 
LEU HD13 H N N 210 
LEU HD21 H N N 211 
LEU HD22 H N N 212 
LEU HD23 H N N 213 
LEU HXT  H N N 214 
LYS N    N N N 215 
LYS CA   C N S 216 
LYS C    C N N 217 
LYS O    O N N 218 
LYS CB   C N N 219 
LYS CG   C N N 220 
LYS CD   C N N 221 
LYS CE   C N N 222 
LYS NZ   N N N 223 
LYS OXT  O N N 224 
LYS H    H N N 225 
LYS H2   H N N 226 
LYS HA   H N N 227 
LYS HB2  H N N 228 
LYS HB3  H N N 229 
LYS HG2  H N N 230 
LYS HG3  H N N 231 
LYS HD2  H N N 232 
LYS HD3  H N N 233 
LYS HE2  H N N 234 
LYS HE3  H N N 235 
LYS HZ1  H N N 236 
LYS HZ2  H N N 237 
LYS HZ3  H N N 238 
LYS HXT  H N N 239 
MET N    N N N 240 
MET CA   C N S 241 
MET C    C N N 242 
MET O    O N N 243 
MET CB   C N N 244 
MET CG   C N N 245 
MET SD   S N N 246 
MET CE   C N N 247 
MET OXT  O N N 248 
MET H    H N N 249 
MET H2   H N N 250 
MET HA   H N N 251 
MET HB2  H N N 252 
MET HB3  H N N 253 
MET HG2  H N N 254 
MET HG3  H N N 255 
MET HE1  H N N 256 
MET HE2  H N N 257 
MET HE3  H N N 258 
MET HXT  H N N 259 
PHE N    N N N 260 
PHE CA   C N S 261 
PHE C    C N N 262 
PHE O    O N N 263 
PHE CB   C N N 264 
PHE CG   C Y N 265 
PHE CD1  C Y N 266 
PHE CD2  C Y N 267 
PHE CE1  C Y N 268 
PHE CE2  C Y N 269 
PHE CZ   C Y N 270 
PHE OXT  O N N 271 
PHE H    H N N 272 
PHE H2   H N N 273 
PHE HA   H N N 274 
PHE HB2  H N N 275 
PHE HB3  H N N 276 
PHE HD1  H N N 277 
PHE HD2  H N N 278 
PHE HE1  H N N 279 
PHE HE2  H N N 280 
PHE HZ   H N N 281 
PHE HXT  H N N 282 
PRO N    N N N 283 
PRO CA   C N S 284 
PRO C    C N N 285 
PRO O    O N N 286 
PRO CB   C N N 287 
PRO CG   C N N 288 
PRO CD   C N N 289 
PRO OXT  O N N 290 
PRO H    H N N 291 
PRO HA   H N N 292 
PRO HB2  H N N 293 
PRO HB3  H N N 294 
PRO HG2  H N N 295 
PRO HG3  H N N 296 
PRO HD2  H N N 297 
PRO HD3  H N N 298 
PRO HXT  H N N 299 
SER N    N N N 300 
SER CA   C N S 301 
SER C    C N N 302 
SER O    O N N 303 
SER CB   C N N 304 
SER OG   O N N 305 
SER OXT  O N N 306 
SER H    H N N 307 
SER H2   H N N 308 
SER HA   H N N 309 
SER HB2  H N N 310 
SER HB3  H N N 311 
SER HG   H N N 312 
SER HXT  H N N 313 
THR N    N N N 314 
THR CA   C N S 315 
THR C    C N N 316 
THR O    O N N 317 
THR CB   C N R 318 
THR OG1  O N N 319 
THR CG2  C N N 320 
THR OXT  O N N 321 
THR H    H N N 322 
THR H2   H N N 323 
THR HA   H N N 324 
THR HB   H N N 325 
THR HG1  H N N 326 
THR HG21 H N N 327 
THR HG22 H N N 328 
THR HG23 H N N 329 
THR HXT  H N N 330 
TRP N    N N N 331 
TRP CA   C N S 332 
TRP C    C N N 333 
TRP O    O N N 334 
TRP CB   C N N 335 
TRP CG   C Y N 336 
TRP CD1  C Y N 337 
TRP CD2  C Y N 338 
TRP NE1  N Y N 339 
TRP CE2  C Y N 340 
TRP CE3  C Y N 341 
TRP CZ2  C Y N 342 
TRP CZ3  C Y N 343 
TRP CH2  C Y N 344 
TRP OXT  O N N 345 
TRP H    H N N 346 
TRP H2   H N N 347 
TRP HA   H N N 348 
TRP HB2  H N N 349 
TRP HB3  H N N 350 
TRP HD1  H N N 351 
TRP HE1  H N N 352 
TRP HE3  H N N 353 
TRP HZ2  H N N 354 
TRP HZ3  H N N 355 
TRP HH2  H N N 356 
TRP HXT  H N N 357 
TRS C    C N N 358 
TRS C1   C N N 359 
TRS C2   C N N 360 
TRS C3   C N N 361 
TRS N    N N N 362 
TRS O1   O N N 363 
TRS O2   O N N 364 
TRS O3   O N N 365 
TRS H11  H N N 366 
TRS H12  H N N 367 
TRS H21  H N N 368 
TRS H22  H N N 369 
TRS H31  H N N 370 
TRS H32  H N N 371 
TRS HN1  H N N 372 
TRS HN2  H N N 373 
TRS HN3  H N N 374 
TRS HO1  H N N 375 
TRS HO2  H N N 376 
TRS HO3  H N N 377 
TYR N    N N N 378 
TYR CA   C N S 379 
TYR C    C N N 380 
TYR O    O N N 381 
TYR CB   C N N 382 
TYR CG   C Y N 383 
TYR CD1  C Y N 384 
TYR CD2  C Y N 385 
TYR CE1  C Y N 386 
TYR CE2  C Y N 387 
TYR CZ   C Y N 388 
TYR OH   O N N 389 
TYR OXT  O N N 390 
TYR H    H N N 391 
TYR H2   H N N 392 
TYR HA   H N N 393 
TYR HB2  H N N 394 
TYR HB3  H N N 395 
TYR HD1  H N N 396 
TYR HD2  H N N 397 
TYR HE1  H N N 398 
TYR HE2  H N N 399 
TYR HH   H N N 400 
TYR HXT  H N N 401 
VAL N    N N N 402 
VAL CA   C N S 403 
VAL C    C N N 404 
VAL O    O N N 405 
VAL CB   C N N 406 
VAL CG1  C N N 407 
VAL CG2  C N N 408 
VAL OXT  O N N 409 
VAL H    H N N 410 
VAL H2   H N N 411 
VAL HA   H N N 412 
VAL HB   H N N 413 
VAL HG11 H N N 414 
VAL HG12 H N N 415 
VAL HG13 H N N 416 
VAL HG21 H N N 417 
VAL HG22 H N N 418 
VAL HG23 H N N 419 
VAL HXT  H N N 420 
ZNV C10  C Y N 421 
ZNV C01  C N N 422 
ZNV C02  C N N 423 
ZNV C03  C N N 424 
ZNV C05  C Y N 425 
ZNV C06  C Y N 426 
ZNV C07  C Y N 427 
ZNV C08  C Y N 428 
ZNV C09  C Y N 429 
ZNV F11  F N N 430 
ZNV O04  O N N 431 
ZNV H1   H N N 432 
ZNV H2   H N N 433 
ZNV H3   H N N 434 
ZNV H4   H N N 435 
ZNV H5   H N N 436 
ZNV H6   H N N 437 
ZNV H7   H N N 438 
ZNV H8   H N N 439 
ZNV H9   H N N 440 
# 
loop_
_chem_comp_bond.comp_id 
_chem_comp_bond.atom_id_1 
_chem_comp_bond.atom_id_2 
_chem_comp_bond.value_order 
_chem_comp_bond.pdbx_aromatic_flag 
_chem_comp_bond.pdbx_stereo_config 
_chem_comp_bond.pdbx_ordinal 
ALA N   CA   sing N N 1   
ALA N   H    sing N N 2   
ALA N   H2   sing N N 3   
ALA CA  C    sing N N 4   
ALA CA  CB   sing N N 5   
ALA CA  HA   sing N N 6   
ALA C   O    doub N N 7   
ALA C   OXT  sing N N 8   
ALA CB  HB1  sing N N 9   
ALA CB  HB2  sing N N 10  
ALA CB  HB3  sing N N 11  
ALA OXT HXT  sing N N 12  
ARG N   CA   sing N N 13  
ARG N   H    sing N N 14  
ARG N   H2   sing N N 15  
ARG CA  C    sing N N 16  
ARG CA  CB   sing N N 17  
ARG CA  HA   sing N N 18  
ARG C   O    doub N N 19  
ARG C   OXT  sing N N 20  
ARG CB  CG   sing N N 21  
ARG CB  HB2  sing N N 22  
ARG CB  HB3  sing N N 23  
ARG CG  CD   sing N N 24  
ARG CG  HG2  sing N N 25  
ARG CG  HG3  sing N N 26  
ARG CD  NE   sing N N 27  
ARG CD  HD2  sing N N 28  
ARG CD  HD3  sing N N 29  
ARG NE  CZ   sing N N 30  
ARG NE  HE   sing N N 31  
ARG CZ  NH1  sing N N 32  
ARG CZ  NH2  doub N N 33  
ARG NH1 HH11 sing N N 34  
ARG NH1 HH12 sing N N 35  
ARG NH2 HH21 sing N N 36  
ARG NH2 HH22 sing N N 37  
ARG OXT HXT  sing N N 38  
ASN N   CA   sing N N 39  
ASN N   H    sing N N 40  
ASN N   H2   sing N N 41  
ASN CA  C    sing N N 42  
ASN CA  CB   sing N N 43  
ASN CA  HA   sing N N 44  
ASN C   O    doub N N 45  
ASN C   OXT  sing N N 46  
ASN CB  CG   sing N N 47  
ASN CB  HB2  sing N N 48  
ASN CB  HB3  sing N N 49  
ASN CG  OD1  doub N N 50  
ASN CG  ND2  sing N N 51  
ASN ND2 HD21 sing N N 52  
ASN ND2 HD22 sing N N 53  
ASN OXT HXT  sing N N 54  
ASP N   CA   sing N N 55  
ASP N   H    sing N N 56  
ASP N   H2   sing N N 57  
ASP CA  C    sing N N 58  
ASP CA  CB   sing N N 59  
ASP CA  HA   sing N N 60  
ASP C   O    doub N N 61  
ASP C   OXT  sing N N 62  
ASP CB  CG   sing N N 63  
ASP CB  HB2  sing N N 64  
ASP CB  HB3  sing N N 65  
ASP CG  OD1  doub N N 66  
ASP CG  OD2  sing N N 67  
ASP OD2 HD2  sing N N 68  
ASP OXT HXT  sing N N 69  
BME C1  C2   sing N N 70  
BME C1  O1   sing N N 71  
BME C1  H11  sing N N 72  
BME C1  H12  sing N N 73  
BME C2  S2   sing N N 74  
BME C2  H21  sing N N 75  
BME C2  H22  sing N N 76  
BME O1  HO1  sing N N 77  
BME S2  HS2  sing N N 78  
CYS N   CA   sing N N 79  
CYS N   H    sing N N 80  
CYS N   H2   sing N N 81  
CYS CA  C    sing N N 82  
CYS CA  CB   sing N N 83  
CYS CA  HA   sing N N 84  
CYS C   O    doub N N 85  
CYS C   OXT  sing N N 86  
CYS CB  SG   sing N N 87  
CYS CB  HB2  sing N N 88  
CYS CB  HB3  sing N N 89  
CYS SG  HG   sing N N 90  
CYS OXT HXT  sing N N 91  
GLN N   CA   sing N N 92  
GLN N   H    sing N N 93  
GLN N   H2   sing N N 94  
GLN CA  C    sing N N 95  
GLN CA  CB   sing N N 96  
GLN CA  HA   sing N N 97  
GLN C   O    doub N N 98  
GLN C   OXT  sing N N 99  
GLN CB  CG   sing N N 100 
GLN CB  HB2  sing N N 101 
GLN CB  HB3  sing N N 102 
GLN CG  CD   sing N N 103 
GLN CG  HG2  sing N N 104 
GLN CG  HG3  sing N N 105 
GLN CD  OE1  doub N N 106 
GLN CD  NE2  sing N N 107 
GLN NE2 HE21 sing N N 108 
GLN NE2 HE22 sing N N 109 
GLN OXT HXT  sing N N 110 
GLU N   CA   sing N N 111 
GLU N   H    sing N N 112 
GLU N   H2   sing N N 113 
GLU CA  C    sing N N 114 
GLU CA  CB   sing N N 115 
GLU CA  HA   sing N N 116 
GLU C   O    doub N N 117 
GLU C   OXT  sing N N 118 
GLU CB  CG   sing N N 119 
GLU CB  HB2  sing N N 120 
GLU CB  HB3  sing N N 121 
GLU CG  CD   sing N N 122 
GLU CG  HG2  sing N N 123 
GLU CG  HG3  sing N N 124 
GLU CD  OE1  doub N N 125 
GLU CD  OE2  sing N N 126 
GLU OE2 HE2  sing N N 127 
GLU OXT HXT  sing N N 128 
GLY N   CA   sing N N 129 
GLY N   H    sing N N 130 
GLY N   H2   sing N N 131 
GLY CA  C    sing N N 132 
GLY CA  HA2  sing N N 133 
GLY CA  HA3  sing N N 134 
GLY C   O    doub N N 135 
GLY C   OXT  sing N N 136 
GLY OXT HXT  sing N N 137 
HIS N   CA   sing N N 138 
HIS N   H    sing N N 139 
HIS N   H2   sing N N 140 
HIS CA  C    sing N N 141 
HIS CA  CB   sing N N 142 
HIS CA  HA   sing N N 143 
HIS C   O    doub N N 144 
HIS C   OXT  sing N N 145 
HIS CB  CG   sing N N 146 
HIS CB  HB2  sing N N 147 
HIS CB  HB3  sing N N 148 
HIS CG  ND1  sing Y N 149 
HIS CG  CD2  doub Y N 150 
HIS ND1 CE1  doub Y N 151 
HIS ND1 HD1  sing N N 152 
HIS CD2 NE2  sing Y N 153 
HIS CD2 HD2  sing N N 154 
HIS CE1 NE2  sing Y N 155 
HIS CE1 HE1  sing N N 156 
HIS NE2 HE2  sing N N 157 
HIS OXT HXT  sing N N 158 
HOH O   H1   sing N N 159 
HOH O   H2   sing N N 160 
ILE N   CA   sing N N 161 
ILE N   H    sing N N 162 
ILE N   H2   sing N N 163 
ILE CA  C    sing N N 164 
ILE CA  CB   sing N N 165 
ILE CA  HA   sing N N 166 
ILE C   O    doub N N 167 
ILE C   OXT  sing N N 168 
ILE CB  CG1  sing N N 169 
ILE CB  CG2  sing N N 170 
ILE CB  HB   sing N N 171 
ILE CG1 CD1  sing N N 172 
ILE CG1 HG12 sing N N 173 
ILE CG1 HG13 sing N N 174 
ILE CG2 HG21 sing N N 175 
ILE CG2 HG22 sing N N 176 
ILE CG2 HG23 sing N N 177 
ILE CD1 HD11 sing N N 178 
ILE CD1 HD12 sing N N 179 
ILE CD1 HD13 sing N N 180 
ILE OXT HXT  sing N N 181 
LEU N   CA   sing N N 182 
LEU N   H    sing N N 183 
LEU N   H2   sing N N 184 
LEU CA  C    sing N N 185 
LEU CA  CB   sing N N 186 
LEU CA  HA   sing N N 187 
LEU C   O    doub N N 188 
LEU C   OXT  sing N N 189 
LEU CB  CG   sing N N 190 
LEU CB  HB2  sing N N 191 
LEU CB  HB3  sing N N 192 
LEU CG  CD1  sing N N 193 
LEU CG  CD2  sing N N 194 
LEU CG  HG   sing N N 195 
LEU CD1 HD11 sing N N 196 
LEU CD1 HD12 sing N N 197 
LEU CD1 HD13 sing N N 198 
LEU CD2 HD21 sing N N 199 
LEU CD2 HD22 sing N N 200 
LEU CD2 HD23 sing N N 201 
LEU OXT HXT  sing N N 202 
LYS N   CA   sing N N 203 
LYS N   H    sing N N 204 
LYS N   H2   sing N N 205 
LYS CA  C    sing N N 206 
LYS CA  CB   sing N N 207 
LYS CA  HA   sing N N 208 
LYS C   O    doub N N 209 
LYS C   OXT  sing N N 210 
LYS CB  CG   sing N N 211 
LYS CB  HB2  sing N N 212 
LYS CB  HB3  sing N N 213 
LYS CG  CD   sing N N 214 
LYS CG  HG2  sing N N 215 
LYS CG  HG3  sing N N 216 
LYS CD  CE   sing N N 217 
LYS CD  HD2  sing N N 218 
LYS CD  HD3  sing N N 219 
LYS CE  NZ   sing N N 220 
LYS CE  HE2  sing N N 221 
LYS CE  HE3  sing N N 222 
LYS NZ  HZ1  sing N N 223 
LYS NZ  HZ2  sing N N 224 
LYS NZ  HZ3  sing N N 225 
LYS OXT HXT  sing N N 226 
MET N   CA   sing N N 227 
MET N   H    sing N N 228 
MET N   H2   sing N N 229 
MET CA  C    sing N N 230 
MET CA  CB   sing N N 231 
MET CA  HA   sing N N 232 
MET C   O    doub N N 233 
MET C   OXT  sing N N 234 
MET CB  CG   sing N N 235 
MET CB  HB2  sing N N 236 
MET CB  HB3  sing N N 237 
MET CG  SD   sing N N 238 
MET CG  HG2  sing N N 239 
MET CG  HG3  sing N N 240 
MET SD  CE   sing N N 241 
MET CE  HE1  sing N N 242 
MET CE  HE2  sing N N 243 
MET CE  HE3  sing N N 244 
MET OXT HXT  sing N N 245 
PHE N   CA   sing N N 246 
PHE N   H    sing N N 247 
PHE N   H2   sing N N 248 
PHE CA  C    sing N N 249 
PHE CA  CB   sing N N 250 
PHE CA  HA   sing N N 251 
PHE C   O    doub N N 252 
PHE C   OXT  sing N N 253 
PHE CB  CG   sing N N 254 
PHE CB  HB2  sing N N 255 
PHE CB  HB3  sing N N 256 
PHE CG  CD1  doub Y N 257 
PHE CG  CD2  sing Y N 258 
PHE CD1 CE1  sing Y N 259 
PHE CD1 HD1  sing N N 260 
PHE CD2 CE2  doub Y N 261 
PHE CD2 HD2  sing N N 262 
PHE CE1 CZ   doub Y N 263 
PHE CE1 HE1  sing N N 264 
PHE CE2 CZ   sing Y N 265 
PHE CE2 HE2  sing N N 266 
PHE CZ  HZ   sing N N 267 
PHE OXT HXT  sing N N 268 
PRO N   CA   sing N N 269 
PRO N   CD   sing N N 270 
PRO N   H    sing N N 271 
PRO CA  C    sing N N 272 
PRO CA  CB   sing N N 273 
PRO CA  HA   sing N N 274 
PRO C   O    doub N N 275 
PRO C   OXT  sing N N 276 
PRO CB  CG   sing N N 277 
PRO CB  HB2  sing N N 278 
PRO CB  HB3  sing N N 279 
PRO CG  CD   sing N N 280 
PRO CG  HG2  sing N N 281 
PRO CG  HG3  sing N N 282 
PRO CD  HD2  sing N N 283 
PRO CD  HD3  sing N N 284 
PRO OXT HXT  sing N N 285 
SER N   CA   sing N N 286 
SER N   H    sing N N 287 
SER N   H2   sing N N 288 
SER CA  C    sing N N 289 
SER CA  CB   sing N N 290 
SER CA  HA   sing N N 291 
SER C   O    doub N N 292 
SER C   OXT  sing N N 293 
SER CB  OG   sing N N 294 
SER CB  HB2  sing N N 295 
SER CB  HB3  sing N N 296 
SER OG  HG   sing N N 297 
SER OXT HXT  sing N N 298 
THR N   CA   sing N N 299 
THR N   H    sing N N 300 
THR N   H2   sing N N 301 
THR CA  C    sing N N 302 
THR CA  CB   sing N N 303 
THR CA  HA   sing N N 304 
THR C   O    doub N N 305 
THR C   OXT  sing N N 306 
THR CB  OG1  sing N N 307 
THR CB  CG2  sing N N 308 
THR CB  HB   sing N N 309 
THR OG1 HG1  sing N N 310 
THR CG2 HG21 sing N N 311 
THR CG2 HG22 sing N N 312 
THR CG2 HG23 sing N N 313 
THR OXT HXT  sing N N 314 
TRP N   CA   sing N N 315 
TRP N   H    sing N N 316 
TRP N   H2   sing N N 317 
TRP CA  C    sing N N 318 
TRP CA  CB   sing N N 319 
TRP CA  HA   sing N N 320 
TRP C   O    doub N N 321 
TRP C   OXT  sing N N 322 
TRP CB  CG   sing N N 323 
TRP CB  HB2  sing N N 324 
TRP CB  HB3  sing N N 325 
TRP CG  CD1  doub Y N 326 
TRP CG  CD2  sing Y N 327 
TRP CD1 NE1  sing Y N 328 
TRP CD1 HD1  sing N N 329 
TRP CD2 CE2  doub Y N 330 
TRP CD2 CE3  sing Y N 331 
TRP NE1 CE2  sing Y N 332 
TRP NE1 HE1  sing N N 333 
TRP CE2 CZ2  sing Y N 334 
TRP CE3 CZ3  doub Y N 335 
TRP CE3 HE3  sing N N 336 
TRP CZ2 CH2  doub Y N 337 
TRP CZ2 HZ2  sing N N 338 
TRP CZ3 CH2  sing Y N 339 
TRP CZ3 HZ3  sing N N 340 
TRP CH2 HH2  sing N N 341 
TRP OXT HXT  sing N N 342 
TRS C   C1   sing N N 343 
TRS C   C2   sing N N 344 
TRS C   C3   sing N N 345 
TRS C   N    sing N N 346 
TRS C1  O1   sing N N 347 
TRS C1  H11  sing N N 348 
TRS C1  H12  sing N N 349 
TRS C2  O2   sing N N 350 
TRS C2  H21  sing N N 351 
TRS C2  H22  sing N N 352 
TRS C3  O3   sing N N 353 
TRS C3  H31  sing N N 354 
TRS C3  H32  sing N N 355 
TRS N   HN1  sing N N 356 
TRS N   HN2  sing N N 357 
TRS N   HN3  sing N N 358 
TRS O1  HO1  sing N N 359 
TRS O2  HO2  sing N N 360 
TRS O3  HO3  sing N N 361 
TYR N   CA   sing N N 362 
TYR N   H    sing N N 363 
TYR N   H2   sing N N 364 
TYR CA  C    sing N N 365 
TYR CA  CB   sing N N 366 
TYR CA  HA   sing N N 367 
TYR C   O    doub N N 368 
TYR C   OXT  sing N N 369 
TYR CB  CG   sing N N 370 
TYR CB  HB2  sing N N 371 
TYR CB  HB3  sing N N 372 
TYR CG  CD1  doub Y N 373 
TYR CG  CD2  sing Y N 374 
TYR CD1 CE1  sing Y N 375 
TYR CD1 HD1  sing N N 376 
TYR CD2 CE2  doub Y N 377 
TYR CD2 HD2  sing N N 378 
TYR CE1 CZ   doub Y N 379 
TYR CE1 HE1  sing N N 380 
TYR CE2 CZ   sing Y N 381 
TYR CE2 HE2  sing N N 382 
TYR CZ  OH   sing N N 383 
TYR OH  HH   sing N N 384 
TYR OXT HXT  sing N N 385 
VAL N   CA   sing N N 386 
VAL N   H    sing N N 387 
VAL N   H2   sing N N 388 
VAL CA  C    sing N N 389 
VAL CA  CB   sing N N 390 
VAL CA  HA   sing N N 391 
VAL C   O    doub N N 392 
VAL C   OXT  sing N N 393 
VAL CB  CG1  sing N N 394 
VAL CB  CG2  sing N N 395 
VAL CB  HB   sing N N 396 
VAL CG1 HG11 sing N N 397 
VAL CG1 HG12 sing N N 398 
VAL CG1 HG13 sing N N 399 
VAL CG2 HG21 sing N N 400 
VAL CG2 HG22 sing N N 401 
VAL CG2 HG23 sing N N 402 
VAL OXT HXT  sing N N 403 
ZNV C01 C02  doub N N 404 
ZNV C02 C03  sing N N 405 
ZNV O04 C03  sing N N 406 
ZNV O04 C05  sing N N 407 
ZNV F11 C10  sing N N 408 
ZNV C10 C05  doub Y N 409 
ZNV C10 C09  sing Y N 410 
ZNV C05 C06  sing Y N 411 
ZNV C09 C08  doub Y N 412 
ZNV C06 C07  doub Y N 413 
ZNV C08 C07  sing Y N 414 
ZNV C01 H1   sing N N 415 
ZNV C01 H2   sing N N 416 
ZNV C02 H3   sing N N 417 
ZNV C03 H4   sing N N 418 
ZNV C03 H5   sing N N 419 
ZNV C06 H6   sing N N 420 
ZNV C07 H7   sing N N 421 
ZNV C08 H8   sing N N 422 
ZNV C09 H9   sing N N 423 
# 
_pdbx_audit_support.funding_organization   
'National Institutes of Health/National Institute of General Medical Sciences (NIH/NIGMS)' 
_pdbx_audit_support.country                'United States' 
_pdbx_audit_support.grant_number           ? 
_pdbx_audit_support.ordinal                1 
# 
_pdbx_entity_instance_feature.ordinal        1 
_pdbx_entity_instance_feature.comp_id        ZNV 
_pdbx_entity_instance_feature.asym_id        ? 
_pdbx_entity_instance_feature.seq_num        ? 
_pdbx_entity_instance_feature.auth_comp_id   ZNV 
_pdbx_entity_instance_feature.auth_asym_id   ? 
_pdbx_entity_instance_feature.auth_seq_num   ? 
_pdbx_entity_instance_feature.feature_type   'SUBJECT OF INVESTIGATION' 
_pdbx_entity_instance_feature.details        ? 
# 
loop_
_pdbx_entity_nonpoly.entity_id 
_pdbx_entity_nonpoly.name 
_pdbx_entity_nonpoly.comp_id 
2 '1-fluoro-2-[(prop-2-en-1-yl)oxy]benzene' ZNV 
3 BETA-MERCAPTOETHANOL                      BME 
4 2-AMINO-2-HYDROXYMETHYL-PROPANE-1,3-DIOL  TRS 
5 water                                     HOH 
# 
_pdbx_initial_refinement_model.id               1 
_pdbx_initial_refinement_model.entity_id_list   ? 
_pdbx_initial_refinement_model.type             'experimental model' 
_pdbx_initial_refinement_model.source_name      PDB 
_pdbx_initial_refinement_model.accession_code   4W57 
_pdbx_initial_refinement_model.details          ? 
# 
_pdbx_struct_assembly_auth_evidence.id                     1 
_pdbx_struct_assembly_auth_evidence.assembly_id            1 
_pdbx_struct_assembly_auth_evidence.experimental_support   none 
_pdbx_struct_assembly_auth_evidence.details                ? 
# 
